data_6PLY
#
_entry.id   6PLY
#
loop_
_entity.id
_entity.type
_entity.pdbx_description
1 polymer 'Glycine receptor subunit alphaZ1'
2 branched beta-D-mannopyranose-(1-4)-2-acetamido-2-deoxy-beta-D-glucopyranose-(1-4)-2-acetamido-2-deoxy-beta-D-glucopyranose
3 non-polymer 'GAMMA-AMINO-BUTANOIC ACID'
#
_entity_poly.entity_id   1
_entity_poly.type   'polypeptide(L)'
_entity_poly.pdbx_seq_one_letter_code
;MFALGIYLWETIVFFSLAASQQAAARKAASPMPPSEFLDKLMGKVSGYDARIRPNFKGPPVNVTCNIFINSFGSIAETTM
DYRVNIFLRQQWNDPRLAYSEYPDDSLDLDPSMLDSIWKPDLFFANEKGANFHEVTTDNKLLRISKNGNVLYSIRITLVL
ACPMDLKNFPMDVQTCIMQLESFGYTMNDLIFEWDEKGAVQVADGLTLPQFILKEEKDLRYCTKHYNTGKFTCIEARFHL
ERQMGYYLIQMYIPSLLIVILSWVSFWINMDAAPARVGLGITTVLTMTTQSSGSRASLPKVSYVKAIDIWMAVCLLFVFS
ALLEYAAVNFIARQHKELLRFQRRRRHLKEDEAGDGRFSFAAYGMGPACLQAKDGMAIKGNNNNAPTSTNPPEKTVEEMR
KLFISRAKRIDTVSRVAFPLVFLIFNIFYWITYKIIRSEDIHKQLVPRGSHHHHHHHH
;
_entity_poly.pdbx_strand_id   A,B,C,D,E
#
loop_
_chem_comp.id
_chem_comp.type
_chem_comp.name
_chem_comp.formula
ABU non-polymer 'GAMMA-AMINO-BUTANOIC ACID' 'C4 H9 N O2'
BMA D-saccharide, beta linking beta-D-mannopyranose 'C6 H12 O6'
NAG D-saccharide, beta linking 2-acetamido-2-deoxy-beta-D-glucopyranose 'C8 H15 N O6'
#
# COMPACT_ATOMS: atom_id res chain seq x y z
N PRO A 31 40.04 -22.85 -37.04
CA PRO A 31 39.14 -21.93 -37.76
C PRO A 31 38.85 -20.67 -36.95
N MET A 32 37.75 -20.03 -37.25
CA MET A 32 37.39 -18.82 -36.52
C MET A 32 36.62 -19.18 -35.25
N PRO A 33 36.74 -18.35 -34.21
CA PRO A 33 35.81 -18.46 -33.09
C PRO A 33 34.45 -17.96 -33.52
N PRO A 34 33.37 -18.37 -32.83
CA PRO A 34 32.02 -18.01 -33.30
C PRO A 34 31.70 -16.54 -33.21
N SER A 35 32.15 -15.86 -32.15
CA SER A 35 31.82 -14.45 -32.00
C SER A 35 32.55 -13.58 -33.01
N GLU A 36 33.71 -14.01 -33.48
CA GLU A 36 34.40 -13.27 -34.53
C GLU A 36 33.79 -13.59 -35.90
N PHE A 37 33.40 -14.85 -36.11
CA PHE A 37 32.72 -15.23 -37.34
C PHE A 37 31.35 -14.58 -37.46
N LEU A 38 30.67 -14.37 -36.35
CA LEU A 38 29.35 -13.80 -36.40
C LEU A 38 29.38 -12.28 -36.52
N ASP A 39 30.54 -11.66 -36.29
CA ASP A 39 30.66 -10.23 -36.57
C ASP A 39 30.78 -9.96 -38.06
N LYS A 40 31.54 -10.77 -38.79
CA LYS A 40 31.64 -10.59 -40.23
C LYS A 40 30.42 -11.11 -40.97
N LEU A 41 29.58 -11.92 -40.32
CA LEU A 41 28.32 -12.32 -40.93
C LEU A 41 27.33 -11.17 -40.93
N MET A 42 27.45 -10.23 -39.99
CA MET A 42 26.48 -9.16 -39.83
C MET A 42 27.08 -7.77 -40.03
N GLY A 43 28.17 -7.45 -39.35
CA GLY A 43 28.60 -6.07 -39.25
C GLY A 43 29.32 -5.43 -40.43
N LYS A 44 28.60 -4.56 -41.15
CA LYS A 44 29.13 -3.51 -42.03
C LYS A 44 29.83 -4.00 -43.29
N VAL A 45 30.03 -5.29 -43.48
CA VAL A 45 30.80 -5.76 -44.62
C VAL A 45 29.95 -6.72 -45.44
N SER A 46 28.98 -7.36 -44.80
CA SER A 46 28.11 -8.31 -45.47
C SER A 46 26.81 -7.67 -45.94
N GLY A 47 26.64 -6.38 -45.73
CA GLY A 47 25.41 -5.72 -46.11
C GLY A 47 24.22 -6.02 -45.24
N TYR A 48 24.42 -6.66 -44.09
CA TYR A 48 23.31 -6.95 -43.19
C TYR A 48 22.94 -5.69 -42.45
N ASP A 49 21.73 -5.21 -42.69
CA ASP A 49 21.20 -4.04 -41.99
C ASP A 49 20.14 -4.55 -41.02
N ALA A 50 20.33 -4.27 -39.73
CA ALA A 50 19.45 -4.77 -38.68
C ALA A 50 18.11 -4.07 -38.65
N ARG A 51 17.92 -3.02 -39.42
CA ARG A 51 16.68 -2.26 -39.43
C ARG A 51 15.70 -2.74 -40.49
N ILE A 52 16.04 -3.79 -41.23
CA ILE A 52 15.27 -4.26 -42.37
C ILE A 52 14.91 -5.72 -42.14
N ARG A 53 13.63 -6.05 -42.29
CA ARG A 53 13.13 -7.38 -41.99
C ARG A 53 13.62 -8.40 -43.02
N PRO A 54 13.63 -9.68 -42.66
CA PRO A 54 13.97 -10.71 -43.65
C PRO A 54 12.91 -10.81 -44.73
N ASN A 55 13.35 -11.34 -45.88
CA ASN A 55 12.53 -11.51 -47.08
C ASN A 55 11.87 -10.20 -47.48
N PHE A 56 12.69 -9.18 -47.62
CA PHE A 56 12.17 -7.83 -47.83
C PHE A 56 11.67 -7.69 -49.27
N LYS A 57 10.55 -6.96 -49.40
CA LYS A 57 9.75 -6.88 -50.64
C LYS A 57 9.38 -8.27 -51.15
N GLY A 58 8.93 -9.11 -50.23
CA GLY A 58 8.53 -10.45 -50.56
C GLY A 58 7.40 -10.93 -49.67
N PRO A 59 7.42 -12.21 -49.34
CA PRO A 59 6.40 -12.76 -48.44
C PRO A 59 6.63 -12.25 -47.03
N PRO A 60 5.59 -12.23 -46.19
CA PRO A 60 5.78 -11.77 -44.82
C PRO A 60 6.55 -12.77 -43.98
N VAL A 61 7.18 -12.26 -42.93
CA VAL A 61 7.94 -13.08 -42.00
C VAL A 61 6.97 -13.85 -41.11
N ASN A 62 7.16 -15.16 -41.03
CA ASN A 62 6.28 -16.02 -40.25
C ASN A 62 6.98 -16.33 -38.93
N VAL A 63 6.71 -15.51 -37.93
CA VAL A 63 7.25 -15.70 -36.59
C VAL A 63 6.34 -16.64 -35.82
N THR A 64 6.91 -17.71 -35.28
CA THR A 64 6.15 -18.67 -34.48
C THR A 64 6.56 -18.58 -33.01
N CYS A 65 5.55 -18.58 -32.14
CA CYS A 65 5.73 -18.22 -30.75
C CYS A 65 5.20 -19.32 -29.83
N ASN A 66 5.85 -19.48 -28.69
CA ASN A 66 5.30 -20.24 -27.57
C ASN A 66 5.83 -19.67 -26.28
N ILE A 67 5.07 -19.83 -25.20
CA ILE A 67 5.41 -19.27 -23.90
C ILE A 67 5.57 -20.40 -22.89
N PHE A 68 6.26 -20.08 -21.79
CA PHE A 68 6.49 -21.01 -20.70
C PHE A 68 6.22 -20.26 -19.41
N ILE A 69 5.10 -20.54 -18.77
CA ILE A 69 4.69 -19.82 -17.57
C ILE A 69 5.48 -20.36 -16.38
N ASN A 70 6.46 -19.57 -15.91
CA ASN A 70 7.15 -19.94 -14.68
C ASN A 70 6.26 -19.72 -13.47
N SER A 71 5.89 -18.48 -13.22
CA SER A 71 5.07 -18.12 -12.07
C SER A 71 3.75 -17.54 -12.56
N PHE A 72 2.75 -17.60 -11.71
CA PHE A 72 1.41 -17.17 -12.06
C PHE A 72 0.73 -16.76 -10.77
N GLY A 73 -0.15 -15.78 -10.85
CA GLY A 73 -0.92 -15.51 -9.66
C GLY A 73 -0.86 -14.06 -9.28
N SER A 74 -1.13 -13.83 -7.99
CA SER A 74 -1.55 -12.54 -7.45
C SER A 74 -2.69 -11.96 -8.30
N ILE A 75 -3.72 -12.78 -8.50
CA ILE A 75 -4.85 -12.42 -9.33
C ILE A 75 -5.75 -11.50 -8.52
N ALA A 76 -5.54 -10.20 -8.67
CA ALA A 76 -6.33 -9.23 -7.92
C ALA A 76 -7.66 -9.00 -8.61
N GLU A 77 -8.62 -8.48 -7.85
CA GLU A 77 -9.93 -8.17 -8.38
C GLU A 77 -10.34 -6.73 -8.14
N THR A 78 -9.72 -6.04 -7.20
CA THR A 78 -9.90 -4.60 -7.07
C THR A 78 -9.36 -3.89 -8.31
N THR A 79 -8.24 -4.36 -8.84
CA THR A 79 -7.63 -3.80 -10.03
C THR A 79 -8.03 -4.58 -11.29
N MET A 80 -8.51 -5.81 -11.11
CA MET A 80 -8.82 -6.77 -12.18
C MET A 80 -7.62 -7.00 -13.09
N ASP A 81 -6.56 -7.52 -12.48
CA ASP A 81 -5.35 -7.85 -13.21
C ASP A 81 -4.67 -9.05 -12.55
N TYR A 82 -3.72 -9.63 -13.27
CA TYR A 82 -2.99 -10.79 -12.77
C TYR A 82 -1.56 -10.71 -13.27
N ARG A 83 -0.63 -11.23 -12.47
CA ARG A 83 0.79 -11.17 -12.76
C ARG A 83 1.25 -12.53 -13.26
N VAL A 84 2.02 -12.53 -14.34
CA VAL A 84 2.54 -13.75 -14.92
C VAL A 84 4.04 -13.53 -15.19
N ASN A 85 4.78 -14.64 -15.24
CA ASN A 85 6.24 -14.59 -15.41
C ASN A 85 6.60 -15.65 -16.45
N ILE A 86 6.85 -15.22 -17.68
CA ILE A 86 6.92 -16.13 -18.80
C ILE A 86 8.31 -16.13 -19.41
N PHE A 87 8.61 -17.22 -20.13
CA PHE A 87 9.71 -17.30 -21.08
C PHE A 87 9.10 -17.17 -22.47
N LEU A 88 9.30 -16.04 -23.12
CA LEU A 88 8.74 -15.82 -24.44
C LEU A 88 9.73 -16.26 -25.51
N ARG A 89 9.42 -17.38 -26.17
CA ARG A 89 10.29 -17.92 -27.22
C ARG A 89 9.73 -17.50 -28.57
N GLN A 90 10.59 -17.00 -29.44
CA GLN A 90 10.19 -16.58 -30.77
C GLN A 90 11.12 -17.21 -31.79
N GLN A 91 10.55 -17.81 -32.83
CA GLN A 91 11.34 -18.46 -33.86
C GLN A 91 10.93 -17.89 -35.21
N TRP A 92 11.90 -17.52 -36.03
CA TRP A 92 11.62 -17.06 -37.38
C TRP A 92 12.78 -17.49 -38.27
N ASN A 93 12.72 -17.06 -39.53
CA ASN A 93 13.72 -17.41 -40.51
C ASN A 93 14.34 -16.14 -41.06
N ASP A 94 15.66 -16.14 -41.20
CA ASP A 94 16.40 -14.98 -41.68
C ASP A 94 17.44 -15.48 -42.65
N PRO A 95 17.21 -15.33 -43.96
CA PRO A 95 18.13 -15.94 -44.94
C PRO A 95 19.49 -15.27 -45.02
N ARG A 96 19.63 -14.06 -44.50
CA ARG A 96 20.92 -13.38 -44.48
C ARG A 96 21.86 -13.95 -43.43
N LEU A 97 21.33 -14.72 -42.48
CA LEU A 97 22.12 -15.34 -41.42
C LEU A 97 22.43 -16.80 -41.71
N ALA A 98 22.21 -17.24 -42.94
CA ALA A 98 22.37 -18.66 -43.28
C ALA A 98 23.81 -18.90 -43.72
N TYR A 99 24.67 -19.16 -42.74
CA TYR A 99 26.03 -19.57 -43.05
C TYR A 99 26.05 -21.01 -43.55
N SER A 100 27.13 -21.37 -44.23
CA SER A 100 27.21 -22.71 -44.80
C SER A 100 28.53 -23.40 -44.50
N GLU A 101 29.59 -22.63 -44.28
CA GLU A 101 30.93 -23.20 -44.21
C GLU A 101 31.43 -23.41 -42.79
N TYR A 102 30.77 -22.83 -41.79
CA TYR A 102 31.21 -23.04 -40.42
C TYR A 102 30.76 -24.42 -39.97
N PRO A 103 31.62 -25.16 -39.24
CA PRO A 103 31.33 -26.59 -39.00
C PRO A 103 30.21 -26.87 -38.01
N ASP A 104 29.82 -25.92 -37.17
CA ASP A 104 28.83 -26.21 -36.15
C ASP A 104 27.41 -26.15 -36.71
N ASP A 105 26.43 -26.42 -35.85
CA ASP A 105 25.03 -26.38 -36.22
C ASP A 105 24.26 -25.24 -35.58
N SER A 106 24.78 -24.63 -34.52
CA SER A 106 24.05 -23.57 -33.83
C SER A 106 25.04 -22.60 -33.22
N LEU A 107 25.06 -21.37 -33.73
CA LEU A 107 25.86 -20.29 -33.16
C LEU A 107 25.02 -19.52 -32.17
N ASP A 108 25.46 -19.47 -30.92
CA ASP A 108 24.79 -18.63 -29.96
C ASP A 108 25.24 -17.18 -30.12
N LEU A 109 24.59 -16.30 -29.38
CA LEU A 109 24.92 -14.87 -29.41
C LEU A 109 24.52 -14.30 -28.07
N ASP A 110 25.49 -13.78 -27.33
CA ASP A 110 25.19 -13.24 -26.01
C ASP A 110 24.47 -11.90 -26.16
N PRO A 111 23.68 -11.50 -25.15
CA PRO A 111 22.85 -10.28 -25.30
C PRO A 111 23.61 -8.97 -25.38
N SER A 112 24.94 -8.94 -25.34
CA SER A 112 25.65 -7.70 -25.58
C SER A 112 25.59 -7.28 -27.04
N MET A 113 25.57 -8.25 -27.96
CA MET A 113 25.48 -7.99 -29.38
C MET A 113 24.10 -8.28 -29.95
N LEU A 114 23.06 -8.20 -29.12
CA LEU A 114 21.72 -8.56 -29.54
C LEU A 114 20.98 -7.41 -30.21
N ASP A 115 21.57 -6.22 -30.21
CA ASP A 115 21.06 -5.09 -30.99
C ASP A 115 21.53 -5.11 -32.44
N SER A 116 22.10 -6.22 -32.89
CA SER A 116 22.70 -6.30 -34.22
C SER A 116 21.90 -7.16 -35.19
N ILE A 117 20.91 -7.92 -34.73
CA ILE A 117 20.05 -8.67 -35.62
C ILE A 117 18.71 -7.96 -35.72
N TRP A 118 17.88 -8.43 -36.63
CA TRP A 118 16.49 -8.02 -36.68
C TRP A 118 15.71 -8.81 -35.64
N LYS A 119 14.84 -8.13 -34.90
CA LYS A 119 13.96 -8.79 -33.95
C LYS A 119 12.53 -8.34 -34.19
N PRO A 120 11.56 -9.22 -34.03
CA PRO A 120 10.15 -8.81 -34.18
C PRO A 120 9.73 -7.90 -33.04
N ASP A 121 8.94 -6.89 -33.38
CA ASP A 121 8.49 -5.90 -32.40
C ASP A 121 7.18 -6.33 -31.74
N LEU A 122 7.24 -7.47 -31.07
CA LEU A 122 6.10 -8.00 -30.36
C LEU A 122 5.81 -7.16 -29.14
N PHE A 123 4.53 -6.99 -28.81
CA PHE A 123 4.15 -6.38 -27.56
C PHE A 123 2.85 -7.03 -27.13
N PHE A 124 2.52 -6.85 -25.86
CA PHE A 124 1.30 -7.41 -25.29
C PHE A 124 0.25 -6.31 -25.28
N ALA A 125 -0.93 -6.60 -25.83
CA ALA A 125 -1.92 -5.55 -26.00
C ALA A 125 -2.61 -5.16 -24.70
N ASN A 126 -2.38 -5.89 -23.61
CA ASN A 126 -2.87 -5.55 -22.30
C ASN A 126 -1.73 -5.64 -21.28
N GLU A 127 -0.62 -4.95 -21.57
CA GLU A 127 0.56 -4.98 -20.72
C GLU A 127 0.28 -4.48 -19.31
N LYS A 128 -0.20 -3.24 -19.19
CA LYS A 128 -0.41 -2.54 -17.91
C LYS A 128 0.87 -2.57 -17.06
N GLY A 129 2.00 -2.28 -17.70
CA GLY A 129 3.27 -2.34 -17.02
C GLY A 129 3.94 -3.69 -17.11
N ALA A 130 5.17 -3.71 -17.60
CA ALA A 130 5.93 -4.95 -17.73
C ALA A 130 7.41 -4.61 -17.79
N ASN A 131 8.24 -5.53 -17.32
CA ASN A 131 9.67 -5.29 -17.29
C ASN A 131 10.44 -6.54 -17.64
N PHE A 132 11.68 -6.35 -18.05
CA PHE A 132 12.59 -7.46 -18.24
C PHE A 132 13.22 -7.87 -16.92
N HIS A 133 14.10 -8.86 -16.98
CA HIS A 133 14.90 -9.29 -15.84
C HIS A 133 16.36 -9.20 -16.24
N GLU A 134 17.14 -8.47 -15.46
CA GLU A 134 18.51 -8.14 -15.82
C GLU A 134 19.46 -8.40 -14.65
N VAL A 135 19.32 -9.55 -14.00
CA VAL A 135 20.13 -9.89 -12.84
C VAL A 135 21.22 -10.86 -13.23
N THR A 136 22.47 -10.39 -13.08
CA THR A 136 23.79 -10.98 -13.29
C THR A 136 24.12 -11.07 -14.79
N THR A 137 23.12 -10.90 -15.65
CA THR A 137 23.18 -10.90 -17.11
C THR A 137 21.77 -10.55 -17.56
N ASP A 138 21.61 -9.86 -18.68
CA ASP A 138 20.32 -9.78 -19.35
C ASP A 138 19.81 -11.17 -19.65
N ASN A 139 18.66 -11.53 -19.07
CA ASN A 139 18.11 -12.88 -19.22
C ASN A 139 17.50 -12.98 -20.62
N LYS A 140 18.38 -13.17 -21.61
CA LYS A 140 18.02 -13.22 -23.01
C LYS A 140 18.85 -14.30 -23.69
N LEU A 141 18.24 -14.98 -24.65
CA LEU A 141 18.87 -16.10 -25.34
C LEU A 141 18.76 -15.89 -26.84
N LEU A 142 19.79 -16.26 -27.58
CA LEU A 142 19.74 -16.21 -29.04
C LEU A 142 20.61 -17.31 -29.60
N ARG A 143 20.09 -18.09 -30.54
CA ARG A 143 20.90 -19.06 -31.24
C ARG A 143 20.43 -19.15 -32.69
N ILE A 144 21.39 -19.32 -33.59
CA ILE A 144 21.17 -19.22 -35.03
C ILE A 144 21.60 -20.54 -35.66
N SER A 145 20.68 -21.20 -36.34
CA SER A 145 20.97 -22.47 -36.97
C SER A 145 21.67 -22.24 -38.31
N LYS A 146 21.95 -23.34 -39.03
CA LYS A 146 22.66 -23.22 -40.29
C LYS A 146 21.76 -22.70 -41.40
N ASN A 147 20.52 -23.16 -41.47
CA ASN A 147 19.64 -22.70 -42.52
C ASN A 147 19.07 -21.31 -42.26
N GLY A 148 19.31 -20.74 -41.09
CA GLY A 148 18.87 -19.40 -40.78
C GLY A 148 17.81 -19.31 -39.70
N ASN A 149 17.40 -20.43 -39.12
CA ASN A 149 16.39 -20.40 -38.07
C ASN A 149 16.95 -19.75 -36.81
N VAL A 150 16.22 -18.79 -36.28
CA VAL A 150 16.67 -17.98 -35.17
C VAL A 150 15.75 -18.21 -34.00
N LEU A 151 16.27 -18.78 -32.92
CA LEU A 151 15.55 -18.90 -31.66
C LEU A 151 15.89 -17.72 -30.77
N TYR A 152 14.87 -17.12 -30.18
CA TYR A 152 15.03 -15.91 -29.37
C TYR A 152 14.12 -16.02 -28.16
N SER A 153 14.71 -16.25 -26.99
CA SER A 153 13.97 -16.49 -25.76
C SER A 153 14.34 -15.42 -24.74
N ILE A 154 13.34 -14.71 -24.24
CA ILE A 154 13.53 -13.69 -23.23
C ILE A 154 12.62 -13.98 -22.06
N ARG A 155 12.92 -13.36 -20.93
CA ARG A 155 12.14 -13.53 -19.70
C ARG A 155 11.46 -12.21 -19.38
N ILE A 156 10.14 -12.23 -19.27
CA ILE A 156 9.33 -11.03 -19.08
C ILE A 156 8.45 -11.25 -17.86
N THR A 157 8.26 -10.20 -17.06
CA THR A 157 7.23 -10.19 -16.04
C THR A 157 6.12 -9.24 -16.46
N LEU A 158 4.90 -9.74 -16.55
CA LEU A 158 3.76 -9.01 -17.07
C LEU A 158 2.75 -8.79 -15.95
N VAL A 159 2.01 -7.67 -15.99
CA VAL A 159 0.87 -7.53 -15.10
C VAL A 159 -0.36 -7.35 -15.99
N LEU A 160 -0.92 -8.45 -16.45
CA LEU A 160 -1.87 -8.42 -17.55
C LEU A 160 -3.27 -8.10 -17.05
N ALA A 161 -4.06 -7.47 -17.90
CA ALA A 161 -5.42 -7.08 -17.56
C ALA A 161 -6.40 -8.12 -18.08
N CYS A 162 -7.36 -8.50 -17.23
CA CYS A 162 -8.45 -9.34 -17.68
C CYS A 162 -9.74 -8.86 -17.00
N PRO A 163 -10.81 -8.67 -17.77
CA PRO A 163 -12.09 -8.25 -17.16
C PRO A 163 -12.75 -9.39 -16.43
N MET A 164 -12.96 -9.20 -15.12
CA MET A 164 -13.56 -10.22 -14.29
C MET A 164 -15.08 -10.18 -14.45
N ASP A 165 -15.69 -11.35 -14.64
CA ASP A 165 -17.13 -11.50 -14.72
C ASP A 165 -17.59 -12.21 -13.45
N LEU A 166 -18.19 -11.46 -12.53
CA LEU A 166 -18.51 -11.94 -11.19
C LEU A 166 -20.01 -12.10 -10.97
N LYS A 167 -20.73 -12.64 -11.96
CA LYS A 167 -22.16 -12.84 -11.79
C LYS A 167 -22.47 -13.92 -10.78
N ASN A 168 -21.65 -14.97 -10.74
CA ASN A 168 -21.79 -16.06 -9.79
C ASN A 168 -20.45 -16.24 -9.07
N PHE A 169 -20.26 -15.47 -7.98
CA PHE A 169 -18.91 -15.11 -7.57
C PHE A 169 -18.07 -16.24 -6.96
N PRO A 170 -18.53 -17.04 -5.99
CA PRO A 170 -17.65 -18.09 -5.49
C PRO A 170 -17.57 -19.31 -6.40
N MET A 171 -18.41 -19.40 -7.42
CA MET A 171 -18.44 -20.56 -8.30
C MET A 171 -18.16 -20.21 -9.75
N ASP A 172 -17.41 -19.15 -10.02
CA ASP A 172 -17.19 -18.71 -11.39
C ASP A 172 -15.97 -19.37 -12.01
N VAL A 173 -15.94 -19.35 -13.33
CA VAL A 173 -14.79 -19.82 -14.10
C VAL A 173 -14.30 -18.61 -14.89
N GLN A 174 -13.23 -18.00 -14.41
CA GLN A 174 -12.68 -16.81 -15.07
C GLN A 174 -11.94 -17.21 -16.33
N THR A 175 -11.92 -16.30 -17.30
CA THR A 175 -11.17 -16.49 -18.54
C THR A 175 -10.28 -15.27 -18.69
N CYS A 176 -9.03 -15.40 -18.25
CA CYS A 176 -8.06 -14.33 -18.36
C CYS A 176 -7.08 -14.65 -19.48
N ILE A 177 -6.93 -13.71 -20.41
CA ILE A 177 -6.26 -13.96 -21.67
C ILE A 177 -4.94 -13.18 -21.71
N MET A 178 -4.15 -13.45 -22.74
CA MET A 178 -2.97 -12.65 -23.06
C MET A 178 -2.77 -12.67 -24.56
N GLN A 179 -2.57 -11.50 -25.15
CA GLN A 179 -2.52 -11.36 -26.59
C GLN A 179 -1.25 -10.64 -27.03
N LEU A 180 -0.68 -11.12 -28.12
CA LEU A 180 0.68 -10.79 -28.56
C LEU A 180 0.61 -10.16 -29.94
N GLU A 181 0.58 -8.84 -30.01
CA GLU A 181 0.45 -8.16 -31.28
C GLU A 181 1.80 -7.73 -31.81
N SER A 182 1.80 -7.30 -33.07
CA SER A 182 2.89 -6.51 -33.62
C SER A 182 2.54 -5.04 -33.49
N PHE A 183 3.57 -4.20 -33.39
CA PHE A 183 3.32 -2.78 -33.23
C PHE A 183 3.67 -1.97 -34.46
N GLY A 184 4.69 -2.35 -35.21
CA GLY A 184 5.12 -1.51 -36.31
C GLY A 184 4.86 -2.09 -37.68
N TYR A 185 4.86 -3.41 -37.77
CA TYR A 185 4.70 -4.11 -39.05
C TYR A 185 3.27 -4.58 -39.18
N THR A 186 2.70 -4.41 -40.37
CA THR A 186 1.31 -4.76 -40.61
C THR A 186 1.21 -6.25 -40.93
N MET A 187 0.03 -6.68 -41.39
CA MET A 187 -0.18 -8.10 -41.69
C MET A 187 0.58 -8.54 -42.93
N ASN A 188 0.78 -7.65 -43.89
CA ASN A 188 1.53 -8.02 -45.08
C ASN A 188 3.06 -7.95 -44.89
N ASP A 189 3.55 -7.82 -43.66
CA ASP A 189 4.97 -7.86 -43.37
C ASP A 189 5.38 -8.81 -42.25
N LEU A 190 4.46 -9.21 -41.38
CA LEU A 190 4.83 -9.97 -40.19
C LEU A 190 3.59 -10.67 -39.66
N ILE A 191 3.64 -12.00 -39.56
CA ILE A 191 2.51 -12.81 -39.13
C ILE A 191 2.94 -13.66 -37.94
N PHE A 192 2.20 -13.58 -36.84
CA PHE A 192 2.44 -14.40 -35.67
C PHE A 192 1.63 -15.68 -35.71
N GLU A 193 2.23 -16.77 -35.25
CA GLU A 193 1.58 -18.07 -35.18
C GLU A 193 1.94 -18.73 -33.86
N TRP A 194 1.06 -19.59 -33.38
CA TRP A 194 1.42 -20.50 -32.32
C TRP A 194 1.98 -21.77 -32.94
N ASP A 195 3.07 -22.28 -32.39
CA ASP A 195 3.58 -23.53 -32.92
C ASP A 195 2.70 -24.70 -32.48
N GLU A 196 2.66 -25.73 -33.31
CA GLU A 196 1.77 -26.85 -33.09
C GLU A 196 2.26 -27.80 -32.01
N LYS A 197 3.51 -27.68 -31.58
CA LYS A 197 4.09 -28.59 -30.60
C LYS A 197 4.03 -28.00 -29.18
N GLY A 198 2.81 -27.87 -28.67
CA GLY A 198 2.65 -27.38 -27.32
C GLY A 198 2.92 -25.91 -27.15
N ALA A 199 2.01 -25.07 -27.64
CA ALA A 199 2.25 -23.64 -27.69
C ALA A 199 2.23 -22.94 -26.34
N VAL A 200 1.69 -23.56 -25.30
CA VAL A 200 1.75 -23.00 -23.95
C VAL A 200 2.17 -24.12 -23.01
N GLN A 201 3.38 -24.03 -22.48
CA GLN A 201 3.79 -24.95 -21.42
C GLN A 201 3.65 -24.26 -20.07
N VAL A 202 3.38 -25.07 -19.05
CA VAL A 202 3.24 -24.61 -17.68
C VAL A 202 4.29 -25.36 -16.87
N ALA A 203 4.83 -24.71 -15.83
CA ALA A 203 5.85 -25.31 -14.97
C ALA A 203 5.30 -26.53 -14.24
N ASP A 204 6.22 -27.29 -13.64
CA ASP A 204 5.89 -28.62 -13.12
C ASP A 204 4.98 -28.53 -11.90
N GLY A 205 5.37 -27.74 -10.90
CA GLY A 205 4.59 -27.66 -9.70
C GLY A 205 3.91 -26.33 -9.50
N LEU A 206 3.34 -25.77 -10.57
CA LEU A 206 2.72 -24.46 -10.48
C LEU A 206 1.34 -24.59 -9.84
N THR A 207 1.23 -24.14 -8.60
CA THR A 207 -0.03 -24.14 -7.88
C THR A 207 -0.43 -22.71 -7.55
N LEU A 208 -1.72 -22.44 -7.65
CA LEU A 208 -2.28 -21.16 -7.28
C LEU A 208 -2.98 -21.27 -5.93
N PRO A 209 -2.94 -20.22 -5.11
CA PRO A 209 -3.57 -20.33 -3.78
C PRO A 209 -5.09 -20.33 -3.84
N GLN A 210 -5.69 -19.61 -4.78
CA GLN A 210 -7.14 -19.45 -4.84
C GLN A 210 -7.78 -20.13 -6.04
N PHE A 211 -7.06 -20.30 -7.13
CA PHE A 211 -7.58 -20.78 -8.39
C PHE A 211 -6.92 -22.11 -8.74
N ILE A 212 -7.40 -22.74 -9.81
CA ILE A 212 -6.69 -23.82 -10.47
C ILE A 212 -6.68 -23.54 -11.97
N LEU A 213 -5.58 -23.87 -12.62
CA LEU A 213 -5.40 -23.60 -14.04
C LEU A 213 -5.74 -24.86 -14.81
N LYS A 214 -6.78 -24.79 -15.64
CA LYS A 214 -7.23 -25.96 -16.37
C LYS A 214 -6.28 -26.28 -17.51
N GLU A 215 -6.24 -27.56 -17.89
CA GLU A 215 -5.23 -28.01 -18.85
C GLU A 215 -5.57 -27.60 -20.27
N GLU A 216 -6.85 -27.43 -20.58
CA GLU A 216 -7.26 -27.04 -21.92
C GLU A 216 -7.12 -25.53 -22.06
N LYS A 217 -6.26 -25.09 -22.96
CA LYS A 217 -5.98 -23.67 -23.17
C LYS A 217 -6.29 -23.33 -24.62
N ASP A 218 -7.26 -22.43 -24.81
CA ASP A 218 -7.70 -22.06 -26.14
C ASP A 218 -6.65 -21.17 -26.81
N LEU A 219 -6.48 -21.39 -28.12
CA LEU A 219 -5.48 -20.66 -28.91
C LEU A 219 -6.19 -20.15 -30.15
N ARG A 220 -6.43 -18.85 -30.21
CA ARG A 220 -7.19 -18.31 -31.33
C ARG A 220 -6.62 -16.97 -31.74
N TYR A 221 -7.11 -16.45 -32.86
CA TYR A 221 -6.61 -15.22 -33.44
C TYR A 221 -7.44 -14.01 -33.00
N CYS A 222 -6.79 -12.86 -32.98
CA CYS A 222 -7.37 -11.62 -32.49
C CYS A 222 -6.96 -10.44 -33.35
N THR A 223 -6.93 -10.64 -34.67
CA THR A 223 -6.35 -9.70 -35.62
C THR A 223 -7.02 -8.32 -35.57
N LYS A 224 -6.23 -7.32 -35.25
CA LYS A 224 -6.74 -5.97 -35.00
C LYS A 224 -6.77 -5.16 -36.27
N HIS A 225 -7.76 -4.28 -36.36
CA HIS A 225 -7.90 -3.34 -37.45
C HIS A 225 -7.91 -1.93 -36.88
N TYR A 226 -6.91 -1.14 -37.23
CA TYR A 226 -6.88 0.27 -36.88
C TYR A 226 -6.97 1.10 -38.14
N ASN A 227 -6.96 2.42 -37.97
CA ASN A 227 -6.82 3.31 -39.12
C ASN A 227 -5.39 3.41 -39.62
N THR A 228 -4.42 2.87 -38.87
CA THR A 228 -3.06 2.77 -39.37
C THR A 228 -2.92 1.58 -40.32
N GLY A 229 -3.50 0.45 -39.96
CA GLY A 229 -3.46 -0.72 -40.81
C GLY A 229 -4.12 -1.88 -40.09
N LYS A 230 -3.84 -3.08 -40.54
CA LYS A 230 -4.26 -4.27 -39.82
C LYS A 230 -3.03 -5.00 -39.31
N PHE A 231 -3.05 -5.36 -38.03
CA PHE A 231 -1.88 -5.86 -37.34
C PHE A 231 -2.14 -7.25 -36.82
N THR A 232 -1.13 -8.10 -36.88
CA THR A 232 -1.28 -9.48 -36.45
C THR A 232 -1.41 -9.56 -34.93
N CYS A 233 -2.00 -10.65 -34.48
CA CYS A 233 -2.34 -10.85 -33.08
C CYS A 233 -2.66 -12.32 -32.87
N ILE A 234 -2.13 -12.91 -31.82
CA ILE A 234 -2.46 -14.26 -31.39
C ILE A 234 -2.73 -14.20 -29.90
N GLU A 235 -3.62 -15.04 -29.42
CA GLU A 235 -3.90 -14.98 -28.00
C GLU A 235 -4.21 -16.36 -27.44
N ALA A 236 -3.91 -16.50 -26.15
CA ALA A 236 -4.11 -17.73 -25.40
C ALA A 236 -5.07 -17.44 -24.25
N ARG A 237 -6.18 -18.16 -24.23
CA ARG A 237 -7.12 -18.08 -23.12
C ARG A 237 -6.65 -19.00 -22.00
N PHE A 238 -6.83 -18.54 -20.76
CA PHE A 238 -6.56 -19.36 -19.59
C PHE A 238 -7.84 -19.45 -18.77
N HIS A 239 -8.27 -20.66 -18.45
CA HIS A 239 -9.49 -20.87 -17.67
C HIS A 239 -9.11 -21.12 -16.22
N LEU A 240 -9.52 -20.22 -15.34
CA LEU A 240 -9.12 -20.21 -13.94
C LEU A 240 -10.34 -20.52 -13.07
N GLU A 241 -10.51 -21.78 -12.69
CA GLU A 241 -11.61 -22.19 -11.84
C GLU A 241 -11.23 -21.95 -10.38
N ARG A 242 -12.17 -21.41 -9.60
CA ARG A 242 -11.84 -21.09 -8.22
C ARG A 242 -11.79 -22.33 -7.34
N GLN A 243 -11.22 -22.12 -6.16
CA GLN A 243 -11.33 -23.07 -5.06
C GLN A 243 -12.46 -22.56 -4.16
N MET A 244 -13.57 -23.29 -4.16
CA MET A 244 -14.75 -22.88 -3.39
C MET A 244 -14.55 -23.10 -1.90
N GLY A 245 -13.57 -23.92 -1.51
CA GLY A 245 -13.42 -24.37 -0.14
C GLY A 245 -13.09 -23.27 0.86
N TYR A 246 -12.56 -22.14 0.41
CA TYR A 246 -12.33 -21.04 1.32
C TYR A 246 -13.63 -20.36 1.72
N TYR A 247 -14.46 -20.05 0.73
CA TYR A 247 -15.71 -19.34 0.99
C TYR A 247 -16.71 -20.21 1.71
N LEU A 248 -16.57 -21.53 1.61
CA LEU A 248 -17.39 -22.49 2.33
C LEU A 248 -16.97 -22.62 3.79
N ILE A 249 -15.94 -21.90 4.23
CA ILE A 249 -15.53 -21.87 5.62
C ILE A 249 -15.80 -20.51 6.26
N GLN A 250 -15.59 -19.41 5.52
CA GLN A 250 -15.81 -18.09 6.10
C GLN A 250 -17.14 -17.46 5.70
N MET A 251 -17.61 -17.66 4.47
CA MET A 251 -18.81 -16.95 4.03
C MET A 251 -20.10 -17.72 4.28
N TYR A 252 -20.09 -19.03 4.12
CA TYR A 252 -21.33 -19.81 4.14
C TYR A 252 -21.67 -20.40 5.50
N ILE A 253 -20.73 -21.03 6.17
CA ILE A 253 -20.99 -21.65 7.47
C ILE A 253 -21.24 -20.62 8.57
N PRO A 254 -20.49 -19.52 8.74
CA PRO A 254 -20.90 -18.51 9.73
C PRO A 254 -22.15 -17.73 9.34
N SER A 255 -22.61 -17.81 8.09
CA SER A 255 -23.93 -17.33 7.74
C SER A 255 -24.97 -18.42 7.87
N LEU A 256 -24.56 -19.66 8.10
CA LEU A 256 -25.49 -20.76 8.35
C LEU A 256 -25.82 -20.89 9.84
N LEU A 257 -24.84 -20.65 10.71
CA LEU A 257 -25.07 -20.81 12.15
C LEU A 257 -25.86 -19.66 12.74
N ILE A 258 -25.79 -18.47 12.13
CA ILE A 258 -26.61 -17.34 12.59
C ILE A 258 -28.07 -17.61 12.30
N VAL A 259 -28.37 -18.31 11.20
CA VAL A 259 -29.75 -18.69 10.91
C VAL A 259 -30.23 -19.76 11.88
N ILE A 260 -29.34 -20.67 12.29
CA ILE A 260 -29.69 -21.63 13.34
C ILE A 260 -29.82 -20.93 14.69
N LEU A 261 -29.00 -19.90 14.92
CA LEU A 261 -29.06 -19.14 16.18
C LEU A 261 -30.35 -18.34 16.27
N SER A 262 -30.88 -17.89 15.15
CA SER A 262 -32.19 -17.23 15.15
C SER A 262 -33.32 -18.21 15.38
N TRP A 263 -33.09 -19.50 15.20
CA TRP A 263 -34.10 -20.52 15.47
C TRP A 263 -34.11 -20.94 16.93
N VAL A 264 -33.15 -20.47 17.74
CA VAL A 264 -33.15 -20.73 19.17
C VAL A 264 -34.26 -19.94 19.83
N SER A 265 -34.61 -18.77 19.28
CA SER A 265 -35.61 -17.88 19.86
C SER A 265 -37.02 -18.44 19.86
N PHE A 266 -37.27 -19.52 19.12
CA PHE A 266 -38.60 -20.12 19.11
C PHE A 266 -38.86 -20.97 20.35
N TRP A 267 -37.81 -21.33 21.09
CA TRP A 267 -37.92 -22.21 22.24
C TRP A 267 -37.86 -21.48 23.56
N ILE A 268 -37.27 -20.28 23.60
CA ILE A 268 -37.00 -19.58 24.85
C ILE A 268 -38.29 -18.96 25.37
N ASN A 269 -38.81 -19.51 26.47
CA ASN A 269 -39.94 -19.04 27.28
C ASN A 269 -41.30 -19.13 26.59
N MET A 270 -41.35 -19.48 25.30
CA MET A 270 -42.45 -20.09 24.54
C MET A 270 -43.72 -19.24 24.41
N ASP A 271 -43.82 -18.11 25.11
CA ASP A 271 -44.90 -17.17 24.80
C ASP A 271 -44.41 -15.74 24.70
N ALA A 272 -43.51 -15.34 25.60
CA ALA A 272 -43.15 -13.95 25.79
C ALA A 272 -41.94 -13.85 26.71
N ALA A 273 -40.99 -13.01 26.32
CA ALA A 273 -39.78 -12.77 27.11
C ALA A 273 -39.16 -11.47 26.64
N PRO A 274 -38.36 -10.82 27.48
CA PRO A 274 -37.43 -9.78 27.00
C PRO A 274 -36.14 -10.32 26.41
N ALA A 275 -36.00 -11.64 26.28
CA ALA A 275 -34.80 -12.25 25.74
C ALA A 275 -34.95 -12.74 24.31
N ARG A 276 -36.18 -13.01 23.86
CA ARG A 276 -36.37 -13.37 22.45
C ARG A 276 -36.14 -12.16 21.54
N VAL A 277 -36.41 -10.96 22.05
CA VAL A 277 -36.08 -9.76 21.29
C VAL A 277 -34.57 -9.58 21.23
N GLY A 278 -33.87 -9.86 22.33
CA GLY A 278 -32.42 -9.74 22.35
C GLY A 278 -31.73 -10.75 21.45
N LEU A 279 -32.37 -11.89 21.19
CA LEU A 279 -31.87 -12.81 20.18
C LEU A 279 -32.40 -12.47 18.80
N GLY A 280 -33.45 -11.67 18.71
CA GLY A 280 -33.95 -11.21 17.44
C GLY A 280 -33.23 -9.99 16.92
N ILE A 281 -32.78 -9.11 17.82
CA ILE A 281 -32.01 -7.94 17.40
C ILE A 281 -30.62 -8.36 16.96
N THR A 282 -29.96 -9.18 17.78
CA THR A 282 -28.51 -9.34 17.70
C THR A 282 -28.09 -10.19 16.51
N THR A 283 -28.92 -11.15 16.13
CA THR A 283 -28.64 -11.97 14.96
C THR A 283 -29.03 -11.29 13.65
N VAL A 284 -29.43 -10.02 13.69
CA VAL A 284 -29.62 -9.20 12.50
C VAL A 284 -28.40 -8.29 12.39
N LEU A 285 -27.81 -7.95 13.55
CA LEU A 285 -26.64 -7.09 13.60
C LEU A 285 -25.44 -7.75 12.94
N THR A 286 -25.04 -8.91 13.45
CA THR A 286 -23.92 -9.66 12.90
C THR A 286 -24.27 -10.38 11.62
N MET A 287 -25.53 -10.35 11.19
CA MET A 287 -25.84 -10.76 9.84
C MET A 287 -25.63 -9.61 8.87
N THR A 288 -25.94 -8.39 9.29
CA THR A 288 -25.71 -7.21 8.45
C THR A 288 -24.23 -6.84 8.41
N THR A 289 -23.54 -6.99 9.55
CA THR A 289 -22.10 -6.71 9.60
C THR A 289 -21.32 -7.71 8.75
N GLN A 290 -21.75 -8.97 8.76
CA GLN A 290 -21.12 -9.97 7.91
C GLN A 290 -21.50 -9.77 6.44
N SER A 291 -22.66 -9.15 6.19
CA SER A 291 -23.04 -8.84 4.81
C SER A 291 -22.13 -7.77 4.21
N SER A 292 -21.80 -6.75 5.00
CA SER A 292 -20.80 -5.78 4.55
C SER A 292 -19.40 -6.36 4.59
N GLY A 293 -19.15 -7.30 5.51
CA GLY A 293 -17.86 -7.96 5.58
C GLY A 293 -17.65 -9.04 4.54
N SER A 294 -18.69 -9.43 3.82
CA SER A 294 -18.55 -10.41 2.75
C SER A 294 -17.96 -9.80 1.49
N ARG A 295 -17.97 -8.47 1.37
CA ARG A 295 -17.50 -7.79 0.17
C ARG A 295 -16.47 -6.73 0.54
N ALA A 296 -15.50 -7.12 1.37
CA ALA A 296 -14.52 -6.16 1.86
C ALA A 296 -13.47 -5.84 0.81
N SER A 297 -13.06 -6.83 0.02
CA SER A 297 -12.01 -6.63 -0.97
C SER A 297 -12.46 -7.05 -2.35
N LEU A 298 -13.64 -6.57 -2.77
CA LEU A 298 -14.19 -6.88 -4.07
C LEU A 298 -14.41 -5.61 -4.87
N PRO A 299 -14.43 -5.68 -6.19
CA PRO A 299 -14.77 -4.49 -6.98
C PRO A 299 -16.23 -4.13 -6.81
N LYS A 300 -16.51 -2.84 -6.99
CA LYS A 300 -17.85 -2.30 -6.72
C LYS A 300 -18.70 -2.47 -7.98
N VAL A 301 -19.07 -3.73 -8.24
CA VAL A 301 -19.84 -4.05 -9.43
C VAL A 301 -21.30 -3.68 -9.22
N SER A 302 -21.98 -3.37 -10.32
CA SER A 302 -23.36 -2.93 -10.23
C SER A 302 -24.32 -4.09 -10.02
N TYR A 303 -24.07 -5.21 -10.69
CA TYR A 303 -24.98 -6.34 -10.66
C TYR A 303 -24.87 -7.10 -9.34
N VAL A 304 -25.87 -7.94 -9.08
CA VAL A 304 -25.94 -8.77 -7.88
C VAL A 304 -25.27 -10.10 -8.18
N LYS A 305 -24.52 -10.61 -7.22
CA LYS A 305 -23.70 -11.80 -7.39
C LYS A 305 -24.20 -12.93 -6.50
N ALA A 306 -23.50 -14.07 -6.57
CA ALA A 306 -23.97 -15.28 -5.92
C ALA A 306 -23.87 -15.21 -4.41
N ILE A 307 -22.85 -14.54 -3.89
CA ILE A 307 -22.74 -14.39 -2.44
C ILE A 307 -23.70 -13.34 -1.91
N ASP A 308 -24.27 -12.51 -2.78
CA ASP A 308 -25.23 -11.51 -2.33
C ASP A 308 -26.64 -12.07 -2.22
N ILE A 309 -26.98 -13.12 -2.98
CA ILE A 309 -28.30 -13.70 -2.84
C ILE A 309 -28.25 -14.85 -1.85
N TRP A 310 -27.13 -15.00 -1.17
CA TRP A 310 -27.06 -15.79 0.05
C TRP A 310 -27.13 -14.93 1.30
N MET A 311 -26.42 -13.80 1.31
CA MET A 311 -26.40 -12.93 2.47
C MET A 311 -27.61 -12.02 2.56
N ALA A 312 -28.50 -12.05 1.56
CA ALA A 312 -29.76 -11.34 1.62
C ALA A 312 -30.96 -12.25 1.82
N VAL A 313 -30.81 -13.54 1.59
CA VAL A 313 -31.86 -14.49 1.95
C VAL A 313 -31.67 -15.02 3.36
N CYS A 314 -30.43 -15.31 3.75
CA CYS A 314 -30.17 -15.63 5.15
C CYS A 314 -30.26 -14.40 6.05
N LEU A 315 -30.27 -13.18 5.50
CA LEU A 315 -30.70 -12.03 6.27
C LEU A 315 -32.21 -12.02 6.44
N LEU A 316 -32.94 -12.59 5.48
CA LEU A 316 -34.39 -12.60 5.56
C LEU A 316 -34.90 -13.61 6.58
N PHE A 317 -34.21 -14.75 6.72
CA PHE A 317 -34.60 -15.74 7.72
C PHE A 317 -34.23 -15.34 9.14
N VAL A 318 -33.29 -14.41 9.31
CA VAL A 318 -32.98 -13.94 10.65
C VAL A 318 -33.70 -12.64 10.99
N PHE A 319 -34.26 -11.97 9.99
CA PHE A 319 -35.13 -10.82 10.20
C PHE A 319 -36.58 -11.22 10.37
N SER A 320 -36.98 -12.36 9.80
CA SER A 320 -38.33 -12.84 9.99
C SER A 320 -38.53 -13.51 11.35
N ALA A 321 -37.44 -13.89 12.02
CA ALA A 321 -37.57 -14.49 13.35
C ALA A 321 -37.97 -13.45 14.39
N LEU A 322 -37.36 -12.26 14.34
CA LEU A 322 -37.79 -11.17 15.20
C LEU A 322 -39.14 -10.64 14.77
N LEU A 323 -39.43 -10.67 13.47
CA LEU A 323 -40.75 -10.30 12.99
C LEU A 323 -41.80 -11.35 13.34
N GLU A 324 -41.39 -12.59 13.62
CA GLU A 324 -42.33 -13.60 14.09
C GLU A 324 -42.72 -13.38 15.55
N TYR A 325 -41.78 -12.96 16.40
CA TYR A 325 -42.11 -12.66 17.79
C TYR A 325 -43.02 -11.44 17.90
N ALA A 326 -42.84 -10.47 17.01
CA ALA A 326 -43.74 -9.32 16.96
C ALA A 326 -45.15 -9.72 16.57
N ALA A 327 -45.32 -10.84 15.86
CA ALA A 327 -46.64 -11.40 15.69
C ALA A 327 -47.12 -12.12 16.94
N VAL A 328 -46.21 -12.70 17.73
CA VAL A 328 -46.61 -13.43 18.91
C VAL A 328 -47.00 -12.48 20.04
N ASN A 329 -46.11 -11.53 20.36
CA ASN A 329 -46.30 -10.62 21.48
C ASN A 329 -47.38 -9.58 21.22
N PHE A 330 -47.87 -9.47 19.98
CA PHE A 330 -49.04 -8.64 19.69
C PHE A 330 -50.34 -9.43 19.72
N ILE A 331 -50.31 -10.71 19.35
CA ILE A 331 -51.52 -11.52 19.44
C ILE A 331 -51.77 -11.99 20.87
N ALA A 332 -50.72 -12.44 21.56
CA ALA A 332 -50.87 -12.95 22.92
C ALA A 332 -51.10 -11.85 23.95
N ARG A 333 -50.91 -10.58 23.60
CA ARG A 333 -51.18 -9.47 24.50
C ARG A 333 -52.54 -8.85 24.22
N GLN A 334 -53.54 -9.68 23.93
CA GLN A 334 -54.90 -9.23 23.72
C GLN A 334 -55.83 -9.88 24.75
N HIS A 335 -56.71 -9.08 25.33
CA HIS A 335 -57.67 -9.55 26.31
C HIS A 335 -58.88 -8.63 26.37
N VAL A 396 -63.90 -12.52 27.65
CA VAL A 396 -64.47 -13.03 28.88
C VAL A 396 -63.78 -14.32 29.29
N GLU A 397 -64.56 -15.28 29.78
CA GLU A 397 -63.98 -16.58 30.17
C GLU A 397 -63.60 -17.40 28.94
N GLU A 398 -64.32 -17.21 27.83
CA GLU A 398 -64.02 -17.96 26.61
C GLU A 398 -62.82 -17.37 25.87
N MET A 399 -62.66 -16.05 25.90
CA MET A 399 -61.63 -15.38 25.12
C MET A 399 -60.23 -15.48 25.76
N ARG A 400 -60.06 -16.23 26.84
CA ARG A 400 -58.75 -16.38 27.45
C ARG A 400 -57.87 -17.32 26.63
N LYS A 401 -58.32 -18.56 26.45
CA LYS A 401 -57.50 -19.58 25.80
C LYS A 401 -57.56 -19.52 24.28
N LEU A 402 -58.44 -18.71 23.70
CA LEU A 402 -58.55 -18.63 22.25
C LEU A 402 -57.37 -17.91 21.61
N PHE A 403 -56.68 -17.05 22.37
CA PHE A 403 -55.48 -16.40 21.85
C PHE A 403 -54.21 -17.17 22.18
N ILE A 404 -54.21 -17.92 23.29
CA ILE A 404 -53.11 -18.85 23.56
C ILE A 404 -53.14 -19.99 22.56
N SER A 405 -54.33 -20.40 22.12
CA SER A 405 -54.44 -21.35 21.00
C SER A 405 -54.01 -20.73 19.68
N ARG A 406 -53.96 -19.40 19.58
CA ARG A 406 -53.34 -18.72 18.46
C ARG A 406 -51.90 -18.29 18.74
N ALA A 407 -51.42 -18.45 19.96
CA ALA A 407 -50.03 -18.16 20.31
C ALA A 407 -49.23 -19.42 20.56
N LYS A 408 -49.80 -20.59 20.30
CA LYS A 408 -49.04 -21.84 20.27
C LYS A 408 -49.00 -22.46 18.88
N ARG A 409 -50.07 -22.31 18.11
CA ARG A 409 -50.06 -22.74 16.71
C ARG A 409 -49.08 -21.91 15.89
N ILE A 410 -48.86 -20.65 16.29
CA ILE A 410 -47.86 -19.80 15.65
C ILE A 410 -46.45 -20.17 16.09
N ASP A 411 -46.30 -21.03 17.09
CA ASP A 411 -44.97 -21.44 17.55
C ASP A 411 -44.69 -22.91 17.32
N THR A 412 -45.66 -23.69 16.84
CA THR A 412 -45.40 -25.06 16.45
C THR A 412 -45.46 -25.25 14.94
N VAL A 413 -45.85 -24.22 14.21
CA VAL A 413 -45.76 -24.21 12.75
C VAL A 413 -44.55 -23.42 12.28
N SER A 414 -44.34 -22.23 12.85
CA SER A 414 -43.19 -21.40 12.49
C SER A 414 -41.87 -21.95 13.02
N ARG A 415 -41.91 -22.97 13.87
CA ARG A 415 -40.72 -23.69 14.29
C ARG A 415 -40.37 -24.83 13.36
N VAL A 416 -41.33 -25.32 12.57
CA VAL A 416 -41.07 -26.36 11.60
C VAL A 416 -41.08 -25.84 10.17
N ALA A 417 -41.88 -24.81 9.86
CA ALA A 417 -41.92 -24.29 8.49
C ALA A 417 -40.64 -23.56 8.10
N PHE A 418 -39.96 -22.91 9.06
CA PHE A 418 -38.70 -22.27 8.71
C PHE A 418 -37.57 -23.25 8.40
N PRO A 419 -37.45 -24.44 9.02
CA PRO A 419 -36.58 -25.45 8.41
C PRO A 419 -37.16 -26.17 7.21
N LEU A 420 -38.31 -25.75 6.69
CA LEU A 420 -38.76 -26.26 5.40
C LEU A 420 -38.48 -25.25 4.29
N VAL A 421 -38.69 -23.97 4.57
CA VAL A 421 -38.44 -22.93 3.57
C VAL A 421 -36.94 -22.73 3.38
N PHE A 422 -36.17 -22.83 4.46
CA PHE A 422 -34.72 -22.67 4.34
C PHE A 422 -34.08 -23.87 3.68
N LEU A 423 -34.66 -25.06 3.84
CA LEU A 423 -34.09 -26.24 3.20
C LEU A 423 -34.50 -26.36 1.75
N ILE A 424 -35.64 -25.78 1.36
CA ILE A 424 -36.00 -25.78 -0.06
C ILE A 424 -35.31 -24.64 -0.80
N PHE A 425 -34.89 -23.59 -0.10
CA PHE A 425 -34.02 -22.58 -0.72
C PHE A 425 -32.62 -23.13 -0.94
N ASN A 426 -32.09 -23.84 0.05
CA ASN A 426 -30.73 -24.36 0.01
C ASN A 426 -30.55 -25.44 -1.05
N ILE A 427 -31.62 -26.07 -1.49
CA ILE A 427 -31.58 -26.98 -2.62
C ILE A 427 -31.63 -26.24 -3.94
N PHE A 428 -32.50 -25.22 -4.05
CA PHE A 428 -32.62 -24.46 -5.28
C PHE A 428 -31.40 -23.57 -5.53
N TYR A 429 -30.67 -23.21 -4.49
CA TYR A 429 -29.49 -22.36 -4.65
C TYR A 429 -28.35 -23.13 -5.30
N TRP A 430 -27.96 -24.26 -4.70
CA TRP A 430 -26.76 -24.96 -5.15
C TRP A 430 -26.96 -25.74 -6.45
N ILE A 431 -28.21 -26.07 -6.81
CA ILE A 431 -28.44 -26.73 -8.09
C ILE A 431 -28.31 -25.72 -9.23
N THR A 432 -28.69 -24.47 -8.96
CA THR A 432 -28.60 -23.41 -9.97
C THR A 432 -27.15 -23.13 -10.33
N TYR A 433 -26.27 -23.11 -9.33
CA TYR A 433 -24.88 -22.77 -9.57
C TYR A 433 -24.05 -24.01 -9.89
N LYS A 434 -24.66 -25.19 -9.82
CA LYS A 434 -24.03 -26.38 -10.37
C LYS A 434 -24.33 -26.53 -11.86
N ILE A 435 -25.53 -26.10 -12.28
CA ILE A 435 -25.86 -26.10 -13.70
C ILE A 435 -25.08 -25.02 -14.43
N ILE A 436 -25.12 -23.78 -13.92
CA ILE A 436 -24.40 -22.68 -14.54
C ILE A 436 -22.90 -22.82 -14.33
N PRO B 31 57.77 -1.71 -12.45
CA PRO B 31 57.03 -2.48 -13.46
C PRO B 31 55.73 -1.78 -13.87
N MET B 32 54.81 -2.55 -14.39
CA MET B 32 53.54 -1.96 -14.81
C MET B 32 52.60 -1.83 -13.61
N PRO B 33 51.71 -0.83 -13.63
CA PRO B 33 50.59 -0.83 -12.70
C PRO B 33 49.60 -1.91 -13.08
N PRO B 34 48.78 -2.39 -12.14
CA PRO B 34 47.93 -3.57 -12.44
C PRO B 34 46.85 -3.29 -13.44
N SER B 35 46.24 -2.10 -13.40
CA SER B 35 45.17 -1.79 -14.33
C SER B 35 45.67 -1.62 -15.76
N GLU B 36 46.92 -1.18 -15.93
CA GLU B 36 47.48 -1.10 -17.27
C GLU B 36 47.92 -2.48 -17.76
N PHE B 37 48.45 -3.30 -16.84
CA PHE B 37 48.80 -4.68 -17.19
C PHE B 37 47.57 -5.50 -17.52
N LEU B 38 46.45 -5.24 -16.86
CA LEU B 38 45.26 -6.03 -17.09
C LEU B 38 44.50 -5.56 -18.32
N ASP B 39 44.83 -4.40 -18.87
CA ASP B 39 44.27 -4.01 -20.16
C ASP B 39 44.93 -4.75 -21.30
N LYS B 40 46.25 -4.94 -21.27
CA LYS B 40 46.91 -5.69 -22.32
C LYS B 40 46.74 -7.19 -22.16
N LEU B 41 46.29 -7.66 -21.01
CA LEU B 41 45.94 -9.06 -20.87
C LEU B 41 44.63 -9.39 -21.56
N MET B 42 43.75 -8.40 -21.73
CA MET B 42 42.43 -8.63 -22.28
C MET B 42 42.17 -7.88 -23.57
N GLY B 43 42.42 -6.57 -23.61
CA GLY B 43 41.90 -5.74 -24.68
C GLY B 43 42.62 -5.76 -26.02
N LYS B 44 42.00 -6.43 -27.00
CA LYS B 44 42.21 -6.28 -28.44
C LYS B 44 43.56 -6.73 -28.96
N VAL B 45 44.50 -7.14 -28.10
CA VAL B 45 45.85 -7.45 -28.59
C VAL B 45 46.20 -8.87 -28.17
N SER B 46 45.57 -9.37 -27.12
CA SER B 46 45.84 -10.70 -26.62
C SER B 46 44.87 -11.73 -27.16
N GLY B 47 43.93 -11.33 -28.01
CA GLY B 47 42.95 -12.26 -28.53
C GLY B 47 41.86 -12.65 -27.56
N TYR B 48 41.75 -11.97 -26.43
CA TYR B 48 40.71 -12.28 -25.46
C TYR B 48 39.40 -11.69 -25.96
N ASP B 49 38.39 -12.54 -26.12
CA ASP B 49 37.07 -12.11 -26.50
C ASP B 49 36.13 -12.40 -25.33
N ALA B 50 35.45 -11.37 -24.84
CA ALA B 50 34.60 -11.52 -23.66
C ALA B 50 33.27 -12.16 -23.96
N ARG B 51 33.04 -12.61 -25.18
CA ARG B 51 31.79 -13.27 -25.57
C ARG B 51 31.94 -14.78 -25.67
N ILE B 52 33.12 -15.30 -25.36
CA ILE B 52 33.44 -16.71 -25.53
C ILE B 52 33.84 -17.29 -24.18
N ARG B 53 33.22 -18.42 -23.81
CA ARG B 53 33.47 -19.02 -22.51
C ARG B 53 34.88 -19.63 -22.46
N PRO B 54 35.43 -19.83 -21.26
CA PRO B 54 36.72 -20.51 -21.15
C PRO B 54 36.60 -21.98 -21.54
N ASN B 55 37.74 -22.55 -21.92
CA ASN B 55 37.86 -23.94 -22.37
C ASN B 55 36.90 -24.23 -23.52
N PHE B 56 36.95 -23.37 -24.53
CA PHE B 56 35.97 -23.45 -25.60
C PHE B 56 36.26 -24.64 -26.49
N LYS B 57 35.18 -25.30 -26.92
CA LYS B 57 35.21 -26.61 -27.58
C LYS B 57 36.00 -27.62 -26.76
N GLY B 58 35.68 -27.68 -25.47
CA GLY B 58 36.32 -28.60 -24.58
C GLY B 58 35.39 -29.00 -23.45
N PRO B 59 35.95 -29.22 -22.26
CA PRO B 59 35.12 -29.54 -21.10
C PRO B 59 34.33 -28.32 -20.66
N PRO B 60 33.20 -28.52 -19.98
CA PRO B 60 32.39 -27.37 -19.56
C PRO B 60 33.05 -26.60 -18.41
N VAL B 61 32.64 -25.35 -18.27
CA VAL B 61 33.13 -24.49 -17.20
C VAL B 61 32.46 -24.89 -15.90
N ASN B 62 33.27 -25.18 -14.88
CA ASN B 62 32.76 -25.61 -13.57
C ASN B 62 32.76 -24.40 -12.65
N VAL B 63 31.63 -23.71 -12.61
CA VAL B 63 31.47 -22.55 -11.73
C VAL B 63 30.98 -23.03 -10.38
N THR B 64 31.72 -22.69 -9.33
CA THR B 64 31.33 -23.06 -7.97
C THR B 64 30.84 -21.83 -7.21
N CYS B 65 29.78 -22.02 -6.43
CA CYS B 65 29.00 -20.93 -5.89
C CYS B 65 28.80 -21.08 -4.39
N ASN B 66 28.71 -19.94 -3.70
CA ASN B 66 28.20 -19.88 -2.33
C ASN B 66 27.62 -18.50 -2.09
N ILE B 67 26.64 -18.42 -1.19
CA ILE B 67 25.98 -17.17 -0.89
C ILE B 67 26.20 -16.81 0.57
N PHE B 68 25.98 -15.53 0.88
CA PHE B 68 26.11 -14.99 2.23
C PHE B 68 24.88 -14.16 2.50
N ILE B 69 23.98 -14.65 3.35
CA ILE B 69 22.72 -13.96 3.60
C ILE B 69 22.96 -12.82 4.58
N ASN B 70 22.94 -11.59 4.08
CA ASN B 70 23.01 -10.43 4.97
C ASN B 70 21.70 -10.24 5.72
N SER B 71 20.62 -10.01 4.98
CA SER B 71 19.31 -9.79 5.56
C SER B 71 18.35 -10.85 5.06
N PHE B 72 17.32 -11.10 5.85
CA PHE B 72 16.32 -12.11 5.52
C PHE B 72 15.01 -11.63 6.10
N GLY B 73 13.92 -11.96 5.44
CA GLY B 73 12.66 -11.73 6.10
C GLY B 73 11.69 -10.98 5.23
N SER B 74 10.76 -10.31 5.90
CA SER B 74 9.50 -9.83 5.33
C SER B 74 8.82 -10.94 4.55
N ILE B 75 8.65 -12.08 5.22
CA ILE B 75 8.06 -13.27 4.62
C ILE B 75 6.56 -13.08 4.57
N ALA B 76 6.07 -12.55 3.46
CA ALA B 76 4.64 -12.34 3.31
C ALA B 76 3.98 -13.65 2.92
N GLU B 77 2.68 -13.74 3.24
CA GLU B 77 1.89 -14.91 2.94
C GLU B 77 0.70 -14.62 2.06
N THR B 78 0.26 -13.37 1.99
CA THR B 78 -0.71 -12.96 0.97
C THR B 78 -0.09 -13.11 -0.42
N THR B 79 1.18 -12.76 -0.56
CA THR B 79 1.89 -12.87 -1.82
C THR B 79 2.67 -14.17 -1.92
N MET B 80 2.95 -14.81 -0.79
CA MET B 80 3.77 -16.02 -0.66
C MET B 80 5.17 -15.81 -1.24
N ASP B 81 5.87 -14.84 -0.66
CA ASP B 81 7.22 -14.54 -1.08
C ASP B 81 8.02 -14.04 0.11
N TYR B 82 9.35 -14.10 -0.03
CA TYR B 82 10.24 -13.63 1.01
C TYR B 82 11.37 -12.83 0.36
N ARG B 83 11.88 -11.85 1.09
CA ARG B 83 12.93 -10.97 0.59
C ARG B 83 14.25 -11.36 1.24
N VAL B 84 15.29 -11.51 0.43
CA VAL B 84 16.61 -11.88 0.92
C VAL B 84 17.61 -10.92 0.30
N ASN B 85 18.75 -10.74 0.97
CA ASN B 85 19.80 -9.81 0.56
C ASN B 85 21.12 -10.55 0.67
N ILE B 86 21.66 -11.00 -0.46
CA ILE B 86 22.74 -11.97 -0.45
C ILE B 86 24.01 -11.35 -1.06
N PHE B 87 25.14 -11.99 -0.75
CA PHE B 87 26.40 -11.81 -1.46
C PHE B 87 26.63 -13.06 -2.29
N LEU B 88 26.49 -12.94 -3.61
CA LEU B 88 26.63 -14.09 -4.50
C LEU B 88 28.07 -14.18 -4.98
N ARG B 89 28.80 -15.19 -4.50
CA ARG B 89 30.19 -15.40 -4.87
C ARG B 89 30.25 -16.50 -5.92
N GLN B 90 31.00 -16.26 -7.00
CA GLN B 90 31.16 -17.24 -8.07
C GLN B 90 32.63 -17.41 -8.36
N GLN B 91 33.08 -18.65 -8.48
CA GLN B 91 34.48 -18.93 -8.77
C GLN B 91 34.55 -19.88 -9.96
N TRP B 92 35.26 -19.46 -11.00
CA TRP B 92 35.49 -20.32 -12.14
C TRP B 92 36.95 -20.20 -12.53
N ASN B 93 37.36 -20.93 -13.56
CA ASN B 93 38.73 -20.88 -14.05
C ASN B 93 38.70 -20.42 -15.49
N ASP B 94 39.63 -19.51 -15.82
CA ASP B 94 39.69 -18.91 -17.15
C ASP B 94 41.17 -18.92 -17.55
N PRO B 95 41.58 -19.86 -18.41
CA PRO B 95 43.02 -20.00 -18.71
C PRO B 95 43.60 -18.87 -19.52
N ARG B 96 42.77 -18.05 -20.16
CA ARG B 96 43.26 -16.90 -20.91
C ARG B 96 43.68 -15.76 -20.00
N LEU B 97 43.24 -15.78 -18.74
CA LEU B 97 43.57 -14.76 -17.77
C LEU B 97 44.70 -15.19 -16.84
N ALA B 98 45.47 -16.19 -17.24
CA ALA B 98 46.50 -16.75 -16.37
C ALA B 98 47.83 -16.10 -16.69
N TYR B 99 48.09 -14.97 -16.04
CA TYR B 99 49.40 -14.33 -16.15
C TYR B 99 50.44 -15.12 -15.37
N SER B 100 51.71 -14.88 -15.70
CA SER B 100 52.77 -15.65 -15.05
C SER B 100 53.91 -14.77 -14.57
N GLU B 101 54.13 -13.62 -15.21
CA GLU B 101 55.32 -12.83 -14.96
C GLU B 101 55.10 -11.66 -14.00
N TYR B 102 53.85 -11.31 -13.71
CA TYR B 102 53.59 -10.22 -12.80
C TYR B 102 53.82 -10.69 -11.36
N PRO B 103 54.45 -9.88 -10.52
CA PRO B 103 54.91 -10.40 -9.22
C PRO B 103 53.83 -10.67 -8.19
N ASP B 104 52.62 -10.13 -8.35
CA ASP B 104 51.60 -10.30 -7.34
C ASP B 104 50.91 -11.66 -7.47
N ASP B 105 49.97 -11.91 -6.54
CA ASP B 105 49.18 -13.13 -6.55
C ASP B 105 47.72 -12.91 -6.88
N SER B 106 47.21 -11.68 -6.79
CA SER B 106 45.81 -11.41 -7.06
C SER B 106 45.67 -9.99 -7.60
N LEU B 107 45.19 -9.87 -8.82
CA LEU B 107 44.88 -8.58 -9.44
C LEU B 107 43.39 -8.32 -9.29
N ASP B 108 43.05 -7.23 -8.61
CA ASP B 108 41.66 -6.82 -8.56
C ASP B 108 41.25 -6.15 -9.87
N LEU B 109 39.97 -5.85 -9.98
CA LEU B 109 39.43 -5.18 -11.16
C LEU B 109 38.19 -4.43 -10.70
N ASP B 110 38.20 -3.11 -10.83
CA ASP B 110 37.05 -2.34 -10.39
C ASP B 110 35.90 -2.51 -11.37
N PRO B 111 34.65 -2.34 -10.93
CA PRO B 111 33.50 -2.63 -11.81
C PRO B 111 33.32 -1.68 -12.99
N SER B 112 34.20 -0.70 -13.22
CA SER B 112 34.08 0.09 -14.44
C SER B 112 34.52 -0.73 -15.66
N MET B 113 35.53 -1.59 -15.49
CA MET B 113 36.02 -2.44 -16.56
C MET B 113 35.54 -3.89 -16.42
N LEU B 114 34.36 -4.09 -15.83
CA LEU B 114 33.88 -5.43 -15.57
C LEU B 114 33.08 -6.02 -16.73
N ASP B 115 32.77 -5.21 -17.74
CA ASP B 115 32.16 -5.70 -18.97
C ASP B 115 33.17 -6.28 -19.95
N SER B 116 34.40 -6.53 -19.51
CA SER B 116 35.47 -6.95 -20.40
C SER B 116 35.95 -8.37 -20.14
N ILE B 117 35.40 -9.07 -19.14
CA ILE B 117 35.68 -10.48 -18.94
C ILE B 117 34.45 -11.29 -19.31
N TRP B 118 34.61 -12.60 -19.32
CA TRP B 118 33.46 -13.49 -19.41
C TRP B 118 32.88 -13.71 -18.02
N LYS B 119 31.57 -13.59 -17.91
CA LYS B 119 30.90 -13.88 -16.65
C LYS B 119 29.77 -14.88 -16.89
N PRO B 120 29.52 -15.79 -15.96
CA PRO B 120 28.43 -16.74 -16.13
C PRO B 120 27.09 -16.05 -16.05
N ASP B 121 26.17 -16.45 -16.91
CA ASP B 121 24.84 -15.85 -16.96
C ASP B 121 23.89 -16.53 -15.99
N LEU B 122 24.21 -16.38 -14.71
CA LEU B 122 23.37 -16.95 -13.66
C LEU B 122 22.11 -16.12 -13.51
N PHE B 123 21.01 -16.79 -13.17
CA PHE B 123 19.80 -16.09 -12.78
C PHE B 123 19.09 -16.97 -11.77
N PHE B 124 18.07 -16.43 -11.15
CA PHE B 124 17.30 -17.14 -10.15
C PHE B 124 15.98 -17.56 -10.77
N ALA B 125 15.63 -18.84 -10.66
CA ALA B 125 14.47 -19.32 -11.39
C ALA B 125 13.15 -18.90 -10.76
N ASN B 126 13.19 -18.30 -9.58
CA ASN B 126 12.02 -17.73 -8.92
C ASN B 126 12.33 -16.31 -8.45
N GLU B 127 12.82 -15.48 -9.37
CA GLU B 127 13.24 -14.10 -9.05
C GLU B 127 12.10 -13.28 -8.48
N LYS B 128 11.02 -13.10 -9.27
CA LYS B 128 9.88 -12.22 -8.97
C LYS B 128 10.37 -10.80 -8.65
N GLY B 129 11.29 -10.31 -9.46
CA GLY B 129 11.84 -8.99 -9.23
C GLY B 129 13.09 -9.01 -8.38
N ALA B 130 14.17 -8.42 -8.88
CA ALA B 130 15.43 -8.35 -8.17
C ALA B 130 16.26 -7.22 -8.75
N ASN B 131 17.14 -6.66 -7.92
CA ASN B 131 17.96 -5.55 -8.36
C ASN B 131 19.34 -5.64 -7.74
N PHE B 132 20.28 -4.93 -8.35
CA PHE B 132 21.60 -4.78 -7.78
C PHE B 132 21.59 -3.66 -6.76
N HIS B 133 22.76 -3.39 -6.17
CA HIS B 133 22.97 -2.24 -5.30
C HIS B 133 24.10 -1.42 -5.87
N GLU B 134 23.84 -0.14 -6.11
CA GLU B 134 24.76 0.73 -6.83
C GLU B 134 24.93 2.05 -6.11
N VAL B 135 25.13 2.02 -4.80
CA VAL B 135 25.26 3.21 -3.99
C VAL B 135 26.73 3.44 -3.67
N THR B 136 27.23 4.60 -4.15
CA THR B 136 28.55 5.22 -4.04
C THR B 136 29.57 4.52 -4.95
N THR B 137 29.24 3.33 -5.43
CA THR B 137 30.02 2.49 -6.35
C THR B 137 29.12 1.30 -6.64
N ASP B 138 29.19 0.73 -7.84
CA ASP B 138 28.60 -0.58 -8.12
C ASP B 138 29.14 -1.60 -7.13
N ASN B 139 28.27 -2.19 -6.32
CA ASN B 139 28.69 -3.13 -5.30
C ASN B 139 29.02 -4.47 -5.96
N LYS B 140 30.20 -4.51 -6.57
CA LYS B 140 30.69 -5.66 -7.30
C LYS B 140 32.18 -5.83 -7.02
N LEU B 141 32.63 -7.07 -7.01
CA LEU B 141 34.01 -7.41 -6.67
C LEU B 141 34.56 -8.38 -7.70
N LEU B 142 35.81 -8.19 -8.10
CA LEU B 142 36.46 -9.11 -9.01
C LEU B 142 37.93 -9.20 -8.66
N ARG B 143 38.47 -10.41 -8.58
CA ARG B 143 39.91 -10.59 -8.42
C ARG B 143 40.35 -11.84 -9.15
N ILE B 144 41.51 -11.75 -9.79
CA ILE B 144 42.01 -12.79 -10.69
C ILE B 144 43.32 -13.31 -10.14
N SER B 145 43.39 -14.62 -9.89
CA SER B 145 44.60 -15.22 -9.36
C SER B 145 45.60 -15.48 -10.47
N LYS B 146 46.75 -16.07 -10.12
CA LYS B 146 47.79 -16.31 -11.11
C LYS B 146 47.44 -17.47 -12.03
N ASN B 147 46.87 -18.55 -11.49
CA ASN B 147 46.54 -19.69 -12.32
C ASN B 147 45.28 -19.50 -13.14
N GLY B 148 44.55 -18.41 -12.91
CA GLY B 148 43.36 -18.10 -13.69
C GLY B 148 42.07 -18.16 -12.92
N ASN B 149 42.10 -18.47 -11.63
CA ASN B 149 40.90 -18.51 -10.82
C ASN B 149 40.33 -17.12 -10.66
N VAL B 150 39.03 -16.97 -10.87
CA VAL B 150 38.38 -15.67 -10.87
C VAL B 150 37.30 -15.69 -9.80
N LEU B 151 37.44 -14.82 -8.80
CA LEU B 151 36.41 -14.62 -7.80
C LEU B 151 35.55 -13.44 -8.21
N TYR B 152 34.24 -13.58 -8.06
CA TYR B 152 33.28 -12.57 -8.53
C TYR B 152 32.14 -12.50 -7.54
N SER B 153 32.13 -11.49 -6.69
CA SER B 153 31.15 -11.33 -5.62
C SER B 153 30.34 -10.08 -5.87
N ILE B 154 29.02 -10.22 -5.93
CA ILE B 154 28.12 -9.10 -6.13
C ILE B 154 27.08 -9.11 -5.02
N ARG B 155 26.40 -7.98 -4.87
CA ARG B 155 25.34 -7.82 -3.87
C ARG B 155 24.01 -7.71 -4.58
N ILE B 156 23.07 -8.58 -4.21
CA ILE B 156 21.77 -8.69 -4.88
C ILE B 156 20.69 -8.63 -3.80
N THR B 157 19.60 -7.92 -4.09
CA THR B 157 18.37 -8.03 -3.32
C THR B 157 17.34 -8.80 -4.12
N LEU B 158 16.81 -9.88 -3.53
CA LEU B 158 15.89 -10.78 -4.21
C LEU B 158 14.54 -10.73 -3.51
N VAL B 159 13.45 -10.92 -4.27
CA VAL B 159 12.16 -11.16 -3.63
C VAL B 159 11.66 -12.51 -4.12
N LEU B 160 12.10 -13.57 -3.46
CA LEU B 160 11.96 -14.92 -4.00
C LEU B 160 10.61 -15.51 -3.68
N ALA B 161 10.13 -16.39 -4.55
CA ALA B 161 8.83 -17.03 -4.39
C ALA B 161 8.99 -18.40 -3.77
N CYS B 162 8.13 -18.72 -2.80
CA CYS B 162 8.08 -20.05 -2.23
C CYS B 162 6.63 -20.41 -1.94
N PRO B 163 6.16 -21.58 -2.36
CA PRO B 163 4.78 -21.99 -2.09
C PRO B 163 4.59 -22.37 -0.63
N MET B 164 3.72 -21.64 0.05
CA MET B 164 3.45 -21.89 1.47
C MET B 164 2.49 -23.05 1.60
N ASP B 165 2.80 -23.98 2.49
CA ASP B 165 1.92 -25.10 2.81
C ASP B 165 1.42 -24.89 4.23
N LEU B 166 0.16 -24.49 4.36
CA LEU B 166 -0.42 -24.05 5.62
C LEU B 166 -1.47 -25.03 6.16
N LYS B 167 -1.18 -26.33 6.09
CA LYS B 167 -2.14 -27.31 6.60
C LYS B 167 -2.23 -27.27 8.12
N ASN B 168 -1.11 -27.03 8.78
CA ASN B 168 -1.07 -26.87 10.24
C ASN B 168 -0.43 -25.52 10.56
N PHE B 169 -1.25 -24.47 10.58
CA PHE B 169 -0.73 -23.13 10.33
C PHE B 169 0.15 -22.54 11.42
N PRO B 170 -0.22 -22.50 12.72
CA PRO B 170 0.71 -21.92 13.68
C PRO B 170 1.86 -22.83 14.05
N MET B 171 1.86 -24.10 13.63
CA MET B 171 2.89 -25.05 14.00
C MET B 171 3.61 -25.64 12.79
N ASP B 172 3.74 -24.88 11.70
CA ASP B 172 4.31 -25.42 10.49
C ASP B 172 5.81 -25.15 10.38
N VAL B 173 6.46 -25.94 9.55
CA VAL B 173 7.86 -25.76 9.20
C VAL B 173 7.89 -25.52 7.70
N GLN B 174 8.03 -24.26 7.31
CA GLN B 174 8.08 -23.91 5.89
C GLN B 174 9.42 -24.30 5.30
N THR B 175 9.43 -24.57 4.01
CA THR B 175 10.65 -24.88 3.28
C THR B 175 10.66 -23.96 2.06
N CYS B 176 11.32 -22.81 2.18
CA CYS B 176 11.42 -21.86 1.10
C CYS B 176 12.81 -21.95 0.48
N ILE B 177 12.84 -22.10 -0.85
CA ILE B 177 14.04 -22.46 -1.57
C ILE B 177 14.50 -21.29 -2.42
N MET B 178 15.73 -21.37 -2.89
CA MET B 178 16.24 -20.46 -3.92
C MET B 178 17.13 -21.25 -4.85
N GLN B 179 16.94 -21.07 -6.15
CA GLN B 179 17.61 -21.91 -7.13
C GLN B 179 18.28 -21.06 -8.20
N LEU B 180 19.46 -21.49 -8.61
CA LEU B 180 20.40 -20.70 -9.40
C LEU B 180 20.65 -21.43 -10.70
N GLU B 181 20.08 -20.95 -11.79
CA GLU B 181 20.22 -21.62 -13.07
C GLU B 181 21.15 -20.86 -14.00
N SER B 182 21.53 -21.52 -15.08
CA SER B 182 22.08 -20.84 -16.24
C SER B 182 20.95 -20.52 -17.21
N PHE B 183 21.13 -19.47 -17.99
CA PHE B 183 20.09 -19.09 -18.93
C PHE B 183 20.47 -19.33 -20.37
N GLY B 184 21.74 -19.15 -20.74
CA GLY B 184 22.11 -19.27 -22.13
C GLY B 184 22.91 -20.50 -22.47
N TYR B 185 23.65 -21.02 -21.50
CA TYR B 185 24.55 -22.15 -21.72
C TYR B 185 23.92 -23.42 -21.18
N THR B 186 23.99 -24.49 -21.96
CA THR B 186 23.39 -25.76 -21.58
C THR B 186 24.31 -26.51 -20.63
N MET B 187 23.98 -27.77 -20.34
CA MET B 187 24.77 -28.56 -19.40
C MET B 187 26.13 -28.94 -19.98
N ASN B 188 26.23 -29.08 -21.29
CA ASN B 188 27.52 -29.41 -21.88
C ASN B 188 28.42 -28.18 -22.09
N ASP B 189 28.07 -27.03 -21.51
CA ASP B 189 28.92 -25.84 -21.55
C ASP B 189 29.17 -25.19 -20.21
N LEU B 190 28.31 -25.40 -19.21
CA LEU B 190 28.42 -24.66 -17.95
C LEU B 190 27.71 -25.43 -16.86
N ILE B 191 28.42 -25.76 -15.79
CA ILE B 191 27.89 -26.55 -14.67
C ILE B 191 28.06 -25.76 -13.39
N PHE B 192 26.98 -25.63 -12.62
CA PHE B 192 27.04 -24.99 -11.31
C PHE B 192 27.22 -26.04 -10.22
N GLU B 193 28.02 -25.69 -9.22
CA GLU B 193 28.25 -26.53 -8.07
C GLU B 193 28.21 -25.68 -6.81
N TRP B 194 27.91 -26.31 -5.69
CA TRP B 194 28.13 -25.70 -4.40
C TRP B 194 29.52 -26.10 -3.91
N ASP B 195 30.26 -25.14 -3.37
CA ASP B 195 31.56 -25.51 -2.82
C ASP B 195 31.38 -26.24 -1.49
N GLU B 196 32.34 -27.11 -1.19
CA GLU B 196 32.24 -27.96 -0.02
C GLU B 196 32.58 -27.24 1.27
N LYS B 197 33.11 -26.03 1.20
CA LYS B 197 33.53 -25.28 2.39
C LYS B 197 32.46 -24.27 2.82
N GLY B 198 31.31 -24.81 3.25
CA GLY B 198 30.26 -23.95 3.75
C GLY B 198 29.55 -23.16 2.67
N ALA B 199 28.72 -23.84 1.88
CA ALA B 199 28.13 -23.23 0.70
C ALA B 199 27.04 -22.20 1.00
N VAL B 200 26.54 -22.13 2.22
CA VAL B 200 25.60 -21.07 2.62
C VAL B 200 26.06 -20.55 3.96
N GLN B 201 26.55 -19.31 4.00
CA GLN B 201 26.79 -18.66 5.27
C GLN B 201 25.65 -17.71 5.60
N VAL B 202 25.42 -17.53 6.89
CA VAL B 202 24.40 -16.62 7.41
C VAL B 202 25.12 -15.61 8.27
N ALA B 203 24.62 -14.37 8.29
CA ALA B 203 25.20 -13.30 9.10
C ALA B 203 25.11 -13.65 10.59
N ASP B 204 25.88 -12.90 11.38
CA ASP B 204 26.12 -13.27 12.77
C ASP B 204 24.85 -13.11 13.63
N GLY B 205 24.27 -11.91 13.61
CA GLY B 205 23.11 -11.67 14.44
C GLY B 205 21.81 -11.62 13.67
N LEU B 206 21.64 -12.52 12.70
CA LEU B 206 20.45 -12.50 11.86
C LEU B 206 19.30 -13.17 12.60
N THR B 207 18.34 -12.36 13.03
CA THR B 207 17.13 -12.86 13.67
C THR B 207 15.92 -12.45 12.83
N LEU B 208 14.94 -13.31 12.82
CA LEU B 208 13.67 -13.05 12.17
C LEU B 208 12.61 -12.75 13.22
N PRO B 209 11.65 -11.87 12.93
CA PRO B 209 10.64 -11.56 13.93
C PRO B 209 9.63 -12.67 14.16
N GLN B 210 9.30 -13.44 13.13
CA GLN B 210 8.25 -14.45 13.22
C GLN B 210 8.77 -15.88 13.12
N PHE B 211 9.87 -16.10 12.43
CA PHE B 211 10.40 -17.41 12.12
C PHE B 211 11.74 -17.59 12.80
N ILE B 212 12.29 -18.80 12.73
CA ILE B 212 13.70 -19.05 13.02
C ILE B 212 14.28 -19.87 11.89
N LEU B 213 15.52 -19.57 11.54
CA LEU B 213 16.20 -20.23 10.44
C LEU B 213 17.02 -21.38 11.00
N LYS B 214 16.68 -22.61 10.61
CA LYS B 214 17.38 -23.77 11.13
C LYS B 214 18.75 -23.90 10.51
N GLU B 215 19.68 -24.49 11.26
CA GLU B 215 21.08 -24.51 10.84
C GLU B 215 21.33 -25.50 9.70
N GLU B 216 20.57 -26.59 9.66
CA GLU B 216 20.74 -27.56 8.59
C GLU B 216 20.07 -27.06 7.33
N LYS B 217 20.85 -26.84 6.28
CA LYS B 217 20.36 -26.30 5.02
C LYS B 217 20.66 -27.30 3.92
N ASP B 218 19.62 -27.83 3.30
CA ASP B 218 19.78 -28.82 2.25
C ASP B 218 20.30 -28.17 0.99
N LEU B 219 21.19 -28.89 0.30
CA LEU B 219 21.83 -28.41 -0.92
C LEU B 219 21.67 -29.51 -1.96
N ARG B 220 20.81 -29.29 -2.95
CA ARG B 220 20.54 -30.35 -3.91
C ARG B 220 20.39 -29.77 -5.30
N TYR B 221 20.31 -30.65 -6.29
CA TYR B 221 20.26 -30.27 -7.69
C TYR B 221 18.81 -30.21 -8.18
N CYS B 222 18.60 -29.36 -9.19
CA CYS B 222 17.28 -29.07 -9.72
C CYS B 222 17.32 -28.94 -11.24
N THR B 223 18.09 -29.82 -11.90
CA THR B 223 18.43 -29.68 -13.31
C THR B 223 17.21 -29.69 -14.21
N LYS B 224 17.05 -28.61 -14.97
CA LYS B 224 15.85 -28.38 -15.76
C LYS B 224 16.00 -28.95 -17.15
N HIS B 225 14.88 -29.39 -17.72
CA HIS B 225 14.81 -29.88 -19.08
C HIS B 225 13.76 -29.08 -19.81
N TYR B 226 14.18 -28.28 -20.77
CA TYR B 226 13.27 -27.58 -21.66
C TYR B 226 13.41 -28.17 -23.06
N ASN B 227 12.58 -27.67 -23.97
CA ASN B 227 12.75 -28.01 -25.37
C ASN B 227 13.91 -27.29 -26.02
N THR B 228 14.46 -26.26 -25.36
CA THR B 228 15.70 -25.64 -25.84
C THR B 228 16.90 -26.55 -25.54
N GLY B 229 16.93 -27.12 -24.35
CA GLY B 229 18.02 -28.00 -23.97
C GLY B 229 17.87 -28.37 -22.52
N LYS B 230 18.93 -28.87 -21.91
CA LYS B 230 18.94 -29.10 -20.47
C LYS B 230 19.92 -28.12 -19.84
N PHE B 231 19.45 -27.43 -18.80
CA PHE B 231 20.19 -26.33 -18.20
C PHE B 231 20.51 -26.66 -16.76
N THR B 232 21.68 -26.24 -16.30
CA THR B 232 22.11 -26.55 -14.95
C THR B 232 21.34 -25.72 -13.93
N CYS B 233 21.32 -26.22 -12.70
CA CYS B 233 20.56 -25.65 -11.61
C CYS B 233 21.05 -26.25 -10.30
N ILE B 234 21.24 -25.42 -9.29
CA ILE B 234 21.53 -25.86 -7.94
C ILE B 234 20.61 -25.07 -7.02
N GLU B 235 20.29 -25.63 -5.87
CA GLU B 235 19.38 -24.93 -4.99
C GLU B 235 19.67 -25.23 -3.53
N ALA B 236 19.29 -24.28 -2.69
CA ALA B 236 19.43 -24.38 -1.25
C ALA B 236 18.05 -24.30 -0.62
N ARG B 237 17.72 -25.29 0.20
CA ARG B 237 16.50 -25.27 0.99
C ARG B 237 16.75 -24.54 2.29
N PHE B 238 15.80 -23.71 2.70
CA PHE B 238 15.83 -23.05 4.00
C PHE B 238 14.62 -23.48 4.79
N HIS B 239 14.83 -23.98 6.00
CA HIS B 239 13.74 -24.44 6.85
C HIS B 239 13.40 -23.35 7.86
N LEU B 240 12.17 -22.84 7.78
CA LEU B 240 11.73 -21.69 8.55
C LEU B 240 10.66 -22.14 9.54
N GLU B 241 11.06 -22.48 10.76
CA GLU B 241 10.13 -22.87 11.80
C GLU B 241 9.55 -21.63 12.47
N ARG B 242 8.24 -21.62 12.69
CA ARG B 242 7.62 -20.43 13.24
C ARG B 242 7.90 -20.27 14.72
N GLN B 243 7.53 -19.10 15.22
CA GLN B 243 7.46 -18.82 16.64
C GLN B 243 5.99 -18.91 17.03
N MET B 244 5.61 -19.95 17.77
CA MET B 244 4.24 -20.17 18.16
C MET B 244 3.79 -19.18 19.23
N GLY B 245 4.73 -18.53 19.91
CA GLY B 245 4.43 -17.70 21.06
C GLY B 245 3.59 -16.47 20.78
N TYR B 246 3.54 -16.01 19.53
CA TYR B 246 2.63 -14.93 19.21
C TYR B 246 1.19 -15.39 19.14
N TYR B 247 0.94 -16.49 18.42
CA TYR B 247 -0.42 -16.98 18.26
C TYR B 247 -0.97 -17.56 19.55
N LEU B 248 -0.09 -17.98 20.46
CA LEU B 248 -0.47 -18.43 21.78
C LEU B 248 -0.85 -17.28 22.71
N ILE B 249 -0.72 -16.03 22.27
CA ILE B 249 -1.17 -14.88 23.04
C ILE B 249 -2.41 -14.23 22.44
N GLN B 250 -2.48 -14.10 21.12
CA GLN B 250 -3.64 -13.46 20.51
C GLN B 250 -4.70 -14.44 20.02
N MET B 251 -4.32 -15.60 19.51
CA MET B 251 -5.32 -16.48 18.91
C MET B 251 -5.90 -17.49 19.91
N TYR B 252 -5.07 -18.05 20.79
CA TYR B 252 -5.51 -19.18 21.61
C TYR B 252 -6.08 -18.77 22.97
N ILE B 253 -5.44 -17.83 23.67
CA ILE B 253 -5.92 -17.41 24.99
C ILE B 253 -7.21 -16.60 24.92
N PRO B 254 -7.40 -15.61 24.02
CA PRO B 254 -8.75 -15.01 23.91
C PRO B 254 -9.80 -15.90 23.28
N SER B 255 -9.43 -17.05 22.73
CA SER B 255 -10.39 -18.08 22.39
C SER B 255 -10.56 -19.09 23.51
N LEU B 256 -9.72 -19.01 24.53
CA LEU B 256 -9.85 -19.87 25.71
C LEU B 256 -10.72 -19.23 26.78
N LEU B 257 -10.63 -17.91 26.96
CA LEU B 257 -11.39 -17.24 28.01
C LEU B 257 -12.85 -17.06 27.62
N ILE B 258 -13.16 -16.98 26.32
CA ILE B 258 -14.56 -16.91 25.90
C ILE B 258 -15.27 -18.23 26.18
N VAL B 259 -14.55 -19.35 26.09
CA VAL B 259 -15.12 -20.64 26.46
C VAL B 259 -15.34 -20.72 27.96
N ILE B 260 -14.44 -20.14 28.75
CA ILE B 260 -14.66 -20.06 30.20
C ILE B 260 -15.79 -19.07 30.51
N LEU B 261 -15.90 -18.00 29.71
CA LEU B 261 -16.96 -17.02 29.90
C LEU B 261 -18.34 -17.61 29.59
N SER B 262 -18.40 -18.53 28.64
CA SER B 262 -19.64 -19.25 28.38
C SER B 262 -19.99 -20.24 29.47
N TRP B 263 -19.02 -20.62 30.31
CA TRP B 263 -19.28 -21.50 31.43
C TRP B 263 -19.76 -20.76 32.66
N VAL B 264 -19.78 -19.43 32.62
CA VAL B 264 -20.35 -18.64 33.71
C VAL B 264 -21.87 -18.77 33.70
N SER B 265 -22.47 -18.99 32.53
CA SER B 265 -23.92 -19.05 32.38
C SER B 265 -24.56 -20.24 33.06
N PHE B 266 -23.78 -21.24 33.49
CA PHE B 266 -24.36 -22.38 34.18
C PHE B 266 -24.66 -22.08 35.65
N TRP B 267 -24.10 -21.00 36.18
CA TRP B 267 -24.23 -20.66 37.59
C TRP B 267 -25.25 -19.55 37.83
N ILE B 268 -25.54 -18.72 36.82
CA ILE B 268 -26.37 -17.53 37.00
C ILE B 268 -27.84 -17.94 37.07
N ASN B 269 -28.43 -17.80 38.26
CA ASN B 269 -29.85 -17.95 38.59
C ASN B 269 -30.39 -19.37 38.48
N MET B 270 -29.59 -20.33 37.98
CA MET B 270 -29.64 -21.78 38.19
C MET B 270 -30.89 -22.49 37.68
N ASP B 271 -31.92 -21.77 37.23
CA ASP B 271 -33.00 -22.43 36.51
C ASP B 271 -33.39 -21.67 35.25
N ALA B 272 -33.48 -20.34 35.35
CA ALA B 272 -34.08 -19.51 34.32
C ALA B 272 -33.79 -18.05 34.60
N ALA B 273 -33.43 -17.31 33.55
CA ALA B 273 -33.17 -15.89 33.63
C ALA B 273 -33.21 -15.31 32.22
N PRO B 274 -33.45 -14.00 32.09
CA PRO B 274 -33.14 -13.31 30.83
C PRO B 274 -31.69 -12.88 30.70
N ALA B 275 -30.81 -13.31 31.60
CA ALA B 275 -29.39 -12.97 31.55
C ALA B 275 -28.51 -14.11 31.08
N ARG B 276 -28.94 -15.36 31.23
CA ARG B 276 -28.19 -16.47 30.66
C ARG B 276 -28.24 -16.47 29.15
N VAL B 277 -29.35 -15.95 28.57
CA VAL B 277 -29.43 -15.81 27.12
C VAL B 277 -28.45 -14.75 26.65
N GLY B 278 -28.37 -13.63 27.37
CA GLY B 278 -27.45 -12.57 27.01
C GLY B 278 -25.99 -12.96 27.10
N LEU B 279 -25.67 -13.91 27.99
CA LEU B 279 -24.33 -14.48 28.01
C LEU B 279 -24.19 -15.61 27.00
N GLY B 280 -25.30 -16.17 26.54
CA GLY B 280 -25.24 -17.17 25.50
C GLY B 280 -25.18 -16.57 24.11
N ILE B 281 -25.81 -15.41 23.91
CA ILE B 281 -25.74 -14.74 22.61
C ILE B 281 -24.37 -14.14 22.39
N THR B 282 -23.87 -13.41 23.40
CA THR B 282 -22.78 -12.48 23.17
C THR B 282 -21.44 -13.19 23.03
N THR B 283 -21.29 -14.34 23.68
CA THR B 283 -20.08 -15.13 23.55
C THR B 283 -20.07 -16.01 22.30
N VAL B 284 -21.07 -15.87 21.43
CA VAL B 284 -21.05 -16.48 20.11
C VAL B 284 -20.67 -15.38 19.12
N LEU B 285 -21.03 -14.13 19.45
CA LEU B 285 -20.74 -12.98 18.60
C LEU B 285 -19.24 -12.74 18.48
N THR B 286 -18.59 -12.49 19.61
CA THR B 286 -17.15 -12.28 19.63
C THR B 286 -16.36 -13.56 19.45
N MET B 287 -17.02 -14.71 19.44
CA MET B 287 -16.35 -15.91 18.97
C MET B 287 -16.37 -15.97 17.45
N THR B 288 -17.46 -15.51 16.84
CA THR B 288 -17.56 -15.47 15.37
C THR B 288 -16.72 -14.34 14.80
N THR B 289 -16.71 -13.19 15.48
CA THR B 289 -15.90 -12.05 15.03
C THR B 289 -14.42 -12.36 15.12
N GLN B 290 -14.01 -13.06 16.18
CA GLN B 290 -12.62 -13.47 16.30
C GLN B 290 -12.28 -14.60 15.32
N SER B 291 -13.28 -15.39 14.92
CA SER B 291 -13.06 -16.43 13.91
C SER B 291 -12.73 -15.81 12.55
N SER B 292 -13.45 -14.73 12.18
CA SER B 292 -13.07 -14.00 10.99
C SER B 292 -11.82 -13.15 11.22
N GLY B 293 -11.60 -12.71 12.46
CA GLY B 293 -10.40 -11.96 12.79
C GLY B 293 -9.15 -12.79 12.93
N SER B 294 -9.29 -14.12 12.94
CA SER B 294 -8.12 -15.00 13.00
C SER B 294 -7.45 -15.17 11.65
N ARG B 295 -8.14 -14.78 10.57
CA ARG B 295 -7.63 -14.95 9.22
C ARG B 295 -7.68 -13.62 8.47
N ALA B 296 -7.21 -12.55 9.11
CA ALA B 296 -7.32 -11.23 8.52
C ALA B 296 -6.29 -11.01 7.42
N SER B 297 -5.07 -11.52 7.61
CA SER B 297 -4.00 -11.30 6.63
C SER B 297 -3.40 -12.63 6.18
N LEU B 298 -4.26 -13.57 5.79
CA LEU B 298 -3.83 -14.88 5.34
C LEU B 298 -4.30 -15.12 3.91
N PRO B 299 -3.61 -15.97 3.14
CA PRO B 299 -4.12 -16.32 1.81
C PRO B 299 -5.38 -17.15 1.91
N LYS B 300 -6.18 -17.09 0.85
CA LYS B 300 -7.50 -17.72 0.84
C LYS B 300 -7.36 -19.16 0.36
N VAL B 301 -6.77 -19.98 1.22
CA VAL B 301 -6.53 -21.37 0.88
C VAL B 301 -7.83 -22.17 0.99
N SER B 302 -7.91 -23.24 0.21
CA SER B 302 -9.14 -24.03 0.18
C SER B 302 -9.24 -24.97 1.36
N TYR B 303 -8.13 -25.58 1.76
CA TYR B 303 -8.14 -26.58 2.81
C TYR B 303 -8.31 -25.94 4.19
N VAL B 304 -8.62 -26.77 5.17
CA VAL B 304 -8.80 -26.34 6.55
C VAL B 304 -7.46 -26.44 7.26
N LYS B 305 -7.18 -25.48 8.13
CA LYS B 305 -5.88 -25.37 8.78
C LYS B 305 -6.03 -25.56 10.28
N ALA B 306 -4.89 -25.48 10.99
CA ALA B 306 -4.87 -25.80 12.41
C ALA B 306 -5.59 -24.77 13.25
N ILE B 307 -5.54 -23.50 12.87
CA ILE B 307 -6.25 -22.48 13.63
C ILE B 307 -7.74 -22.48 13.31
N ASP B 308 -8.16 -23.15 12.23
CA ASP B 308 -9.57 -23.23 11.93
C ASP B 308 -10.27 -24.34 12.70
N ILE B 309 -9.55 -25.39 13.09
CA ILE B 309 -10.19 -26.45 13.88
C ILE B 309 -10.00 -26.17 15.36
N TRP B 310 -9.48 -25.00 15.70
CA TRP B 310 -9.57 -24.47 17.05
C TRP B 310 -10.68 -23.45 17.18
N MET B 311 -10.85 -22.58 16.19
CA MET B 311 -11.87 -21.55 16.24
C MET B 311 -13.24 -22.06 15.82
N ALA B 312 -13.35 -23.33 15.42
CA ALA B 312 -14.64 -23.94 15.15
C ALA B 312 -15.05 -24.98 16.18
N VAL B 313 -14.11 -25.48 16.99
CA VAL B 313 -14.47 -26.32 18.12
C VAL B 313 -14.73 -25.48 19.36
N CYS B 314 -13.93 -24.45 19.59
CA CYS B 314 -14.27 -23.49 20.63
C CYS B 314 -15.45 -22.60 20.26
N LEU B 315 -15.84 -22.56 18.98
CA LEU B 315 -17.14 -22.02 18.63
C LEU B 315 -18.25 -22.99 19.03
N LEU B 316 -17.97 -24.29 19.04
CA LEU B 316 -18.98 -25.27 19.37
C LEU B 316 -19.27 -25.30 20.87
N PHE B 317 -18.24 -25.13 21.70
CA PHE B 317 -18.46 -25.11 23.15
C PHE B 317 -19.11 -23.83 23.64
N VAL B 318 -19.10 -22.76 22.85
CA VAL B 318 -19.81 -21.54 23.24
C VAL B 318 -21.16 -21.44 22.57
N PHE B 319 -21.43 -22.24 21.54
CA PHE B 319 -22.74 -22.34 20.95
C PHE B 319 -23.60 -23.41 21.61
N SER B 320 -22.98 -24.45 22.17
CA SER B 320 -23.73 -25.45 22.89
C SER B 320 -24.15 -24.99 24.27
N ALA B 321 -23.53 -23.94 24.80
CA ALA B 321 -23.94 -23.42 26.10
C ALA B 321 -25.27 -22.70 26.02
N LEU B 322 -25.48 -21.89 24.98
CA LEU B 322 -26.79 -21.29 24.76
C LEU B 322 -27.80 -22.33 24.32
N LEU B 323 -27.36 -23.35 23.59
CA LEU B 323 -28.23 -24.45 23.24
C LEU B 323 -28.55 -25.34 24.45
N GLU B 324 -27.71 -25.29 25.49
CA GLU B 324 -28.01 -26.00 26.73
C GLU B 324 -29.11 -25.31 27.53
N TYR B 325 -29.12 -23.97 27.54
CA TYR B 325 -30.20 -23.24 28.22
C TYR B 325 -31.53 -23.43 27.53
N ALA B 326 -31.52 -23.54 26.19
CA ALA B 326 -32.74 -23.82 25.44
C ALA B 326 -33.29 -25.20 25.75
N ALA B 327 -32.44 -26.13 26.20
CA ALA B 327 -32.94 -27.37 26.75
C ALA B 327 -33.47 -27.20 28.17
N VAL B 328 -32.92 -26.25 28.93
CA VAL B 328 -33.36 -26.06 30.31
C VAL B 328 -34.69 -25.33 30.34
N ASN B 329 -34.77 -24.18 29.67
CA ASN B 329 -35.93 -23.32 29.71
C ASN B 329 -37.11 -23.90 28.92
N PHE B 330 -36.92 -24.98 28.17
CA PHE B 330 -38.01 -25.72 27.58
C PHE B 330 -38.47 -26.89 28.44
N ILE B 331 -37.56 -27.50 29.21
CA ILE B 331 -37.98 -28.56 30.10
C ILE B 331 -38.57 -28.00 31.39
N ALA B 332 -37.92 -27.00 31.99
CA ALA B 332 -38.39 -26.42 33.24
C ALA B 332 -39.65 -25.58 33.09
N ARG B 333 -40.04 -25.24 31.86
CA ARG B 333 -41.29 -24.51 31.62
C ARG B 333 -42.41 -25.45 31.22
N GLN B 334 -42.46 -26.63 31.84
CA GLN B 334 -43.53 -27.58 31.62
C GLN B 334 -44.30 -27.80 32.92
N HIS B 335 -45.62 -27.85 32.81
CA HIS B 335 -46.49 -28.07 33.97
C HIS B 335 -47.83 -28.65 33.53
N VAL B 396 -49.79 -32.48 38.15
CA VAL B 396 -50.48 -32.42 39.43
C VAL B 396 -49.50 -32.10 40.54
N GLU B 397 -49.73 -32.68 41.73
CA GLU B 397 -48.82 -32.45 42.85
C GLU B 397 -47.51 -33.20 42.65
N GLU B 398 -47.55 -34.35 41.99
CA GLU B 398 -46.34 -35.12 41.76
C GLU B 398 -45.51 -34.55 40.62
N MET B 399 -46.15 -34.01 39.59
CA MET B 399 -45.45 -33.52 38.40
C MET B 399 -44.75 -32.18 38.60
N ARG B 400 -44.77 -31.62 39.82
CA ARG B 400 -44.08 -30.35 40.05
C ARG B 400 -42.57 -30.55 40.12
N LYS B 401 -42.12 -31.38 41.06
CA LYS B 401 -40.69 -31.55 41.32
C LYS B 401 -40.01 -32.51 40.34
N LEU B 402 -40.78 -33.22 39.50
CA LEU B 402 -40.18 -34.16 38.57
C LEU B 402 -39.46 -33.47 37.42
N PHE B 403 -39.81 -32.23 37.11
CA PHE B 403 -39.11 -31.49 36.08
C PHE B 403 -37.99 -30.63 36.65
N ILE B 404 -38.11 -30.20 37.92
CA ILE B 404 -36.98 -29.58 38.60
C ILE B 404 -35.90 -30.62 38.86
N SER B 405 -36.29 -31.88 39.07
CA SER B 405 -35.31 -32.96 39.11
C SER B 405 -34.71 -33.24 37.74
N ARG B 406 -35.35 -32.79 36.67
CA ARG B 406 -34.74 -32.81 35.34
C ARG B 406 -34.15 -31.48 34.92
N ALA B 407 -34.32 -30.43 35.73
CA ALA B 407 -33.71 -29.13 35.47
C ALA B 407 -32.60 -28.80 36.45
N LYS B 408 -32.19 -29.76 37.28
CA LYS B 408 -30.98 -29.64 38.06
C LYS B 408 -29.95 -30.70 37.71
N ARG B 409 -30.39 -31.91 37.33
CA ARG B 409 -29.47 -32.91 36.80
C ARG B 409 -28.86 -32.45 35.48
N ILE B 410 -29.61 -31.66 34.70
CA ILE B 410 -29.08 -31.07 33.47
C ILE B 410 -28.12 -29.91 33.76
N ASP B 411 -28.05 -29.45 35.01
CA ASP B 411 -27.14 -28.38 35.37
C ASP B 411 -26.02 -28.80 36.31
N THR B 412 -26.03 -30.03 36.79
CA THR B 412 -24.91 -30.56 37.56
C THR B 412 -24.09 -31.58 36.77
N VAL B 413 -24.57 -31.95 35.59
CA VAL B 413 -23.81 -32.79 34.67
C VAL B 413 -23.19 -31.96 33.55
N SER B 414 -23.99 -31.07 32.94
CA SER B 414 -23.50 -30.20 31.89
C SER B 414 -22.58 -29.10 32.40
N ARG B 415 -22.43 -28.95 33.72
CA ARG B 415 -21.46 -28.06 34.31
C ARG B 415 -20.12 -28.75 34.55
N VAL B 416 -20.09 -30.07 34.65
CA VAL B 416 -18.86 -30.81 34.81
C VAL B 416 -18.42 -31.55 33.55
N ALA B 417 -19.38 -31.98 32.70
CA ALA B 417 -19.00 -32.68 31.48
C ALA B 417 -18.37 -31.75 30.46
N PHE B 418 -18.72 -30.47 30.45
CA PHE B 418 -18.07 -29.55 29.51
C PHE B 418 -16.61 -29.27 29.86
N PRO B 419 -16.17 -29.20 31.13
CA PRO B 419 -14.72 -29.28 31.39
C PRO B 419 -14.14 -30.69 31.28
N LEU B 420 -14.89 -31.68 30.83
CA LEU B 420 -14.30 -32.97 30.50
C LEU B 420 -14.13 -33.13 29.00
N VAL B 421 -15.11 -32.67 28.22
CA VAL B 421 -15.02 -32.79 26.77
C VAL B 421 -14.03 -31.76 26.22
N PHE B 422 -14.01 -30.56 26.81
CA PHE B 422 -13.07 -29.54 26.35
C PHE B 422 -11.64 -29.87 26.76
N LEU B 423 -11.46 -30.56 27.88
CA LEU B 423 -10.12 -30.94 28.29
C LEU B 423 -9.62 -32.18 27.57
N ILE B 424 -10.52 -33.02 27.07
CA ILE B 424 -10.06 -34.15 26.27
C ILE B 424 -9.87 -33.76 24.81
N PHE B 425 -10.51 -32.68 24.35
CA PHE B 425 -10.19 -32.13 23.04
C PHE B 425 -8.84 -31.45 23.06
N ASN B 426 -8.56 -30.68 24.11
CA ASN B 426 -7.35 -29.89 24.23
C ASN B 426 -6.11 -30.77 24.39
N ILE B 427 -6.28 -32.02 24.79
CA ILE B 427 -5.17 -32.96 24.83
C ILE B 427 -4.96 -33.61 23.45
N PHE B 428 -6.05 -33.98 22.77
CA PHE B 428 -5.95 -34.58 21.45
C PHE B 428 -5.48 -33.59 20.39
N TYR B 429 -5.68 -32.29 20.62
CA TYR B 429 -5.27 -31.28 19.65
C TYR B 429 -3.76 -31.11 19.62
N TRP B 430 -3.16 -30.82 20.79
CA TRP B 430 -1.75 -30.47 20.82
C TRP B 430 -0.83 -31.66 20.66
N ILE B 431 -1.31 -32.88 20.93
CA ILE B 431 -0.48 -34.06 20.69
C ILE B 431 -0.41 -34.35 19.20
N THR B 432 -1.49 -34.05 18.47
CA THR B 432 -1.54 -34.25 17.03
C THR B 432 -0.54 -33.35 16.31
N TYR B 433 -0.42 -32.10 16.77
CA TYR B 433 0.46 -31.14 16.12
C TYR B 433 1.84 -31.13 16.74
N LYS B 434 2.05 -31.95 17.77
CA LYS B 434 3.41 -32.22 18.23
C LYS B 434 4.02 -33.40 17.48
N ILE B 435 3.19 -34.36 17.10
CA ILE B 435 3.66 -35.49 16.29
C ILE B 435 3.97 -35.02 14.87
N ILE B 436 3.03 -34.33 14.24
CA ILE B 436 3.21 -33.85 12.88
C ILE B 436 4.20 -32.68 12.85
N PRO C 31 46.02 33.04 -16.79
CA PRO C 31 46.45 31.64 -16.69
C PRO C 31 45.40 30.67 -17.23
N MET C 32 45.44 29.45 -16.76
CA MET C 32 44.46 28.48 -17.22
C MET C 32 43.18 28.57 -16.40
N PRO C 33 42.03 28.26 -17.02
CA PRO C 33 40.83 28.03 -16.22
C PRO C 33 40.95 26.72 -15.47
N PRO C 34 40.21 26.56 -14.36
CA PRO C 34 40.43 25.37 -13.51
C PRO C 34 40.01 24.06 -14.16
N SER C 35 38.94 24.08 -14.95
CA SER C 35 38.49 22.85 -15.58
C SER C 35 39.43 22.38 -16.68
N GLU C 36 40.12 23.31 -17.36
CA GLU C 36 41.13 22.92 -18.33
C GLU C 36 42.42 22.48 -17.64
N PHE C 37 42.78 23.16 -16.54
CA PHE C 37 43.94 22.76 -15.76
C PHE C 37 43.75 21.41 -15.11
N LEU C 38 42.54 21.07 -14.72
CA LEU C 38 42.31 19.81 -14.04
C LEU C 38 42.16 18.65 -15.00
N ASP C 39 41.97 18.92 -16.29
CA ASP C 39 42.00 17.85 -17.29
C ASP C 39 43.43 17.38 -17.54
N LYS C 40 44.39 18.29 -17.63
CA LYS C 40 45.77 17.88 -17.83
C LYS C 40 46.41 17.36 -16.54
N LEU C 41 45.80 17.61 -15.39
CA LEU C 41 46.28 16.99 -14.16
C LEU C 41 45.88 15.51 -14.10
N MET C 42 44.82 15.12 -14.81
CA MET C 42 44.32 13.76 -14.75
C MET C 42 44.37 13.03 -16.08
N GLY C 43 43.84 13.61 -17.14
CA GLY C 43 43.56 12.85 -18.34
C GLY C 43 44.72 12.52 -19.27
N LYS C 44 45.15 11.25 -19.25
CA LYS C 44 45.91 10.55 -20.28
C LYS C 44 47.34 11.04 -20.49
N VAL C 45 47.77 12.10 -19.82
CA VAL C 45 49.09 12.68 -20.11
C VAL C 45 49.90 12.74 -18.83
N SER C 46 49.24 12.77 -17.69
CA SER C 46 49.92 12.83 -16.41
C SER C 46 50.09 11.46 -15.77
N GLY C 47 49.67 10.39 -16.45
CA GLY C 47 49.75 9.07 -15.88
C GLY C 47 48.76 8.77 -14.78
N TYR C 48 47.74 9.60 -14.62
CA TYR C 48 46.74 9.36 -13.60
C TYR C 48 45.78 8.30 -14.10
N ASP C 49 45.68 7.20 -13.37
CA ASP C 49 44.74 6.13 -13.69
C ASP C 49 43.73 6.06 -12.56
N ALA C 50 42.46 6.25 -12.88
CA ALA C 50 41.40 6.33 -11.89
C ALA C 50 41.02 4.98 -11.31
N ARG C 51 41.59 3.89 -11.80
CA ARG C 51 41.30 2.55 -11.32
C ARG C 51 42.27 2.11 -10.24
N ILE C 52 43.19 2.97 -9.83
CA ILE C 52 44.27 2.62 -8.92
C ILE C 52 44.23 3.57 -7.73
N ARG C 53 44.25 3.01 -6.52
CA ARG C 53 44.12 3.80 -5.31
C ARG C 53 45.38 4.63 -5.06
N PRO C 54 45.27 5.71 -4.28
CA PRO C 54 46.47 6.47 -3.93
C PRO C 54 47.38 5.67 -3.02
N ASN C 55 48.66 6.07 -3.03
CA ASN C 55 49.74 5.44 -2.26
C ASN C 55 49.80 3.94 -2.56
N PHE C 56 49.86 3.62 -3.84
CA PHE C 56 49.75 2.23 -4.26
C PHE C 56 51.04 1.48 -3.94
N LYS C 57 50.89 0.22 -3.52
CA LYS C 57 51.94 -0.61 -2.93
C LYS C 57 52.62 0.12 -1.78
N GLY C 58 51.80 0.69 -0.91
CA GLY C 58 52.30 1.42 0.24
C GLY C 58 51.35 1.29 1.41
N PRO C 59 51.27 2.34 2.22
CA PRO C 59 50.34 2.34 3.34
C PRO C 59 48.91 2.44 2.83
N PRO C 60 47.93 1.98 3.60
CA PRO C 60 46.55 2.06 3.15
C PRO C 60 46.01 3.48 3.18
N VAL C 61 44.99 3.71 2.35
CA VAL C 61 44.35 5.01 2.26
C VAL C 61 43.48 5.22 3.49
N ASN C 62 43.68 6.34 4.18
CA ASN C 62 42.94 6.66 5.39
C ASN C 62 41.81 7.62 5.03
N VAL C 63 40.65 7.06 4.71
CA VAL C 63 39.46 7.84 4.41
C VAL C 63 38.76 8.17 5.71
N THR C 64 38.50 9.46 5.94
CA THR C 64 37.78 9.90 7.12
C THR C 64 36.39 10.41 6.72
N CYS C 65 35.39 10.08 7.53
CA CYS C 65 33.99 10.25 7.15
C CYS C 65 33.23 10.99 8.24
N ASN C 66 32.20 11.72 7.81
CA ASN C 66 31.16 12.22 8.71
C ASN C 66 29.89 12.44 7.91
N ILE C 67 28.75 12.33 8.59
CA ILE C 67 27.44 12.41 7.95
C ILE C 67 26.67 13.58 8.53
N PHE C 68 25.67 14.03 7.78
CA PHE C 68 24.80 15.13 8.16
C PHE C 68 23.37 14.70 7.91
N ILE C 69 22.62 14.40 8.96
CA ILE C 69 21.27 13.89 8.83
C ILE C 69 20.33 15.04 8.54
N ASN C 70 19.90 15.16 7.28
CA ASN C 70 18.88 16.14 6.93
C ASN C 70 17.53 15.74 7.50
N SER C 71 17.02 14.61 7.05
CA SER C 71 15.73 14.10 7.49
C SER C 71 15.92 12.74 8.15
N PHE C 72 15.00 12.41 9.04
CA PHE C 72 15.06 11.16 9.78
C PHE C 72 13.61 10.73 10.00
N GLY C 73 13.38 9.44 10.05
CA GLY C 73 12.07 9.04 10.50
C GLY C 73 11.43 8.05 9.56
N SER C 74 10.10 8.03 9.61
CA SER C 74 9.26 6.94 9.12
C SER C 74 9.78 5.60 9.62
N ILE C 75 9.96 5.51 10.93
CA ILE C 75 10.53 4.34 11.58
C ILE C 75 9.44 3.28 11.69
N ALA C 76 9.38 2.40 10.70
CA ALA C 76 8.38 1.34 10.70
C ALA C 76 8.82 0.23 11.63
N GLU C 77 7.84 -0.56 12.06
CA GLU C 77 8.10 -1.69 12.93
C GLU C 77 7.58 -3.00 12.38
N THR C 78 6.62 -2.97 11.45
CA THR C 78 6.26 -4.16 10.71
C THR C 78 7.42 -4.65 9.85
N THR C 79 8.15 -3.71 9.25
CA THR C 79 9.30 -4.03 8.42
C THR C 79 10.61 -3.95 9.21
N MET C 80 10.58 -3.26 10.35
CA MET C 80 11.76 -2.96 11.19
C MET C 80 12.85 -2.26 10.39
N ASP C 81 12.51 -1.07 9.89
CA ASP C 81 13.46 -0.26 9.16
C ASP C 81 13.12 1.21 9.35
N TYR C 82 14.08 2.07 9.04
CA TYR C 82 13.90 3.50 9.17
C TYR C 82 14.57 4.18 7.98
N ARG C 83 14.00 5.31 7.56
CA ARG C 83 14.48 6.04 6.41
C ARG C 83 15.27 7.25 6.88
N VAL C 84 16.45 7.45 6.31
CA VAL C 84 17.31 8.57 6.65
C VAL C 84 17.75 9.24 5.36
N ASN C 85 18.15 10.50 5.45
CA ASN C 85 18.52 11.30 4.29
C ASN C 85 19.78 12.09 4.66
N ILE C 86 20.94 11.59 4.27
CA ILE C 86 22.19 12.08 4.81
C ILE C 86 23.01 12.81 3.75
N PHE C 87 23.97 13.59 4.23
CA PHE C 87 25.07 14.13 3.43
C PHE C 87 26.33 13.37 3.82
N LEU C 88 26.79 12.48 2.95
CA LEU C 88 27.94 11.65 3.25
C LEU C 88 29.20 12.35 2.75
N ARG C 89 30.02 12.85 3.68
CA ARG C 89 31.25 13.54 3.34
C ARG C 89 32.41 12.56 3.52
N GLN C 90 33.30 12.49 2.54
CA GLN C 90 34.46 11.62 2.60
C GLN C 90 35.70 12.42 2.28
N GLN C 91 36.71 12.33 3.14
CA GLN C 91 37.96 13.05 2.92
C GLN C 91 39.10 12.04 2.91
N TRP C 92 39.94 12.11 1.89
CA TRP C 92 41.13 11.29 1.83
C TRP C 92 42.25 12.11 1.21
N ASN C 93 43.38 11.47 0.97
CA ASN C 93 44.53 12.14 0.40
C ASN C 93 44.96 11.41 -0.86
N ASP C 94 45.27 12.17 -1.89
CA ASP C 94 45.65 11.61 -3.20
C ASP C 94 46.84 12.41 -3.70
N PRO C 95 48.06 11.88 -3.59
CA PRO C 95 49.24 12.67 -3.93
C PRO C 95 49.40 12.96 -5.42
N ARG C 96 48.72 12.21 -6.28
CA ARG C 96 48.77 12.48 -7.71
C ARG C 96 47.97 13.71 -8.09
N LEU C 97 47.07 14.16 -7.22
CA LEU C 97 46.26 15.35 -7.46
C LEU C 97 46.82 16.58 -6.76
N ALA C 98 48.10 16.56 -6.39
CA ALA C 98 48.70 17.64 -5.62
C ALA C 98 49.39 18.62 -6.56
N TYR C 99 48.64 19.60 -7.04
CA TYR C 99 49.23 20.67 -7.83
C TYR C 99 49.97 21.64 -6.91
N SER C 100 50.86 22.43 -7.52
CA SER C 100 51.68 23.34 -6.73
C SER C 100 51.72 24.74 -7.31
N GLU C 101 51.53 24.86 -8.62
CA GLU C 101 51.77 26.12 -9.30
C GLU C 101 50.50 26.93 -9.57
N TYR C 102 49.34 26.32 -9.46
CA TYR C 102 48.11 27.05 -9.70
C TYR C 102 47.82 27.95 -8.49
N PRO C 103 47.38 29.20 -8.71
CA PRO C 103 47.33 30.17 -7.60
C PRO C 103 46.26 29.92 -6.56
N ASP C 104 45.22 29.14 -6.85
CA ASP C 104 44.13 28.99 -5.91
C ASP C 104 44.47 27.96 -4.83
N ASP C 105 43.54 27.77 -3.91
CA ASP C 105 43.69 26.80 -2.84
C ASP C 105 42.75 25.61 -2.94
N SER C 106 41.68 25.71 -3.73
CA SER C 106 40.70 24.63 -3.83
C SER C 106 40.08 24.67 -5.22
N LEU C 107 40.32 23.62 -6.00
CA LEU C 107 39.69 23.44 -7.30
C LEU C 107 38.48 22.54 -7.13
N ASP C 108 37.31 23.03 -7.52
CA ASP C 108 36.13 22.20 -7.53
C ASP C 108 36.10 21.34 -8.78
N LEU C 109 35.10 20.46 -8.85
CA LEU C 109 34.94 19.57 -10.00
C LEU C 109 33.46 19.21 -10.07
N ASP C 110 32.80 19.56 -11.16
CA ASP C 110 31.39 19.26 -11.28
C ASP C 110 31.20 17.77 -11.54
N PRO C 111 30.04 17.20 -11.17
CA PRO C 111 29.86 15.75 -11.29
C PRO C 111 29.80 15.19 -12.71
N SER C 112 29.97 16.00 -13.75
CA SER C 112 30.08 15.43 -15.09
C SER C 112 31.42 14.73 -15.28
N MET C 113 32.49 15.26 -14.70
CA MET C 113 33.82 14.67 -14.79
C MET C 113 34.22 13.94 -13.51
N LEU C 114 33.25 13.40 -12.78
CA LEU C 114 33.52 12.80 -11.49
C LEU C 114 33.88 11.31 -11.59
N ASP C 115 33.75 10.73 -12.78
CA ASP C 115 34.23 9.37 -13.04
C ASP C 115 35.70 9.33 -13.40
N SER C 116 36.44 10.42 -13.18
CA SER C 116 37.82 10.52 -13.59
C SER C 116 38.80 10.50 -12.43
N ILE C 117 38.33 10.55 -11.19
CA ILE C 117 39.19 10.41 -10.03
C ILE C 117 38.96 9.02 -9.43
N TRP C 118 39.80 8.67 -8.47
CA TRP C 118 39.54 7.51 -7.64
C TRP C 118 38.58 7.89 -6.52
N LYS C 119 37.60 7.03 -6.27
CA LYS C 119 36.68 7.25 -5.17
C LYS C 119 36.59 5.98 -4.34
N PRO C 120 36.45 6.08 -3.03
CA PRO C 120 36.31 4.89 -2.20
C PRO C 120 34.98 4.20 -2.45
N ASP C 121 35.02 2.87 -2.49
CA ASP C 121 33.82 2.08 -2.78
C ASP C 121 33.05 1.76 -1.49
N LEU C 122 32.59 2.83 -0.85
CA LEU C 122 31.84 2.69 0.38
C LEU C 122 30.45 2.15 0.09
N PHE C 123 29.96 1.28 0.97
CA PHE C 123 28.57 0.88 0.91
C PHE C 123 28.08 0.73 2.34
N PHE C 124 26.78 0.61 2.49
CA PHE C 124 26.15 0.45 3.79
C PHE C 124 25.78 -1.01 3.96
N ALA C 125 26.18 -1.60 5.08
CA ALA C 125 25.99 -3.05 5.23
C ALA C 125 24.55 -3.44 5.49
N ASN C 126 23.67 -2.49 5.74
CA ASN C 126 22.24 -2.72 5.90
C ASN C 126 21.45 -1.73 5.06
N GLU C 127 21.77 -1.66 3.76
CA GLU C 127 21.13 -0.72 2.84
C GLU C 127 19.63 -0.92 2.76
N LYS C 128 19.19 -2.12 2.37
CA LYS C 128 17.79 -2.46 2.06
C LYS C 128 17.20 -1.46 1.05
N GLY C 129 17.97 -1.18 0.01
CA GLY C 129 17.55 -0.22 -0.99
C GLY C 129 17.94 1.20 -0.65
N ALA C 130 18.61 1.86 -1.58
CA ALA C 130 19.01 3.26 -1.41
C ALA C 130 19.22 3.87 -2.79
N ASN C 131 19.03 5.18 -2.87
CA ASN C 131 19.18 5.86 -4.14
C ASN C 131 19.90 7.19 -3.95
N PHE C 132 20.39 7.73 -5.06
CA PHE C 132 20.92 9.08 -5.06
C PHE C 132 19.81 10.09 -5.28
N HIS C 133 20.20 11.35 -5.37
CA HIS C 133 19.30 12.43 -5.75
C HIS C 133 19.89 13.14 -6.95
N GLU C 134 19.12 13.23 -8.03
CA GLU C 134 19.60 13.71 -9.31
C GLU C 134 18.64 14.73 -9.90
N VAL C 135 18.19 15.67 -9.08
CA VAL C 135 17.23 16.69 -9.51
C VAL C 135 17.96 18.00 -9.74
N THR C 136 17.90 18.45 -11.01
CA THR C 136 18.41 19.67 -11.65
C THR C 136 19.93 19.60 -11.85
N THR C 137 20.60 18.65 -11.18
CA THR C 137 22.03 18.36 -11.23
C THR C 137 22.21 17.14 -10.35
N ASP C 138 23.17 16.25 -10.67
CA ASP C 138 23.62 15.25 -9.71
C ASP C 138 24.08 15.92 -8.42
N ASN C 139 23.40 15.63 -7.32
CA ASN C 139 23.70 16.28 -6.05
C ASN C 139 24.98 15.67 -5.47
N LYS C 140 26.10 16.11 -6.03
CA LYS C 140 27.43 15.61 -5.67
C LYS C 140 28.39 16.79 -5.64
N LEU C 141 29.37 16.71 -4.75
CA LEU C 141 30.33 17.79 -4.52
C LEU C 141 31.73 17.23 -4.48
N LEU C 142 32.67 17.91 -5.15
CA LEU C 142 34.06 17.49 -5.11
C LEU C 142 34.94 18.73 -5.09
N ARG C 143 35.93 18.77 -4.20
CA ARG C 143 36.92 19.84 -4.23
C ARG C 143 38.27 19.28 -3.82
N ILE C 144 39.31 19.79 -4.47
CA ILE C 144 40.67 19.27 -4.35
C ILE C 144 41.56 20.40 -3.84
N SER C 145 42.19 20.18 -2.69
CA SER C 145 43.06 21.19 -2.12
C SER C 145 44.43 21.14 -2.80
N LYS C 146 45.37 21.97 -2.33
CA LYS C 146 46.68 22.03 -2.95
C LYS C 146 47.54 20.83 -2.58
N ASN C 147 47.49 20.41 -1.31
CA ASN C 147 48.33 19.28 -0.90
C ASN C 147 47.76 17.94 -1.33
N GLY C 148 46.55 17.91 -1.89
CA GLY C 148 45.96 16.69 -2.40
C GLY C 148 44.75 16.21 -1.65
N ASN C 149 44.32 16.93 -0.61
CA ASN C 149 43.15 16.51 0.16
C ASN C 149 41.90 16.67 -0.69
N VAL C 150 41.06 15.65 -0.69
CA VAL C 150 39.90 15.59 -1.57
C VAL C 150 38.66 15.47 -0.71
N LEU C 151 37.78 16.45 -0.77
CA LEU C 151 36.47 16.39 -0.14
C LEU C 151 35.45 15.90 -1.15
N TYR C 152 34.61 14.97 -0.71
CA TYR C 152 33.63 14.34 -1.60
C TYR C 152 32.32 14.18 -0.85
N SER C 153 31.35 15.03 -1.14
CA SER C 153 30.08 15.05 -0.43
C SER C 153 28.97 14.67 -1.39
N ILE C 154 28.19 13.65 -1.05
CA ILE C 154 27.05 13.25 -1.85
C ILE C 154 25.81 13.23 -0.97
N ARG C 155 24.66 13.10 -1.61
CA ARG C 155 23.38 13.06 -0.91
C ARG C 155 22.71 11.72 -1.21
N ILE C 156 22.42 10.96 -0.17
CA ILE C 156 21.89 9.61 -0.29
C ILE C 156 20.59 9.55 0.50
N THR C 157 19.62 8.77 0.03
CA THR C 157 18.45 8.40 0.82
C THR C 157 18.49 6.92 1.11
N LEU C 158 18.61 6.56 2.38
CA LEU C 158 18.79 5.19 2.82
C LEU C 158 17.52 4.69 3.48
N VAL C 159 17.26 3.38 3.38
CA VAL C 159 16.20 2.79 4.19
C VAL C 159 16.84 1.69 5.03
N LEU C 160 17.40 2.08 6.18
CA LEU C 160 18.31 1.22 6.90
C LEU C 160 17.55 0.26 7.80
N ALA C 161 18.11 -0.93 7.99
CA ALA C 161 17.49 -1.96 8.80
C ALA C 161 18.06 -1.95 10.20
N CYS C 162 17.17 -1.94 11.20
CA CYS C 162 17.58 -2.08 12.58
C CYS C 162 16.65 -3.06 13.28
N PRO C 163 17.18 -4.07 13.97
CA PRO C 163 16.33 -5.03 14.68
C PRO C 163 15.72 -4.40 15.93
N MET C 164 14.41 -4.33 15.97
CA MET C 164 13.69 -3.73 17.09
C MET C 164 13.64 -4.72 18.25
N ASP C 165 13.88 -4.23 19.46
CA ASP C 165 13.78 -5.03 20.68
C ASP C 165 12.62 -4.48 21.48
N LEU C 166 11.49 -5.19 21.49
CA LEU C 166 10.23 -4.70 22.03
C LEU C 166 9.82 -5.45 23.29
N LYS C 167 10.77 -5.72 24.20
CA LYS C 167 10.43 -6.41 25.43
C LYS C 167 9.60 -5.53 26.35
N ASN C 168 9.86 -4.22 26.36
CA ASN C 168 9.11 -3.25 27.14
C ASN C 168 8.64 -2.15 26.20
N PHE C 169 7.48 -2.37 25.56
CA PHE C 169 7.22 -1.74 24.27
C PHE C 169 6.95 -0.23 24.32
N PRO C 170 6.03 0.31 25.13
CA PRO C 170 5.84 1.76 25.08
C PRO C 170 6.91 2.57 25.77
N MET C 171 7.84 1.92 26.49
CA MET C 171 8.86 2.62 27.25
C MET C 171 10.27 2.21 26.83
N ASP C 172 10.46 1.79 25.57
CA ASP C 172 11.76 1.27 25.18
C ASP C 172 12.66 2.36 24.61
N VAL C 173 13.96 2.06 24.62
CA VAL C 173 14.98 2.92 24.02
C VAL C 173 15.60 2.09 22.91
N GLN C 174 15.17 2.33 21.67
CA GLN C 174 15.73 1.63 20.53
C GLN C 174 17.13 2.11 20.23
N THR C 175 17.94 1.23 19.65
CA THR C 175 19.28 1.58 19.22
C THR C 175 19.39 1.15 17.77
N CYS C 176 19.14 2.07 16.85
CA CYS C 176 19.22 1.78 15.43
C CYS C 176 20.52 2.33 14.88
N ILE C 177 21.26 1.47 14.17
CA ILE C 177 22.64 1.76 13.79
C ILE C 177 22.73 1.94 12.28
N MET C 178 23.86 2.45 11.83
CA MET C 178 24.20 2.49 10.42
C MET C 178 25.70 2.29 10.29
N GLN C 179 26.12 1.45 9.35
CA GLN C 179 27.50 1.06 9.24
C GLN C 179 28.00 1.16 7.81
N LEU C 180 29.23 1.61 7.66
CA LEU C 180 29.80 2.06 6.39
C LEU C 180 31.01 1.21 6.08
N GLU C 181 30.86 0.23 5.20
CA GLU C 181 31.95 -0.69 4.90
C GLU C 181 32.58 -0.36 3.56
N SER C 182 33.74 -0.96 3.33
CA SER C 182 34.31 -1.05 2.01
C SER C 182 33.87 -2.36 1.37
N PHE C 183 33.73 -2.35 0.04
CA PHE C 183 33.29 -3.55 -0.64
C PHE C 183 34.39 -4.27 -1.38
N GLY C 184 35.38 -3.56 -1.89
CA GLY C 184 36.38 -4.20 -2.72
C GLY C 184 37.77 -4.24 -2.14
N TYR C 185 38.12 -3.24 -1.33
CA TYR C 185 39.45 -3.10 -0.79
C TYR C 185 39.46 -3.63 0.64
N THR C 186 40.50 -4.39 0.99
CA THR C 186 40.59 -5.00 2.31
C THR C 186 41.17 -4.01 3.30
N MET C 187 41.50 -4.49 4.50
CA MET C 187 42.01 -3.62 5.55
C MET C 187 43.42 -3.12 5.25
N ASN C 188 44.21 -3.90 4.53
CA ASN C 188 45.55 -3.43 4.17
C ASN C 188 45.56 -2.53 2.93
N ASP C 189 44.41 -2.08 2.45
CA ASP C 189 44.33 -1.14 1.34
C ASP C 189 43.46 0.08 1.59
N LEU C 190 42.53 0.03 2.54
CA LEU C 190 41.60 1.14 2.74
C LEU C 190 41.03 1.04 4.14
N ILE C 191 41.15 2.12 4.91
CA ILE C 191 40.69 2.17 6.30
C ILE C 191 39.73 3.35 6.46
N PHE C 192 38.57 3.09 7.03
CA PHE C 192 37.60 4.14 7.34
C PHE C 192 37.76 4.61 8.78
N GLU C 193 37.62 5.91 8.98
CA GLU C 193 37.68 6.51 10.30
C GLU C 193 36.57 7.53 10.42
N TRP C 194 36.12 7.79 11.65
CA TRP C 194 35.30 8.95 11.91
C TRP C 194 36.21 10.11 12.26
N ASP C 195 35.91 11.29 11.74
CA ASP C 195 36.72 12.43 12.13
C ASP C 195 36.36 12.88 13.54
N GLU C 196 37.34 13.47 14.21
CA GLU C 196 37.18 13.83 15.61
C GLU C 196 36.36 15.09 15.81
N LYS C 197 36.13 15.87 14.77
CA LYS C 197 35.40 17.14 14.86
C LYS C 197 33.93 16.96 14.48
N GLY C 198 33.19 16.28 15.35
CA GLY C 198 31.77 16.12 15.14
C GLY C 198 31.41 15.17 14.01
N ALA C 199 31.59 13.88 14.24
CA ALA C 199 31.44 12.88 13.19
C ALA C 199 30.01 12.64 12.76
N VAL C 200 29.01 13.04 13.54
CA VAL C 200 27.61 12.97 13.12
C VAL C 200 26.96 14.30 13.49
N GLN C 201 26.60 15.09 12.48
CA GLN C 201 25.81 16.28 12.73
C GLN C 201 24.35 16.00 12.40
N VAL C 202 23.47 16.68 13.11
CA VAL C 202 22.02 16.57 12.95
C VAL C 202 21.53 17.96 12.58
N ALA C 203 20.49 18.02 11.75
CA ALA C 203 19.92 19.29 11.31
C ALA C 203 19.33 20.06 12.49
N ASP C 204 19.03 21.35 12.24
CA ASP C 204 18.71 22.27 13.32
C ASP C 204 17.34 21.96 13.94
N GLY C 205 16.31 21.86 13.11
CA GLY C 205 14.99 21.63 13.64
C GLY C 205 14.46 20.23 13.36
N LEU C 206 15.31 19.23 13.49
CA LEU C 206 14.91 17.86 13.19
C LEU C 206 14.13 17.30 14.36
N THR C 207 12.83 17.13 14.17
CA THR C 207 11.95 16.54 15.16
C THR C 207 11.30 15.28 14.58
N LEU C 208 11.20 14.26 15.40
CA LEU C 208 10.52 13.03 15.05
C LEU C 208 9.12 13.02 15.65
N PRO C 209 8.14 12.44 14.96
CA PRO C 209 6.78 12.45 15.51
C PRO C 209 6.59 11.50 16.67
N GLN C 210 7.31 10.39 16.71
CA GLN C 210 7.11 9.38 17.73
C GLN C 210 8.29 9.20 18.67
N PHE C 211 9.49 9.50 18.23
CA PHE C 211 10.72 9.26 18.97
C PHE C 211 11.40 10.58 19.29
N ILE C 212 12.48 10.52 20.06
CA ILE C 212 13.42 11.61 20.20
C ILE C 212 14.82 11.06 20.01
N LEU C 213 15.66 11.85 19.35
CA LEU C 213 17.03 11.44 19.06
C LEU C 213 17.95 11.99 20.14
N LYS C 214 18.57 11.11 20.90
CA LYS C 214 19.43 11.55 21.99
C LYS C 214 20.73 12.12 21.45
N GLU C 215 21.33 13.03 22.22
CA GLU C 215 22.48 13.77 21.72
C GLU C 215 23.75 12.94 21.74
N GLU C 216 23.84 11.95 22.63
CA GLU C 216 25.02 11.10 22.71
C GLU C 216 24.91 10.01 21.66
N LYS C 217 25.84 10.00 20.71
CA LYS C 217 25.85 9.03 19.62
C LYS C 217 27.15 8.25 19.67
N ASP C 218 27.04 6.94 19.88
CA ASP C 218 28.22 6.09 20.01
C ASP C 218 28.87 5.88 18.65
N LEU C 219 30.20 5.91 18.64
CA LEU C 219 30.99 5.76 17.42
C LEU C 219 31.98 4.64 17.66
N ARG C 220 31.80 3.51 16.97
CA ARG C 220 32.65 2.37 17.24
C ARG C 220 32.89 1.59 15.95
N TYR C 221 33.75 0.59 16.03
CA TYR C 221 34.16 -0.19 14.87
C TYR C 221 33.40 -1.50 14.78
N CYS C 222 33.31 -2.01 13.56
CA CYS C 222 32.51 -3.19 13.23
C CYS C 222 33.21 -4.05 12.19
N THR C 223 34.53 -4.19 12.31
CA THR C 223 35.38 -4.78 11.26
C THR C 223 34.97 -6.21 10.92
N LYS C 224 34.63 -6.43 9.67
CA LYS C 224 34.07 -7.68 9.21
C LYS C 224 35.17 -8.63 8.76
N HIS C 225 34.92 -9.92 8.95
CA HIS C 225 35.81 -10.98 8.50
C HIS C 225 35.01 -11.93 7.63
N TYR C 226 35.36 -12.00 6.35
CA TYR C 226 34.77 -12.96 5.45
C TYR C 226 35.85 -13.95 5.01
N ASN C 227 35.44 -14.91 4.19
CA ASN C 227 36.43 -15.78 3.55
C ASN C 227 37.15 -15.09 2.40
N THR C 228 36.66 -13.93 1.95
CA THR C 228 37.41 -13.14 0.97
C THR C 228 38.57 -12.40 1.64
N GLY C 229 38.29 -11.79 2.79
CA GLY C 229 39.33 -11.06 3.51
C GLY C 229 38.71 -10.38 4.70
N LYS C 230 39.41 -9.39 5.24
CA LYS C 230 38.85 -8.56 6.30
C LYS C 230 38.68 -7.14 5.78
N PHE C 231 37.47 -6.60 5.96
CA PHE C 231 37.07 -5.35 5.35
C PHE C 231 36.77 -4.33 6.43
N THR C 232 37.10 -3.08 6.15
CA THR C 232 36.93 -2.03 7.15
C THR C 232 35.46 -1.68 7.32
N CYS C 233 35.14 -1.18 8.50
CA CYS C 233 33.76 -0.87 8.87
C CYS C 233 33.79 0.08 10.05
N ILE C 234 32.97 1.12 9.98
CA ILE C 234 32.74 2.03 11.09
C ILE C 234 31.24 2.16 11.24
N GLU C 235 30.78 2.47 12.45
CA GLU C 235 29.35 2.61 12.61
C GLU C 235 29.00 3.62 13.70
N ALA C 236 27.81 4.18 13.56
CA ALA C 236 27.27 5.14 14.50
C ALA C 236 25.96 4.58 15.05
N ARG C 237 25.85 4.56 16.38
CA ARG C 237 24.61 4.19 17.04
C ARG C 237 23.74 5.42 17.23
N PHE C 238 22.43 5.26 17.04
CA PHE C 238 21.47 6.31 17.32
C PHE C 238 20.48 5.78 18.34
N HIS C 239 20.36 6.46 19.48
CA HIS C 239 19.45 6.04 20.53
C HIS C 239 18.13 6.80 20.38
N LEU C 240 17.06 6.05 20.14
CA LEU C 240 15.75 6.63 19.82
C LEU C 240 14.78 6.30 20.96
N GLU C 241 14.61 7.22 21.88
CA GLU C 241 13.69 7.06 22.99
C GLU C 241 12.29 7.45 22.56
N ARG C 242 11.30 6.63 22.92
CA ARG C 242 9.94 6.91 22.46
C ARG C 242 9.32 8.08 23.19
N GLN C 243 8.19 8.53 22.65
CA GLN C 243 7.29 9.44 23.33
C GLN C 243 6.16 8.59 23.90
N MET C 244 6.10 8.50 25.22
CA MET C 244 5.10 7.68 25.88
C MET C 244 3.72 8.34 25.85
N GLY C 245 3.66 9.65 25.58
CA GLY C 245 2.45 10.43 25.71
C GLY C 245 1.34 10.03 24.76
N TYR C 246 1.65 9.36 23.66
CA TYR C 246 0.58 8.87 22.78
C TYR C 246 -0.09 7.64 23.36
N TYR C 247 0.69 6.67 23.79
CA TYR C 247 0.12 5.43 24.32
C TYR C 247 -0.56 5.65 25.66
N LEU C 248 -0.19 6.70 26.38
CA LEU C 248 -0.84 7.09 27.61
C LEU C 248 -2.18 7.77 27.37
N ILE C 249 -2.56 8.02 26.12
CA ILE C 249 -3.87 8.55 25.79
C ILE C 249 -4.77 7.49 25.15
N GLN C 250 -4.23 6.65 24.27
CA GLN C 250 -5.07 5.66 23.60
C GLN C 250 -5.01 4.27 24.25
N MET C 251 -3.86 3.84 24.75
CA MET C 251 -3.75 2.47 25.22
C MET C 251 -4.07 2.31 26.70
N TYR C 252 -3.71 3.29 27.54
CA TYR C 252 -3.80 3.11 28.98
C TYR C 252 -5.09 3.66 29.59
N ILE C 253 -5.49 4.88 29.23
CA ILE C 253 -6.69 5.49 29.80
C ILE C 253 -7.98 4.80 29.35
N PRO C 254 -8.19 4.43 28.07
CA PRO C 254 -9.36 3.59 27.77
C PRO C 254 -9.25 2.16 28.25
N SER C 255 -8.09 1.73 28.75
CA SER C 255 -8.01 0.50 29.51
C SER C 255 -8.10 0.75 31.01
N LEU C 256 -8.08 2.00 31.43
CA LEU C 256 -8.28 2.37 32.83
C LEU C 256 -9.76 2.60 33.15
N LEU C 257 -10.50 3.22 32.23
CA LEU C 257 -11.90 3.53 32.48
C LEU C 257 -12.80 2.31 32.36
N ILE C 258 -12.41 1.32 31.57
CA ILE C 258 -13.18 0.07 31.50
C ILE C 258 -13.07 -0.68 32.83
N VAL C 259 -11.93 -0.59 33.50
CA VAL C 259 -11.79 -1.19 34.82
C VAL C 259 -12.63 -0.44 35.85
N ILE C 260 -12.73 0.89 35.73
CA ILE C 260 -13.62 1.66 36.59
C ILE C 260 -15.08 1.38 36.22
N LEU C 261 -15.35 1.13 34.92
CA LEU C 261 -16.71 0.80 34.49
C LEU C 261 -17.15 -0.55 35.02
N SER C 262 -16.21 -1.50 35.15
CA SER C 262 -16.53 -2.78 35.77
C SER C 262 -16.77 -2.66 37.27
N TRP C 263 -16.33 -1.58 37.90
CA TRP C 263 -16.55 -1.38 39.31
C TRP C 263 -17.90 -0.71 39.59
N VAL C 264 -18.63 -0.32 38.54
CA VAL C 264 -19.98 0.20 38.71
C VAL C 264 -20.93 -0.93 39.06
N SER C 265 -20.62 -2.16 38.63
CA SER C 265 -21.49 -3.31 38.85
C SER C 265 -21.60 -3.73 40.31
N PHE C 266 -20.76 -3.20 41.20
CA PHE C 266 -20.85 -3.56 42.61
C PHE C 266 -21.94 -2.77 43.32
N TRP C 267 -22.43 -1.70 42.71
CA TRP C 267 -23.42 -0.82 43.32
C TRP C 267 -24.83 -1.05 42.79
N ILE C 268 -24.97 -1.63 41.61
CA ILE C 268 -26.27 -1.73 40.94
C ILE C 268 -27.07 -2.86 41.58
N ASN C 269 -28.15 -2.49 42.29
CA ASN C 269 -29.19 -3.33 42.88
C ASN C 269 -28.72 -4.24 44.02
N MET C 270 -27.41 -4.28 44.31
CA MET C 270 -26.76 -4.64 45.57
C MET C 270 -26.95 -6.08 46.04
N ASP C 271 -27.82 -6.86 45.40
CA ASP C 271 -27.83 -8.29 45.66
C ASP C 271 -27.88 -9.11 44.37
N ALA C 272 -28.71 -8.67 43.41
CA ALA C 272 -29.05 -9.48 42.26
C ALA C 272 -29.78 -8.61 41.25
N ALA C 273 -29.46 -8.79 39.97
CA ALA C 273 -30.09 -8.08 38.87
C ALA C 273 -29.79 -8.82 37.58
N PRO C 274 -30.60 -8.62 36.54
CA PRO C 274 -30.17 -8.97 35.18
C PRO C 274 -29.32 -7.90 34.50
N ALA C 275 -28.94 -6.84 35.22
CA ALA C 275 -28.14 -5.76 34.68
C ALA C 275 -26.69 -5.78 35.10
N ARG C 276 -26.36 -6.41 36.23
CA ARG C 276 -24.95 -6.58 36.60
C ARG C 276 -24.26 -7.56 35.66
N VAL C 277 -25.00 -8.52 35.11
CA VAL C 277 -24.44 -9.41 34.11
C VAL C 277 -24.15 -8.65 32.83
N GLY C 278 -25.06 -7.75 32.45
CA GLY C 278 -24.85 -6.94 31.25
C GLY C 278 -23.69 -5.98 31.36
N LEU C 279 -23.34 -5.57 32.57
CA LEU C 279 -22.13 -4.81 32.79
C LEU C 279 -20.92 -5.72 33.02
N GLY C 280 -21.16 -6.99 33.29
CA GLY C 280 -20.07 -7.95 33.39
C GLY C 280 -19.70 -8.56 32.05
N ILE C 281 -20.68 -8.73 31.17
CA ILE C 281 -20.39 -9.23 29.83
C ILE C 281 -19.66 -8.18 29.01
N THR C 282 -20.20 -6.96 29.00
CA THR C 282 -19.87 -5.99 27.96
C THR C 282 -18.48 -5.38 28.20
N THR C 283 -18.07 -5.26 29.46
CA THR C 283 -16.74 -4.75 29.78
C THR C 283 -15.66 -5.80 29.66
N VAL C 284 -15.99 -7.00 29.16
CA VAL C 284 -15.01 -8.02 28.79
C VAL C 284 -14.86 -7.97 27.28
N LEU C 285 -15.96 -7.59 26.60
CA LEU C 285 -15.98 -7.53 25.14
C LEU C 285 -15.03 -6.47 24.62
N THR C 286 -15.25 -5.21 25.03
CA THR C 286 -14.41 -4.11 24.62
C THR C 286 -13.09 -4.07 25.37
N MET C 287 -12.88 -4.97 26.33
CA MET C 287 -11.54 -5.17 26.85
C MET C 287 -10.78 -6.15 25.99
N THR C 288 -11.46 -7.16 25.44
CA THR C 288 -10.84 -8.11 24.54
C THR C 288 -10.62 -7.50 23.16
N THR C 289 -11.59 -6.71 22.68
CA THR C 289 -11.46 -6.05 21.39
C THR C 289 -10.34 -5.02 21.41
N GLN C 290 -10.19 -4.31 22.53
CA GLN C 290 -9.08 -3.37 22.66
C GLN C 290 -7.76 -4.10 22.85
N SER C 291 -7.79 -5.33 23.39
CA SER C 291 -6.56 -6.11 23.52
C SER C 291 -6.04 -6.54 22.16
N SER C 292 -6.93 -6.92 21.24
CA SER C 292 -6.51 -7.17 19.86
C SER C 292 -6.24 -5.88 19.11
N GLY C 293 -6.93 -4.80 19.50
CA GLY C 293 -6.69 -3.50 18.89
C GLY C 293 -5.46 -2.79 19.39
N SER C 294 -4.84 -3.28 20.46
CA SER C 294 -3.60 -2.69 20.95
C SER C 294 -2.40 -3.11 20.14
N ARG C 295 -2.52 -4.15 19.31
CA ARG C 295 -1.42 -4.67 18.53
C ARG C 295 -1.82 -4.74 17.06
N ALA C 296 -2.40 -3.66 16.54
CA ALA C 296 -2.90 -3.67 15.17
C ALA C 296 -1.78 -3.54 14.16
N SER C 297 -0.77 -2.72 14.45
CA SER C 297 0.31 -2.48 13.49
C SER C 297 1.66 -2.76 14.12
N LEU C 298 1.81 -3.92 14.75
CA LEU C 298 3.04 -4.31 15.40
C LEU C 298 3.57 -5.60 14.79
N PRO C 299 4.88 -5.86 14.85
CA PRO C 299 5.38 -7.15 14.38
C PRO C 299 4.95 -8.27 15.32
N LYS C 300 4.85 -9.47 14.75
CA LYS C 300 4.31 -10.62 15.46
C LYS C 300 5.44 -11.28 16.26
N VAL C 301 5.85 -10.59 17.32
CA VAL C 301 6.94 -11.08 18.14
C VAL C 301 6.46 -12.20 19.05
N SER C 302 7.39 -13.07 19.45
CA SER C 302 7.02 -14.24 20.23
C SER C 302 6.91 -13.92 21.70
N TYR C 303 7.80 -13.09 22.22
CA TYR C 303 7.86 -12.78 23.64
C TYR C 303 6.71 -11.85 24.02
N VAL C 304 6.46 -11.76 25.33
CA VAL C 304 5.41 -10.91 25.88
C VAL C 304 6.03 -9.54 26.17
N LYS C 305 5.25 -8.49 25.94
CA LYS C 305 5.75 -7.12 26.02
C LYS C 305 5.01 -6.34 27.10
N ALA C 306 5.37 -5.07 27.23
CA ALA C 306 4.86 -4.25 28.33
C ALA C 306 3.40 -3.90 28.17
N ILE C 307 2.93 -3.73 26.93
CA ILE C 307 1.52 -3.43 26.74
C ILE C 307 0.68 -4.69 26.83
N ASP C 308 1.30 -5.87 26.78
CA ASP C 308 0.54 -7.11 26.93
C ASP C 308 0.26 -7.43 28.39
N ILE C 309 1.14 -7.06 29.31
CA ILE C 309 0.90 -7.38 30.71
C ILE C 309 0.18 -6.22 31.38
N TRP C 310 -0.27 -5.25 30.59
CA TRP C 310 -1.29 -4.32 31.03
C TRP C 310 -2.67 -4.70 30.52
N MET C 311 -2.77 -5.18 29.30
CA MET C 311 -4.05 -5.55 28.72
C MET C 311 -4.47 -6.95 29.10
N ALA C 312 -3.65 -7.70 29.83
CA ALA C 312 -4.03 -9.00 30.36
C ALA C 312 -4.25 -8.99 31.86
N VAL C 313 -3.74 -8.00 32.57
CA VAL C 313 -4.08 -7.83 33.97
C VAL C 313 -5.33 -6.99 34.15
N CYS C 314 -5.48 -5.92 33.36
CA CYS C 314 -6.74 -5.20 33.34
C CYS C 314 -7.85 -5.98 32.64
N LEU C 315 -7.52 -7.03 31.89
CA LEU C 315 -8.54 -7.99 31.48
C LEU C 315 -8.95 -8.87 32.66
N LEU C 316 -8.04 -9.10 33.59
CA LEU C 316 -8.34 -9.95 34.74
C LEU C 316 -9.23 -9.23 35.75
N PHE C 317 -9.05 -7.91 35.90
CA PHE C 317 -9.90 -7.15 36.83
C PHE C 317 -11.30 -6.89 36.26
N VAL C 318 -11.51 -7.05 34.96
CA VAL C 318 -12.85 -6.89 34.40
C VAL C 318 -13.51 -8.23 34.14
N PHE C 319 -12.75 -9.32 34.17
CA PHE C 319 -13.30 -10.67 34.11
C PHE C 319 -13.63 -11.21 35.49
N SER C 320 -12.90 -10.77 36.52
CA SER C 320 -13.22 -11.20 37.87
C SER C 320 -14.44 -10.49 38.44
N ALA C 321 -14.85 -9.37 37.85
CA ALA C 321 -16.05 -8.68 38.33
C ALA C 321 -17.31 -9.45 37.98
N LEU C 322 -17.38 -9.98 36.75
CA LEU C 322 -18.49 -10.86 36.40
C LEU C 322 -18.38 -12.20 37.11
N LEU C 323 -17.15 -12.65 37.36
CA LEU C 323 -16.95 -13.85 38.16
C LEU C 323 -17.27 -13.61 39.62
N GLU C 324 -17.24 -12.36 40.08
CA GLU C 324 -17.66 -12.03 41.44
C GLU C 324 -19.18 -12.09 41.61
N TYR C 325 -19.93 -11.62 40.61
CA TYR C 325 -21.39 -11.71 40.66
C TYR C 325 -21.87 -13.15 40.60
N ALA C 326 -21.17 -14.01 39.85
CA ALA C 326 -21.48 -15.43 39.82
C ALA C 326 -21.24 -16.09 41.16
N ALA C 327 -20.38 -15.53 42.00
CA ALA C 327 -20.30 -15.97 43.39
C ALA C 327 -21.43 -15.39 44.23
N VAL C 328 -21.94 -14.21 43.88
CA VAL C 328 -23.02 -13.61 44.65
C VAL C 328 -24.34 -14.30 44.35
N ASN C 329 -24.69 -14.40 43.08
CA ASN C 329 -25.98 -14.95 42.66
C ASN C 329 -26.06 -16.46 42.85
N PHE C 330 -24.95 -17.13 43.16
CA PHE C 330 -24.99 -18.52 43.58
C PHE C 330 -25.11 -18.69 45.07
N ILE C 331 -24.54 -17.78 45.86
CA ILE C 331 -24.68 -17.86 47.31
C ILE C 331 -26.02 -17.31 47.76
N ALA C 332 -26.44 -16.17 47.20
CA ALA C 332 -27.71 -15.55 47.59
C ALA C 332 -28.94 -16.29 47.08
N ARG C 333 -28.77 -17.24 46.17
CA ARG C 333 -29.88 -18.06 45.68
C ARG C 333 -29.91 -19.40 46.40
N GLN C 334 -29.62 -19.40 47.70
CA GLN C 334 -29.70 -20.60 48.52
C GLN C 334 -30.73 -20.40 49.62
N HIS C 335 -31.53 -21.43 49.88
CA HIS C 335 -32.56 -21.40 50.91
C HIS C 335 -32.90 -22.81 51.35
N VAL C 396 -34.38 -22.63 57.48
CA VAL C 396 -35.54 -22.29 58.27
C VAL C 396 -35.59 -20.79 58.51
N GLU C 397 -36.02 -20.39 59.71
CA GLU C 397 -36.07 -18.97 60.05
C GLU C 397 -34.68 -18.42 60.30
N GLU C 398 -33.76 -19.26 60.77
CA GLU C 398 -32.39 -18.82 61.02
C GLU C 398 -31.58 -18.74 59.74
N MET C 399 -31.82 -19.65 58.79
CA MET C 399 -31.03 -19.73 57.56
C MET C 399 -31.39 -18.66 56.53
N ARG C 400 -32.31 -17.75 56.83
CA ARG C 400 -32.66 -16.70 55.88
C ARG C 400 -31.57 -15.64 55.81
N LYS C 401 -31.25 -15.00 56.94
CA LYS C 401 -30.32 -13.89 56.97
C LYS C 401 -28.86 -14.32 56.99
N LEU C 402 -28.58 -15.61 57.17
CA LEU C 402 -27.19 -16.06 57.22
C LEU C 402 -26.53 -16.05 55.85
N PHE C 403 -27.29 -16.07 54.77
CA PHE C 403 -26.72 -15.96 53.44
C PHE C 403 -26.72 -14.53 52.92
N ILE C 404 -27.66 -13.70 53.37
CA ILE C 404 -27.57 -12.26 53.09
C ILE C 404 -26.40 -11.66 53.86
N SER C 405 -26.09 -12.18 55.05
CA SER C 405 -24.87 -11.80 55.74
C SER C 405 -23.62 -12.32 55.03
N ARG C 406 -23.75 -13.30 54.15
CA ARG C 406 -22.68 -13.70 53.26
C ARG C 406 -22.80 -13.11 51.86
N ALA C 407 -23.90 -12.42 51.56
CA ALA C 407 -24.06 -11.72 50.29
C ALA C 407 -23.98 -10.21 50.43
N LYS C 408 -23.62 -9.71 51.61
CA LYS C 408 -23.24 -8.32 51.78
C LYS C 408 -21.78 -8.16 52.17
N ARG C 409 -21.22 -9.12 52.92
CA ARG C 409 -19.79 -9.11 53.18
C ARG C 409 -19.00 -9.35 51.89
N ILE C 410 -19.56 -10.08 50.94
CA ILE C 410 -18.95 -10.27 49.63
C ILE C 410 -19.07 -9.02 48.77
N ASP C 411 -19.87 -8.04 49.16
CA ASP C 411 -20.02 -6.81 48.40
C ASP C 411 -19.49 -5.58 49.12
N THR C 412 -19.09 -5.69 50.37
CA THR C 412 -18.42 -4.59 51.05
C THR C 412 -16.93 -4.83 51.19
N VAL C 413 -16.45 -6.00 50.82
CA VAL C 413 -15.03 -6.28 50.75
C VAL C 413 -14.52 -6.25 49.31
N SER C 414 -15.25 -6.89 48.39
CA SER C 414 -14.89 -6.89 46.98
C SER C 414 -15.09 -5.54 46.31
N ARG C 415 -15.75 -4.60 46.98
CA ARG C 415 -15.85 -3.21 46.51
C ARG C 415 -14.68 -2.36 46.97
N VAL C 416 -13.97 -2.77 48.02
CA VAL C 416 -12.80 -2.04 48.48
C VAL C 416 -11.50 -2.78 48.17
N ALA C 417 -11.50 -4.12 48.16
CA ALA C 417 -10.26 -4.85 47.87
C ALA C 417 -9.84 -4.74 46.41
N PHE C 418 -10.78 -4.60 45.49
CA PHE C 418 -10.38 -4.42 44.09
C PHE C 418 -9.73 -3.07 43.81
N PRO C 419 -10.11 -1.93 44.44
CA PRO C 419 -9.21 -0.77 44.38
C PRO C 419 -8.00 -0.84 45.29
N LEU C 420 -7.74 -1.97 45.94
CA LEU C 420 -6.47 -2.14 46.63
C LEU C 420 -5.51 -3.00 45.80
N VAL C 421 -6.03 -4.04 45.15
CA VAL C 421 -5.18 -4.91 44.34
C VAL C 421 -4.82 -4.21 43.03
N PHE C 422 -5.75 -3.44 42.47
CA PHE C 422 -5.46 -2.72 41.24
C PHE C 422 -4.52 -1.54 41.48
N LEU C 423 -4.55 -0.96 42.68
CA LEU C 423 -3.64 0.13 42.98
C LEU C 423 -2.25 -0.37 43.38
N ILE C 424 -2.14 -1.59 43.91
CA ILE C 424 -0.83 -2.13 44.21
C ILE C 424 -0.20 -2.78 42.98
N PHE C 425 -1.01 -3.16 41.98
CA PHE C 425 -0.45 -3.55 40.70
C PHE C 425 0.07 -2.34 39.94
N ASN C 426 -0.67 -1.24 39.98
CA ASN C 426 -0.33 -0.04 39.23
C ASN C 426 0.90 0.66 39.78
N ILE C 427 1.33 0.33 40.99
CA ILE C 427 2.58 0.82 41.54
C ILE C 427 3.74 -0.09 41.15
N PHE C 428 3.55 -1.41 41.21
CA PHE C 428 4.59 -2.35 40.85
C PHE C 428 4.87 -2.36 39.35
N TYR C 429 3.89 -1.97 38.54
CA TYR C 429 4.07 -1.96 37.09
C TYR C 429 5.01 -0.83 36.66
N TRP C 430 4.69 0.40 37.04
CA TRP C 430 5.43 1.56 36.53
C TRP C 430 6.80 1.72 37.18
N ILE C 431 7.02 1.16 38.36
CA ILE C 431 8.35 1.21 38.96
C ILE C 431 9.28 0.26 38.23
N THR C 432 8.74 -0.86 37.74
CA THR C 432 9.54 -1.84 37.01
C THR C 432 10.05 -1.27 35.70
N TYR C 433 9.21 -0.48 35.02
CA TYR C 433 9.58 0.04 33.71
C TYR C 433 10.22 1.43 33.82
N LYS C 434 10.28 1.96 35.04
CA LYS C 434 11.10 3.15 35.28
C LYS C 434 12.53 2.76 35.61
N ILE C 435 12.71 1.63 36.30
CA ILE C 435 14.05 1.12 36.58
C ILE C 435 14.71 0.62 35.30
N ILE C 436 14.00 -0.23 34.55
CA ILE C 436 14.54 -0.77 33.31
C ILE C 436 14.58 0.31 32.23
N PRO D 31 21.17 33.43 -43.98
CA PRO D 31 22.12 33.33 -42.86
C PRO D 31 22.20 31.91 -42.31
N MET D 32 22.69 31.79 -41.10
CA MET D 32 22.79 30.46 -40.50
C MET D 32 21.46 30.07 -39.85
N PRO D 33 21.15 28.78 -39.81
CA PRO D 33 20.09 28.32 -38.92
C PRO D 33 20.54 28.43 -37.49
N PRO D 34 19.60 28.52 -36.53
CA PRO D 34 20.00 28.80 -35.14
C PRO D 34 20.78 27.69 -34.49
N SER D 35 20.40 26.44 -34.71
CA SER D 35 21.08 25.33 -34.06
C SER D 35 22.49 25.13 -34.61
N GLU D 36 22.75 25.54 -35.84
CA GLU D 36 24.12 25.53 -36.35
C GLU D 36 24.90 26.73 -35.83
N PHE D 37 24.24 27.89 -35.71
CA PHE D 37 24.87 29.07 -35.13
C PHE D 37 25.16 28.85 -33.64
N LEU D 38 24.31 28.13 -32.95
CA LEU D 38 24.50 27.96 -31.52
C LEU D 38 25.53 26.88 -31.20
N ASP D 39 25.91 26.05 -32.18
CA ASP D 39 27.01 25.12 -31.97
C ASP D 39 28.35 25.83 -31.99
N LYS D 40 28.55 26.76 -32.94
CA LYS D 40 29.80 27.50 -32.99
C LYS D 40 29.87 28.58 -31.91
N LEU D 41 28.75 28.92 -31.28
CA LEU D 41 28.80 29.82 -30.13
C LEU D 41 29.35 29.11 -28.90
N MET D 42 29.21 27.78 -28.83
CA MET D 42 29.60 27.03 -27.65
C MET D 42 30.69 26.00 -27.92
N GLY D 43 30.52 25.16 -28.93
CA GLY D 43 31.33 23.96 -29.04
C GLY D 43 32.75 24.10 -29.56
N LYS D 44 33.71 24.00 -28.64
CA LYS D 44 35.13 23.69 -28.87
C LYS D 44 35.93 24.73 -29.63
N VAL D 45 35.32 25.82 -30.11
CA VAL D 45 36.04 26.75 -30.97
C VAL D 45 35.95 28.14 -30.37
N SER D 46 34.92 28.39 -29.55
CA SER D 46 34.74 29.68 -28.93
C SER D 46 35.30 29.74 -27.52
N GLY D 47 35.91 28.65 -27.04
CA GLY D 47 36.42 28.62 -25.69
C GLY D 47 35.38 28.50 -24.61
N TYR D 48 34.14 28.21 -24.97
CA TYR D 48 33.08 28.08 -23.97
C TYR D 48 33.20 26.71 -23.31
N ASP D 49 33.44 26.70 -22.02
CA ASP D 49 33.52 25.47 -21.24
C ASP D 49 32.32 25.44 -20.31
N ALA D 50 31.50 24.38 -20.44
CA ALA D 50 30.26 24.29 -19.69
C ALA D 50 30.46 23.92 -18.22
N ARG D 51 31.69 23.72 -17.78
CA ARG D 51 31.98 23.37 -16.40
C ARG D 51 32.36 24.58 -15.57
N ILE D 52 32.33 25.77 -16.16
CA ILE D 52 32.82 27.00 -15.53
C ILE D 52 31.69 28.01 -15.52
N ARG D 53 31.43 28.60 -14.34
CA ARG D 53 30.30 29.50 -14.18
C ARG D 53 30.56 30.83 -14.89
N PRO D 54 29.50 31.58 -15.20
CA PRO D 54 29.70 32.91 -15.79
C PRO D 54 30.32 33.87 -14.78
N ASN D 55 30.95 34.91 -15.33
CA ASN D 55 31.65 35.94 -14.56
C ASN D 55 32.67 35.32 -13.61
N PHE D 56 33.51 34.47 -14.17
CA PHE D 56 34.41 33.67 -13.35
C PHE D 56 35.55 34.53 -12.81
N LYS D 57 35.94 34.26 -11.55
CA LYS D 57 36.83 35.10 -10.76
C LYS D 57 36.34 36.54 -10.71
N GLY D 58 35.05 36.69 -10.46
CA GLY D 58 34.44 38.00 -10.36
C GLY D 58 33.30 38.00 -9.36
N PRO D 59 32.28 38.79 -9.64
CA PRO D 59 31.10 38.81 -8.78
C PRO D 59 30.32 37.51 -8.93
N PRO D 60 29.53 37.13 -7.94
CA PRO D 60 28.77 35.89 -8.04
C PRO D 60 27.63 35.99 -9.04
N VAL D 61 27.19 34.82 -9.51
CA VAL D 61 26.08 34.74 -10.45
C VAL D 61 24.77 34.94 -9.71
N ASN D 62 23.95 35.88 -10.18
CA ASN D 62 22.67 36.19 -9.55
C ASN D 62 21.57 35.46 -10.31
N VAL D 63 21.27 34.25 -9.86
CA VAL D 63 20.19 33.46 -10.44
C VAL D 63 18.89 33.85 -9.77
N THR D 64 17.90 34.22 -10.56
CA THR D 64 16.59 34.57 -10.04
C THR D 64 15.57 33.50 -10.41
N CYS D 65 14.71 33.15 -9.45
CA CYS D 65 13.86 31.98 -9.54
C CYS D 65 12.40 32.35 -9.29
N ASN D 66 11.50 31.63 -9.97
CA ASN D 66 10.09 31.64 -9.64
C ASN D 66 9.47 30.32 -10.08
N ILE D 67 8.42 29.91 -9.37
CA ILE D 67 7.81 28.61 -9.61
C ILE D 67 6.36 28.81 -10.02
N PHE D 68 5.78 27.74 -10.58
CA PHE D 68 4.39 27.72 -11.04
C PHE D 68 3.81 26.38 -10.62
N ILE D 69 2.99 26.38 -9.58
CA ILE D 69 2.41 25.15 -9.04
C ILE D 69 1.28 24.71 -9.95
N ASN D 70 1.53 23.67 -10.74
CA ASN D 70 0.45 23.05 -11.52
C ASN D 70 -0.50 22.30 -10.61
N SER D 71 0.01 21.28 -9.94
CA SER D 71 -0.79 20.45 -9.05
C SER D 71 -0.25 20.54 -7.64
N PHE D 72 -1.13 20.35 -6.67
CA PHE D 72 -0.78 20.44 -5.27
C PHE D 72 -1.64 19.42 -4.55
N GLY D 73 -1.11 18.82 -3.50
CA GLY D 73 -1.99 18.03 -2.69
C GLY D 73 -1.41 16.68 -2.37
N SER D 74 -2.32 15.75 -2.06
CA SER D 74 -2.03 14.49 -1.37
C SER D 74 -1.17 14.74 -0.13
N ILE D 75 -1.66 15.64 0.72
CA ILE D 75 -0.95 16.06 1.92
C ILE D 75 -1.15 15.01 2.99
N ALA D 76 -0.23 14.05 3.05
CA ALA D 76 -0.34 13.00 4.05
C ALA D 76 0.17 13.50 5.40
N GLU D 77 -0.32 12.85 6.45
CA GLU D 77 0.09 13.19 7.80
C GLU D 77 0.72 12.03 8.56
N THR D 78 0.49 10.80 8.11
CA THR D 78 1.26 9.67 8.61
C THR D 78 2.73 9.82 8.25
N THR D 79 3.01 10.26 7.02
CA THR D 79 4.36 10.48 6.55
C THR D 79 4.81 11.92 6.76
N MET D 80 3.86 12.84 6.95
CA MET D 80 4.08 14.28 7.03
C MET D 80 4.82 14.82 5.81
N ASP D 81 4.17 14.65 4.65
CA ASP D 81 4.72 15.14 3.40
C ASP D 81 3.58 15.53 2.47
N TYR D 82 3.94 16.24 1.41
CA TYR D 82 2.96 16.67 0.42
C TYR D 82 3.62 16.66 -0.95
N ARG D 83 2.82 16.35 -1.97
CA ARG D 83 3.31 16.24 -3.34
C ARG D 83 2.96 17.49 -4.11
N VAL D 84 3.92 18.04 -4.85
CA VAL D 84 3.70 19.24 -5.63
C VAL D 84 4.27 18.99 -7.03
N ASN D 85 3.76 19.73 -8.00
CA ASN D 85 4.14 19.57 -9.40
C ASN D 85 4.36 20.96 -9.98
N ILE D 86 5.63 21.36 -10.11
CA ILE D 86 5.96 22.76 -10.36
C ILE D 86 6.66 22.92 -11.70
N PHE D 87 6.61 24.15 -12.20
CA PHE D 87 7.47 24.63 -13.29
C PHE D 87 8.53 25.51 -12.66
N LEU D 88 9.77 25.04 -12.60
CA LEU D 88 10.85 25.78 -11.98
C LEU D 88 11.57 26.60 -13.04
N ARG D 89 11.40 27.92 -12.99
CA ARG D 89 12.03 28.83 -13.95
C ARG D 89 13.26 29.45 -13.29
N GLN D 90 14.38 29.45 -14.01
CA GLN D 90 15.63 30.02 -13.51
C GLN D 90 16.18 30.96 -14.55
N GLN D 91 16.58 32.17 -14.12
CA GLN D 91 17.13 33.15 -15.04
C GLN D 91 18.45 33.65 -14.48
N TRP D 92 19.47 33.69 -15.32
CA TRP D 92 20.75 34.26 -14.94
C TRP D 92 21.34 34.94 -16.16
N ASN D 93 22.53 35.50 -16.00
CA ASN D 93 23.21 36.17 -17.09
C ASN D 93 24.51 35.45 -17.38
N ASP D 94 24.78 35.23 -18.66
CA ASP D 94 25.96 34.50 -19.11
C ASP D 94 26.58 35.30 -20.24
N PRO D 95 27.67 36.04 -19.97
CA PRO D 95 28.21 36.95 -20.99
C PRO D 95 28.87 36.24 -22.16
N ARG D 96 29.23 34.97 -22.03
CA ARG D 96 29.82 34.23 -23.12
C ARG D 96 28.79 33.81 -24.17
N LEU D 97 27.51 33.88 -23.83
CA LEU D 97 26.43 33.52 -24.74
C LEU D 97 25.80 34.75 -25.39
N ALA D 98 26.47 35.90 -25.33
CA ALA D 98 25.89 37.15 -25.81
C ALA D 98 26.28 37.35 -27.27
N TYR D 99 25.47 36.80 -28.17
CA TYR D 99 25.66 37.06 -29.59
C TYR D 99 25.20 38.47 -29.92
N SER D 100 25.69 38.99 -31.04
CA SER D 100 25.35 40.36 -31.41
C SER D 100 24.93 40.47 -32.87
N GLU D 101 25.41 39.57 -33.72
CA GLU D 101 25.21 39.73 -35.16
C GLU D 101 24.04 38.93 -35.71
N TYR D 102 23.51 37.97 -34.95
CA TYR D 102 22.38 37.20 -35.42
C TYR D 102 21.12 38.05 -35.30
N PRO D 103 20.23 38.02 -36.31
CA PRO D 103 19.14 39.01 -36.36
C PRO D 103 18.03 38.82 -35.34
N ASP D 104 17.87 37.64 -34.74
CA ASP D 104 16.74 37.40 -33.86
C ASP D 104 16.99 37.96 -32.46
N ASP D 105 16.01 37.77 -31.59
CA ASP D 105 16.10 38.21 -30.20
C ASP D 105 16.18 37.07 -29.20
N SER D 106 15.81 35.85 -29.59
CA SER D 106 15.81 34.72 -28.67
C SER D 106 16.07 33.45 -29.43
N LEU D 107 17.19 32.80 -29.13
CA LEU D 107 17.53 31.49 -29.65
C LEU D 107 17.09 30.44 -28.64
N ASP D 108 16.24 29.52 -29.08
CA ASP D 108 15.91 28.40 -28.22
C ASP D 108 17.00 27.34 -28.29
N LEU D 109 16.84 26.30 -27.49
CA LEU D 109 17.78 25.19 -27.46
C LEU D 109 17.01 23.98 -26.96
N ASP D 110 16.89 22.95 -27.78
CA ASP D 110 16.15 21.77 -27.38
C ASP D 110 16.97 20.98 -26.36
N PRO D 111 16.32 20.19 -25.49
CA PRO D 111 17.05 19.52 -24.41
C PRO D 111 18.01 18.41 -24.84
N SER D 112 18.18 18.13 -26.13
CA SER D 112 19.22 17.19 -26.53
C SER D 112 20.60 17.80 -26.37
N MET D 113 20.73 19.11 -26.58
CA MET D 113 21.99 19.83 -26.43
C MET D 113 22.06 20.64 -25.15
N LEU D 114 21.33 20.24 -24.11
CA LEU D 114 21.24 21.03 -22.89
C LEU D 114 22.38 20.76 -21.93
N ASP D 115 23.19 19.73 -22.19
CA ASP D 115 24.40 19.48 -21.40
C ASP D 115 25.58 20.31 -21.86
N SER D 116 25.36 21.28 -22.75
CA SER D 116 26.44 22.08 -23.32
C SER D 116 26.50 23.49 -22.78
N ILE D 117 25.57 23.90 -21.92
CA ILE D 117 25.64 25.20 -21.26
C ILE D 117 25.96 24.97 -19.79
N TRP D 118 26.22 26.07 -19.09
CA TRP D 118 26.27 26.05 -17.63
C TRP D 118 24.86 26.15 -17.08
N LYS D 119 24.56 25.34 -16.07
CA LYS D 119 23.30 25.42 -15.38
C LYS D 119 23.56 25.46 -13.88
N PRO D 120 22.76 26.20 -13.12
CA PRO D 120 22.94 26.21 -11.66
C PRO D 120 22.54 24.88 -11.06
N ASP D 121 23.31 24.45 -10.06
CA ASP D 121 23.08 23.17 -9.41
C ASP D 121 22.12 23.31 -8.24
N LEU D 122 20.91 23.75 -8.57
CA LEU D 122 19.86 23.92 -7.57
C LEU D 122 19.38 22.55 -7.11
N PHE D 123 18.99 22.48 -5.84
CA PHE D 123 18.32 21.29 -5.33
C PHE D 123 17.39 21.75 -4.23
N PHE D 124 16.50 20.86 -3.83
CA PHE D 124 15.52 21.16 -2.80
C PHE D 124 15.99 20.51 -1.51
N ALA D 125 16.04 21.30 -0.43
CA ALA D 125 16.66 20.80 0.80
C ALA D 125 15.78 19.79 1.53
N ASN D 126 14.54 19.60 1.12
CA ASN D 126 13.62 18.61 1.64
C ASN D 126 12.95 17.87 0.50
N GLU D 127 13.77 17.31 -0.41
CA GLU D 127 13.26 16.59 -1.58
C GLU D 127 12.41 15.39 -1.19
N LYS D 128 12.98 14.45 -0.43
CA LYS D 128 12.36 13.16 -0.08
C LYS D 128 11.88 12.43 -1.33
N GLY D 129 12.73 12.40 -2.35
CA GLY D 129 12.35 11.80 -3.61
C GLY D 129 11.71 12.79 -4.56
N ALA D 130 12.30 12.92 -5.75
CA ALA D 130 11.77 13.82 -6.77
C ALA D 130 12.25 13.34 -8.13
N ASN D 131 11.40 13.51 -9.14
CA ASN D 131 11.74 13.03 -10.46
C ASN D 131 11.37 14.05 -11.52
N PHE D 132 12.01 13.93 -12.68
CA PHE D 132 11.65 14.73 -13.83
C PHE D 132 10.46 14.13 -14.55
N HIS D 133 10.01 14.81 -15.60
CA HIS D 133 8.99 14.31 -16.51
C HIS D 133 9.60 14.23 -17.89
N GLU D 134 9.56 13.04 -18.49
CA GLU D 134 10.26 12.77 -19.74
C GLU D 134 9.35 12.04 -20.71
N VAL D 135 8.12 12.51 -20.86
CA VAL D 135 7.14 11.87 -21.73
C VAL D 135 7.00 12.69 -23.02
N THR D 136 7.34 12.04 -24.13
CA THR D 136 7.32 12.41 -25.54
C THR D 136 8.48 13.37 -25.89
N THR D 137 9.10 13.95 -24.87
CA THR D 137 10.25 14.86 -24.95
C THR D 137 10.62 15.14 -23.51
N ASP D 138 11.91 15.33 -23.20
CA ASP D 138 12.32 15.90 -21.93
C ASP D 138 11.63 17.24 -21.72
N ASN D 139 10.79 17.33 -20.69
CA ASN D 139 10.01 18.54 -20.44
C ASN D 139 10.94 19.59 -19.84
N LYS D 140 11.71 20.23 -20.73
CA LYS D 140 12.73 21.21 -20.38
C LYS D 140 12.72 22.30 -21.43
N LEU D 141 12.97 23.54 -21.00
CA LEU D 141 12.91 24.70 -21.87
C LEU D 141 14.16 25.54 -21.69
N LEU D 142 14.71 26.03 -22.80
CA LEU D 142 15.86 26.93 -22.72
C LEU D 142 15.75 27.96 -23.82
N ARG D 143 16.00 29.22 -23.50
CA ARG D 143 16.08 30.26 -24.51
C ARG D 143 17.07 31.32 -24.08
N ILE D 144 17.84 31.82 -25.04
CA ILE D 144 18.96 32.70 -24.80
C ILE D 144 18.70 34.01 -25.52
N SER D 145 18.69 35.11 -24.76
CA SER D 145 18.46 36.43 -25.34
C SER D 145 19.75 36.96 -25.96
N LYS D 146 19.68 38.19 -26.47
CA LYS D 146 20.85 38.78 -27.12
C LYS D 146 21.91 39.22 -26.11
N ASN D 147 21.49 39.85 -25.02
CA ASN D 147 22.46 40.32 -24.04
C ASN D 147 23.02 39.20 -23.16
N GLY D 148 22.48 37.99 -23.26
CA GLY D 148 22.98 36.86 -22.51
C GLY D 148 22.02 36.28 -21.50
N ASN D 149 20.81 36.83 -21.39
CA ASN D 149 19.84 36.33 -20.42
C ASN D 149 19.35 34.95 -20.84
N VAL D 150 19.35 34.02 -19.90
CA VAL D 150 19.06 32.62 -20.16
C VAL D 150 17.87 32.22 -19.30
N LEU D 151 16.74 31.94 -19.95
CA LEU D 151 15.58 31.37 -19.27
C LEU D 151 15.69 29.85 -19.31
N TYR D 152 15.36 29.21 -18.20
CA TYR D 152 15.51 27.76 -18.07
C TYR D 152 14.37 27.23 -17.24
N SER D 153 13.36 26.66 -17.89
CA SER D 153 12.15 26.19 -17.23
C SER D 153 12.09 24.67 -17.35
N ILE D 154 11.99 23.99 -16.21
CA ILE D 154 11.87 22.54 -16.19
C ILE D 154 10.65 22.17 -15.36
N ARG D 155 10.18 20.95 -15.55
CA ARG D 155 9.01 20.43 -14.85
C ARG D 155 9.47 19.35 -13.89
N ILE D 156 9.16 19.53 -12.60
CA ILE D 156 9.62 18.64 -11.54
C ILE D 156 8.39 18.19 -10.76
N THR D 157 8.39 16.94 -10.30
CA THR D 157 7.45 16.47 -9.30
C THR D 157 8.19 16.22 -7.99
N LEU D 158 7.79 16.91 -6.93
CA LEU D 158 8.46 16.87 -5.64
C LEU D 158 7.56 16.20 -4.62
N VAL D 159 8.16 15.51 -3.65
CA VAL D 159 7.38 15.05 -2.50
C VAL D 159 7.99 15.68 -1.26
N LEU D 160 7.59 16.91 -0.97
CA LEU D 160 8.32 17.73 -0.01
C LEU D 160 7.93 17.39 1.41
N ALA D 161 8.85 17.61 2.34
CA ALA D 161 8.61 17.33 3.75
C ALA D 161 8.28 18.61 4.49
N CYS D 162 7.21 18.57 5.28
CA CYS D 162 6.89 19.69 6.16
C CYS D 162 6.45 19.15 7.51
N PRO D 163 7.00 19.66 8.61
CA PRO D 163 6.61 19.18 9.95
C PRO D 163 5.24 19.70 10.32
N MET D 164 4.31 18.78 10.54
CA MET D 164 2.94 19.11 10.89
C MET D 164 2.87 19.45 12.37
N ASP D 165 2.21 20.54 12.71
CA ASP D 165 1.97 20.95 14.10
C ASP D 165 0.47 20.79 14.36
N LEU D 166 0.10 19.73 15.10
CA LEU D 166 -1.28 19.33 15.27
C LEU D 166 -1.79 19.59 16.68
N LYS D 167 -1.43 20.74 17.27
CA LYS D 167 -1.89 21.05 18.62
C LYS D 167 -3.38 21.31 18.66
N ASN D 168 -3.92 21.92 17.60
CA ASN D 168 -5.34 22.19 17.49
C ASN D 168 -5.82 21.63 16.15
N PHE D 169 -6.16 20.34 16.14
CA PHE D 169 -6.09 19.57 14.89
C PHE D 169 -7.13 19.92 13.84
N PRO D 170 -8.44 20.00 14.11
CA PRO D 170 -9.34 20.36 13.00
C PRO D 170 -9.35 21.84 12.67
N MET D 171 -8.70 22.68 13.47
CA MET D 171 -8.72 24.12 13.27
C MET D 171 -7.33 24.71 13.08
N ASP D 172 -6.38 23.93 12.59
CA ASP D 172 -5.01 24.42 12.48
C ASP D 172 -4.76 25.07 11.12
N VAL D 173 -3.70 25.87 11.08
CA VAL D 173 -3.23 26.49 9.85
C VAL D 173 -1.80 25.98 9.66
N GLN D 174 -1.65 24.99 8.77
CA GLN D 174 -0.33 24.43 8.51
C GLN D 174 0.50 25.38 7.67
N THR D 175 1.80 25.37 7.91
CA THR D 175 2.74 26.17 7.13
C THR D 175 3.77 25.20 6.58
N CYS D 176 3.59 24.81 5.32
CA CYS D 176 4.51 23.89 4.67
C CYS D 176 5.38 24.65 3.68
N ILE D 177 6.69 24.45 3.77
CA ILE D 177 7.65 25.27 3.08
C ILE D 177 8.32 24.45 1.97
N MET D 178 9.02 25.16 1.09
CA MET D 178 9.92 24.53 0.13
C MET D 178 11.11 25.45 -0.07
N GLN D 179 12.31 24.88 -0.03
CA GLN D 179 13.52 25.69 -0.03
C GLN D 179 14.50 25.18 -1.08
N LEU D 180 15.12 26.14 -1.77
CA LEU D 180 15.88 25.91 -3.00
C LEU D 180 17.32 26.32 -2.75
N GLU D 181 18.20 25.34 -2.51
CA GLU D 181 19.57 25.64 -2.17
C GLU D 181 20.49 25.41 -3.36
N SER D 182 21.73 25.84 -3.19
CA SER D 182 22.82 25.41 -4.06
C SER D 182 23.57 24.28 -3.38
N PHE D 183 24.09 23.36 -4.19
CA PHE D 183 24.78 22.22 -3.62
C PHE D 183 26.30 22.32 -3.74
N GLY D 184 26.81 22.92 -4.80
CA GLY D 184 28.23 22.91 -5.01
C GLY D 184 28.91 24.26 -4.92
N TYR D 185 28.17 25.33 -5.20
CA TYR D 185 28.70 26.68 -5.22
C TYR D 185 28.28 27.40 -3.95
N THR D 186 29.22 28.12 -3.36
CA THR D 186 28.97 28.81 -2.10
C THR D 186 28.32 30.17 -2.37
N MET D 187 28.20 30.99 -1.33
CA MET D 187 27.54 32.28 -1.45
C MET D 187 28.38 33.27 -2.26
N ASN D 188 29.69 33.14 -2.24
CA ASN D 188 30.51 34.03 -3.05
C ASN D 188 30.66 33.58 -4.50
N ASP D 189 29.87 32.61 -4.96
CA ASP D 189 29.86 32.18 -6.35
C ASP D 189 28.48 32.11 -6.97
N LEU D 190 27.40 32.00 -6.19
CA LEU D 190 26.08 31.78 -6.75
C LEU D 190 25.04 32.18 -5.71
N ILE D 191 24.19 33.13 -6.06
CA ILE D 191 23.19 33.67 -5.14
C ILE D 191 21.81 33.49 -5.76
N PHE D 192 20.89 32.90 -5.02
CA PHE D 192 19.51 32.74 -5.46
C PHE D 192 18.64 33.88 -4.95
N GLU D 193 17.73 34.34 -5.80
CA GLU D 193 16.79 35.39 -5.46
C GLU D 193 15.42 35.02 -5.98
N TRP D 194 14.38 35.53 -5.33
CA TRP D 194 13.05 35.50 -5.90
C TRP D 194 12.86 36.77 -6.72
N ASP D 195 12.28 36.64 -7.90
CA ASP D 195 12.02 37.84 -8.68
C ASP D 195 10.83 38.60 -8.11
N GLU D 196 10.83 39.91 -8.34
CA GLU D 196 9.82 40.78 -7.76
C GLU D 196 8.49 40.72 -8.48
N LYS D 197 8.44 40.14 -9.68
CA LYS D 197 7.22 40.09 -10.48
C LYS D 197 6.48 38.76 -10.30
N GLY D 198 5.94 38.57 -9.10
CA GLY D 198 5.16 37.38 -8.84
C GLY D 198 5.99 36.11 -8.73
N ALA D 199 6.72 35.98 -7.62
CA ALA D 199 7.69 34.90 -7.47
C ALA D 199 7.05 33.53 -7.30
N VAL D 200 5.78 33.44 -6.92
CA VAL D 200 5.08 32.16 -6.86
C VAL D 200 3.73 32.35 -7.53
N GLN D 201 3.54 31.75 -8.70
CA GLN D 201 2.23 31.70 -9.31
C GLN D 201 1.57 30.36 -9.02
N VAL D 202 0.25 30.39 -8.94
CA VAL D 202 -0.57 29.21 -8.70
C VAL D 202 -1.47 29.04 -9.91
N ALA D 203 -1.79 27.80 -10.26
CA ALA D 203 -2.68 27.51 -11.39
C ALA D 203 -4.08 28.06 -11.15
N ASP D 204 -4.86 28.13 -12.23
CA ASP D 204 -6.11 28.86 -12.22
C ASP D 204 -7.17 28.15 -11.37
N GLY D 205 -7.44 26.89 -11.66
CA GLY D 205 -8.47 26.20 -10.93
C GLY D 205 -7.93 25.20 -9.92
N LEU D 206 -6.87 25.57 -9.22
CA LEU D 206 -6.23 24.65 -8.29
C LEU D 206 -7.02 24.63 -6.99
N THR D 207 -7.72 23.52 -6.75
CA THR D 207 -8.46 23.32 -5.51
C THR D 207 -7.93 22.08 -4.80
N LEU D 208 -7.86 22.17 -3.49
CA LEU D 208 -7.47 21.05 -2.65
C LEU D 208 -8.71 20.43 -2.01
N PRO D 209 -8.73 19.11 -1.81
CA PRO D 209 -9.91 18.49 -1.21
C PRO D 209 -10.07 18.78 0.26
N GLN D 210 -8.97 18.90 1.01
CA GLN D 210 -9.03 19.08 2.45
C GLN D 210 -8.62 20.45 2.93
N PHE D 211 -7.80 21.16 2.17
CA PHE D 211 -7.19 22.41 2.59
C PHE D 211 -7.61 23.52 1.65
N ILE D 212 -7.24 24.75 1.99
CA ILE D 212 -7.26 25.87 1.06
C ILE D 212 -5.92 26.58 1.14
N LEU D 213 -5.43 27.04 0.00
CA LEU D 213 -4.14 27.70 -0.08
C LEU D 213 -4.36 29.21 0.00
N LYS D 214 -3.82 29.83 1.04
CA LYS D 214 -4.00 31.27 1.21
C LYS D 214 -3.16 32.03 0.19
N GLU D 215 -3.62 33.24 -0.14
CA GLU D 215 -2.98 33.98 -1.23
C GLU D 215 -1.67 34.60 -0.80
N GLU D 216 -1.53 34.96 0.47
CA GLU D 216 -0.30 35.56 0.95
C GLU D 216 0.74 34.47 1.18
N LYS D 217 1.84 34.53 0.43
CA LYS D 217 2.90 33.55 0.52
C LYS D 217 4.19 34.25 0.92
N ASP D 218 4.75 33.85 2.05
CA ASP D 218 5.95 34.48 2.56
C ASP D 218 7.16 34.07 1.74
N LEU D 219 8.05 35.02 1.51
CA LEU D 219 9.25 34.82 0.70
C LEU D 219 10.43 35.30 1.51
N ARG D 220 11.24 34.38 2.04
CA ARG D 220 12.31 34.78 2.92
C ARG D 220 13.53 33.90 2.66
N TYR D 221 14.63 34.26 3.31
CA TYR D 221 15.90 33.59 3.11
C TYR D 221 16.16 32.55 4.20
N CYS D 222 16.97 31.55 3.85
CA CYS D 222 17.24 30.41 4.71
C CYS D 222 18.69 29.97 4.60
N THR D 223 19.62 30.94 4.56
CA THR D 223 21.02 30.70 4.21
C THR D 223 21.69 29.72 5.16
N LYS D 224 22.17 28.61 4.61
CA LYS D 224 22.70 27.51 5.39
C LYS D 224 24.19 27.68 5.63
N HIS D 225 24.64 27.26 6.81
CA HIS D 225 26.04 27.27 7.18
C HIS D 225 26.45 25.85 7.52
N TYR D 226 27.37 25.30 6.73
CA TYR D 226 27.94 23.99 7.03
C TYR D 226 29.43 24.17 7.32
N ASN D 227 30.09 23.05 7.61
CA ASN D 227 31.53 23.08 7.71
C ASN D 227 32.23 23.06 6.35
N THR D 228 31.47 22.86 5.27
CA THR D 228 32.01 23.04 3.93
C THR D 228 32.07 24.52 3.56
N GLY D 229 31.01 25.25 3.87
CA GLY D 229 30.97 26.67 3.57
C GLY D 229 29.60 27.20 3.92
N LYS D 230 29.25 28.34 3.35
CA LYS D 230 27.89 28.86 3.46
C LYS D 230 27.24 28.87 2.09
N PHE D 231 26.05 28.30 2.01
CA PHE D 231 25.39 28.03 0.74
C PHE D 231 24.09 28.82 0.67
N THR D 232 23.76 29.28 -0.52
CA THR D 232 22.59 30.12 -0.68
C THR D 232 21.32 29.28 -0.58
N CYS D 233 20.23 29.95 -0.24
CA CYS D 233 18.95 29.30 0.03
C CYS D 233 17.87 30.36 0.01
N ILE D 234 16.76 30.05 -0.65
CA ILE D 234 15.57 30.88 -0.63
C ILE D 234 14.40 29.94 -0.36
N GLU D 235 13.36 30.45 0.28
CA GLU D 235 12.22 29.58 0.54
C GLU D 235 10.91 30.35 0.49
N ALA D 236 9.86 29.62 0.14
CA ALA D 236 8.51 30.14 0.07
C ALA D 236 7.64 29.34 1.02
N ARG D 237 6.96 30.04 1.92
CA ARG D 237 6.01 29.42 2.83
C ARG D 237 4.65 29.32 2.15
N PHE D 238 3.94 28.23 2.43
CA PHE D 238 2.57 28.05 1.96
C PHE D 238 1.68 27.82 3.17
N HIS D 239 0.70 28.70 3.36
CA HIS D 239 -0.22 28.59 4.50
C HIS D 239 -1.43 27.79 4.07
N LEU D 240 -1.63 26.63 4.67
CA LEU D 240 -2.68 25.69 4.31
C LEU D 240 -3.70 25.64 5.43
N GLU D 241 -4.85 26.25 5.23
CA GLU D 241 -5.94 26.25 6.20
C GLU D 241 -6.89 25.10 5.90
N ARG D 242 -7.29 24.37 6.94
CA ARG D 242 -8.13 23.21 6.70
C ARG D 242 -9.56 23.60 6.37
N GLN D 243 -10.29 22.62 5.86
CA GLN D 243 -11.73 22.68 5.72
C GLN D 243 -12.32 21.96 6.93
N MET D 244 -12.92 22.73 7.83
CA MET D 244 -13.45 22.17 9.07
C MET D 244 -14.74 21.40 8.83
N GLY D 245 -15.39 21.60 7.68
CA GLY D 245 -16.70 21.04 7.42
C GLY D 245 -16.76 19.53 7.32
N TYR D 246 -15.63 18.87 7.09
CA TYR D 246 -15.64 17.42 7.12
C TYR D 246 -15.72 16.88 8.53
N TYR D 247 -14.86 17.37 9.41
CA TYR D 247 -14.83 16.87 10.79
C TYR D 247 -16.06 17.29 11.57
N LEU D 248 -16.72 18.37 11.14
CA LEU D 248 -17.97 18.79 11.72
C LEU D 248 -19.15 17.91 11.29
N ILE D 249 -18.93 16.96 10.40
CA ILE D 249 -19.95 15.99 10.02
C ILE D 249 -19.66 14.61 10.61
N GLN D 250 -18.41 14.15 10.59
CA GLN D 250 -18.11 12.82 11.10
C GLN D 250 -17.62 12.80 12.55
N MET D 251 -16.85 13.80 12.97
CA MET D 251 -16.25 13.71 14.30
C MET D 251 -17.10 14.37 15.38
N TYR D 252 -17.79 15.46 15.08
CA TYR D 252 -18.46 16.25 16.11
C TYR D 252 -19.93 15.89 16.30
N ILE D 253 -20.70 15.75 15.22
CA ILE D 253 -22.13 15.46 15.33
C ILE D 253 -22.39 14.02 15.83
N PRO D 254 -21.71 12.96 15.36
CA PRO D 254 -21.90 11.66 16.05
C PRO D 254 -21.29 11.58 17.43
N SER D 255 -20.48 12.55 17.85
CA SER D 255 -20.10 12.68 19.24
C SER D 255 -21.02 13.63 19.99
N LEU D 256 -21.91 14.31 19.29
CA LEU D 256 -22.93 15.15 19.91
C LEU D 256 -24.21 14.36 20.19
N LEU D 257 -24.61 13.47 19.28
CA LEU D 257 -25.86 12.74 19.46
C LEU D 257 -25.74 11.62 20.49
N ILE D 258 -24.54 11.06 20.68
CA ILE D 258 -24.35 10.06 21.75
C ILE D 258 -24.50 10.71 23.11
N VAL D 259 -24.10 11.98 23.24
CA VAL D 259 -24.31 12.71 24.48
C VAL D 259 -25.80 12.97 24.70
N ILE D 260 -26.54 13.28 23.63
CA ILE D 260 -27.98 13.43 23.73
C ILE D 260 -28.65 12.07 23.98
N LEU D 261 -28.08 11.01 23.43
CA LEU D 261 -28.61 9.66 23.65
C LEU D 261 -28.42 9.22 25.08
N SER D 262 -27.34 9.65 25.73
CA SER D 262 -27.16 9.37 27.14
C SER D 262 -28.10 10.17 28.02
N TRP D 263 -28.70 11.24 27.49
CA TRP D 263 -29.66 12.03 28.24
C TRP D 263 -31.06 11.47 28.15
N VAL D 264 -31.27 10.41 27.34
CA VAL D 264 -32.55 9.73 27.28
C VAL D 264 -32.77 8.92 28.55
N SER D 265 -31.68 8.45 29.17
CA SER D 265 -31.74 7.58 30.34
C SER D 265 -32.31 8.27 31.58
N PHE D 266 -32.45 9.59 31.58
CA PHE D 266 -33.00 10.28 32.73
C PHE D 266 -34.52 10.21 32.77
N TRP D 267 -35.14 9.79 31.67
CA TRP D 267 -36.58 9.76 31.54
C TRP D 267 -37.16 8.35 31.64
N ILE D 268 -36.37 7.32 31.34
CA ILE D 268 -36.87 5.96 31.25
C ILE D 268 -37.09 5.41 32.65
N ASN D 269 -38.35 5.22 33.04
CA ASN D 269 -38.86 4.57 34.25
C ASN D 269 -38.56 5.31 35.55
N MET D 270 -37.77 6.37 35.52
CA MET D 270 -37.69 7.51 36.45
C MET D 270 -37.27 7.18 37.88
N ASP D 271 -37.14 5.90 38.24
CA ASP D 271 -36.49 5.58 39.51
C ASP D 271 -35.47 4.45 39.35
N ALA D 272 -35.82 3.43 38.58
CA ALA D 272 -35.05 2.19 38.52
C ALA D 272 -35.55 1.34 37.36
N ALA D 273 -34.62 0.73 36.64
CA ALA D 273 -34.93 -0.15 35.52
C ALA D 273 -33.70 -0.99 35.22
N PRO D 274 -33.87 -2.14 34.57
CA PRO D 274 -32.74 -2.81 33.92
C PRO D 274 -32.42 -2.29 32.52
N ALA D 275 -33.04 -1.17 32.11
CA ALA D 275 -32.80 -0.59 30.80
C ALA D 275 -32.00 0.70 30.84
N ARG D 276 -31.99 1.42 31.97
CA ARG D 276 -31.13 2.60 32.08
C ARG D 276 -29.67 2.19 32.14
N VAL D 277 -29.37 1.00 32.67
CA VAL D 277 -28.01 0.50 32.66
C VAL D 277 -27.60 0.17 31.22
N GLY D 278 -28.52 -0.43 30.46
CA GLY D 278 -28.23 -0.76 29.07
C GLY D 278 -28.02 0.45 28.19
N LEU D 279 -28.63 1.58 28.53
CA LEU D 279 -28.33 2.83 27.85
C LEU D 279 -27.12 3.53 28.46
N GLY D 280 -26.73 3.15 29.67
CA GLY D 280 -25.54 3.69 30.28
C GLY D 280 -24.28 2.96 29.86
N ILE D 281 -24.38 1.65 29.61
CA ILE D 281 -23.22 0.89 29.14
C ILE D 281 -22.92 1.23 27.69
N THR D 282 -23.96 1.22 26.85
CA THR D 282 -23.76 1.13 25.41
C THR D 282 -23.30 2.46 24.82
N THR D 283 -23.70 3.57 25.42
CA THR D 283 -23.25 4.87 24.98
C THR D 283 -21.86 5.25 25.52
N VAL D 284 -21.19 4.32 26.20
CA VAL D 284 -19.79 4.47 26.57
C VAL D 284 -18.97 3.64 25.59
N LEU D 285 -19.58 2.57 25.08
CA LEU D 285 -18.92 1.67 24.14
C LEU D 285 -18.60 2.37 22.82
N THR D 286 -19.65 2.84 22.14
CA THR D 286 -19.48 3.57 20.89
C THR D 286 -18.97 4.98 21.09
N MET D 287 -18.85 5.44 22.33
CA MET D 287 -18.07 6.65 22.58
C MET D 287 -16.59 6.32 22.65
N THR D 288 -16.24 5.17 23.21
CA THR D 288 -14.85 4.75 23.26
C THR D 288 -14.37 4.25 21.91
N THR D 289 -15.23 3.55 21.18
CA THR D 289 -14.88 3.06 19.84
C THR D 289 -14.69 4.22 18.88
N GLN D 290 -15.52 5.26 18.99
CA GLN D 290 -15.34 6.45 18.16
C GLN D 290 -14.14 7.27 18.60
N SER D 291 -13.75 7.16 19.89
CA SER D 291 -12.55 7.83 20.36
C SER D 291 -11.29 7.23 19.74
N SER D 292 -11.25 5.91 19.62
CA SER D 292 -10.16 5.27 18.88
C SER D 292 -10.34 5.44 17.38
N GLY D 293 -11.59 5.55 16.92
CA GLY D 293 -11.85 5.78 15.51
C GLY D 293 -11.62 7.20 15.04
N SER D 294 -11.46 8.15 15.97
CA SER D 294 -11.17 9.52 15.59
C SER D 294 -9.72 9.72 15.22
N ARG D 295 -8.85 8.77 15.54
CA ARG D 295 -7.42 8.89 15.27
C ARG D 295 -6.92 7.67 14.52
N ALA D 296 -7.65 7.29 13.47
CA ALA D 296 -7.30 6.08 12.72
C ALA D 296 -6.13 6.33 11.78
N SER D 297 -6.12 7.47 11.10
CA SER D 297 -5.08 7.75 10.13
C SER D 297 -4.31 9.02 10.49
N LEU D 298 -3.88 9.12 11.74
CA LEU D 298 -3.14 10.27 12.23
C LEU D 298 -1.77 9.84 12.75
N PRO D 299 -0.79 10.72 12.75
CA PRO D 299 0.49 10.38 13.36
C PRO D 299 0.36 10.25 14.87
N LYS D 300 1.27 9.47 15.46
CA LYS D 300 1.19 9.15 16.87
C LYS D 300 1.93 10.22 17.67
N VAL D 301 1.31 11.39 17.73
CA VAL D 301 1.91 12.54 18.41
C VAL D 301 1.77 12.37 19.92
N SER D 302 2.73 12.94 20.64
CA SER D 302 2.74 12.80 22.09
C SER D 302 1.75 13.73 22.76
N TYR D 303 1.64 14.96 22.28
CA TYR D 303 0.79 15.96 22.91
C TYR D 303 -0.69 15.68 22.64
N VAL D 304 -1.53 16.35 23.40
CA VAL D 304 -2.98 16.24 23.28
C VAL D 304 -3.47 17.31 22.31
N LYS D 305 -4.43 16.96 21.48
CA LYS D 305 -4.89 17.83 20.39
C LYS D 305 -6.33 18.25 20.61
N ALA D 306 -6.87 19.00 19.66
CA ALA D 306 -8.19 19.60 19.83
C ALA D 306 -9.30 18.58 19.76
N ILE D 307 -9.16 17.55 18.93
CA ILE D 307 -10.19 16.52 18.85
C ILE D 307 -10.10 15.56 20.02
N ASP D 308 -9.01 15.57 20.77
CA ASP D 308 -8.90 14.71 21.94
C ASP D 308 -9.56 15.32 23.17
N ILE D 309 -9.66 16.65 23.25
CA ILE D 309 -10.33 17.25 24.40
C ILE D 309 -11.78 17.50 24.06
N TRP D 310 -12.24 17.00 22.92
CA TRP D 310 -13.66 16.84 22.66
C TRP D 310 -14.13 15.43 22.90
N MET D 311 -13.36 14.44 22.46
CA MET D 311 -13.75 13.05 22.61
C MET D 311 -13.50 12.50 24.00
N ALA D 312 -12.84 13.27 24.88
CA ALA D 312 -12.67 12.88 26.27
C ALA D 312 -13.55 13.66 27.24
N VAL D 313 -14.07 14.80 26.82
CA VAL D 313 -15.08 15.50 27.63
C VAL D 313 -16.47 14.98 27.31
N CYS D 314 -16.77 14.74 26.03
CA CYS D 314 -18.01 14.06 25.69
C CYS D 314 -17.99 12.58 26.06
N LEU D 315 -16.83 12.00 26.35
CA LEU D 315 -16.80 10.72 27.05
C LEU D 315 -17.17 10.88 28.51
N LEU D 316 -16.88 12.05 29.09
CA LEU D 316 -17.17 12.26 30.50
C LEU D 316 -18.65 12.48 30.75
N PHE D 317 -19.35 13.12 29.81
CA PHE D 317 -20.80 13.32 29.96
C PHE D 317 -21.60 12.05 29.70
N VAL D 318 -21.03 11.07 29.00
CA VAL D 318 -21.74 9.81 28.78
C VAL D 318 -21.31 8.73 29.77
N PHE D 319 -20.21 8.94 30.48
CA PHE D 319 -19.81 8.06 31.56
C PHE D 319 -20.39 8.51 32.90
N SER D 320 -20.65 9.80 33.06
CA SER D 320 -21.28 10.27 34.29
C SER D 320 -22.78 10.01 34.30
N ALA D 321 -23.39 9.71 33.16
CA ALA D 321 -24.81 9.38 33.14
C ALA D 321 -25.07 8.00 33.74
N LEU D 322 -24.23 7.03 33.42
CA LEU D 322 -24.31 5.73 34.07
C LEU D 322 -23.84 5.81 35.51
N LEU D 323 -22.88 6.69 35.80
CA LEU D 323 -22.48 6.93 37.17
C LEU D 323 -23.55 7.67 37.95
N GLU D 324 -24.44 8.39 37.27
CA GLU D 324 -25.57 9.03 37.95
C GLU D 324 -26.64 8.02 38.35
N TYR D 325 -26.91 7.01 37.52
CA TYR D 325 -27.87 5.98 37.89
C TYR D 325 -27.36 5.12 39.05
N ALA D 326 -26.04 4.90 39.11
CA ALA D 326 -25.45 4.19 40.24
C ALA D 326 -25.60 4.96 41.54
N ALA D 327 -25.75 6.29 41.46
CA ALA D 327 -26.14 7.06 42.63
C ALA D 327 -27.63 6.94 42.92
N VAL D 328 -28.45 6.73 41.89
CA VAL D 328 -29.89 6.64 42.11
C VAL D 328 -30.26 5.29 42.68
N ASN D 329 -29.83 4.21 42.03
CA ASN D 329 -30.18 2.85 42.41
C ASN D 329 -29.52 2.41 43.70
N PHE D 330 -28.55 3.18 44.21
CA PHE D 330 -28.01 2.95 45.55
C PHE D 330 -28.73 3.75 46.61
N ILE D 331 -29.23 4.94 46.29
CA ILE D 331 -29.99 5.71 47.26
C ILE D 331 -31.43 5.22 47.34
N ALA D 332 -32.06 4.95 46.21
CA ALA D 332 -33.46 4.50 46.19
C ALA D 332 -33.63 3.06 46.67
N ARG D 333 -32.56 2.29 46.80
CA ARG D 333 -32.64 0.94 47.35
C ARG D 333 -32.25 0.92 48.82
N GLN D 334 -32.68 1.92 49.57
CA GLN D 334 -32.47 1.98 51.00
C GLN D 334 -33.81 1.98 51.73
N HIS D 335 -33.90 1.17 52.78
CA HIS D 335 -35.11 1.05 53.58
C HIS D 335 -34.78 0.53 54.97
N VAL D 396 -38.88 3.55 58.99
CA VAL D 396 -40.24 3.29 59.42
C VAL D 396 -41.23 3.91 58.43
N GLU D 397 -42.31 4.49 58.96
CA GLU D 397 -43.30 5.13 58.09
C GLU D 397 -42.78 6.44 57.55
N GLU D 398 -41.93 7.14 58.30
CA GLU D 398 -41.38 8.40 57.85
C GLU D 398 -40.26 8.21 56.85
N MET D 399 -39.45 7.16 57.01
CA MET D 399 -38.27 6.94 56.17
C MET D 399 -38.60 6.38 54.79
N ARG D 400 -39.88 6.23 54.44
CA ARG D 400 -40.22 5.74 53.11
C ARG D 400 -40.02 6.82 52.05
N LYS D 401 -40.74 7.94 52.20
CA LYS D 401 -40.73 8.98 51.19
C LYS D 401 -39.52 9.91 51.27
N LEU D 402 -38.70 9.79 52.31
CA LEU D 402 -37.54 10.66 52.44
C LEU D 402 -36.43 10.30 51.46
N PHE D 403 -36.40 9.07 50.97
CA PHE D 403 -35.42 8.67 49.97
C PHE D 403 -35.94 8.83 48.56
N ILE D 404 -37.25 8.72 48.36
CA ILE D 404 -37.85 9.08 47.07
C ILE D 404 -37.75 10.59 46.86
N SER D 405 -37.85 11.37 47.94
CA SER D 405 -37.56 12.80 47.85
C SER D 405 -36.09 13.09 47.60
N ARG D 406 -35.21 12.11 47.83
CA ARG D 406 -33.82 12.21 47.40
C ARG D 406 -33.55 11.46 46.10
N ALA D 407 -34.51 10.68 45.60
CA ALA D 407 -34.41 10.03 44.31
C ALA D 407 -35.27 10.69 43.25
N LYS D 408 -35.79 11.88 43.52
CA LYS D 408 -36.39 12.72 42.49
C LYS D 408 -35.67 14.04 42.34
N ARG D 409 -35.15 14.60 43.43
CA ARG D 409 -34.30 15.79 43.33
C ARG D 409 -33.00 15.48 42.58
N ILE D 410 -32.53 14.22 42.66
CA ILE D 410 -31.38 13.78 41.89
C ILE D 410 -31.73 13.54 40.42
N ASP D 411 -33.01 13.59 40.06
CA ASP D 411 -33.42 13.39 38.67
C ASP D 411 -34.10 14.61 38.06
N THR D 412 -34.38 15.65 38.84
CA THR D 412 -34.87 16.90 38.28
C THR D 412 -33.81 17.97 38.27
N VAL D 413 -32.65 17.71 38.88
CA VAL D 413 -31.49 18.58 38.79
C VAL D 413 -30.48 18.04 37.78
N SER D 414 -30.18 16.74 37.85
CA SER D 414 -29.24 16.12 36.92
C SER D 414 -29.79 15.98 35.51
N ARG D 415 -31.08 16.25 35.31
CA ARG D 415 -31.67 16.32 33.97
C ARG D 415 -31.57 17.72 33.37
N VAL D 416 -31.42 18.75 34.20
CA VAL D 416 -31.27 20.12 33.71
C VAL D 416 -29.85 20.64 33.85
N ALA D 417 -29.09 20.19 34.86
CA ALA D 417 -27.72 20.69 35.03
C ALA D 417 -26.78 20.13 33.96
N PHE D 418 -27.04 18.94 33.44
CA PHE D 418 -26.19 18.42 32.37
C PHE D 418 -26.35 19.17 31.04
N PRO D 419 -27.52 19.68 30.64
CA PRO D 419 -27.54 20.68 29.55
C PRO D 419 -27.10 22.07 29.97
N LEU D 420 -26.61 22.28 31.19
CA LEU D 420 -25.98 23.54 31.52
C LEU D 420 -24.46 23.41 31.50
N VAL D 421 -23.94 22.28 31.98
CA VAL D 421 -22.50 22.07 31.98
C VAL D 421 -22.00 21.77 30.57
N PHE D 422 -22.78 21.02 29.81
CA PHE D 422 -22.37 20.70 28.44
C PHE D 422 -22.50 21.90 27.52
N LEU D 423 -23.42 22.82 27.82
CA LEU D 423 -23.54 24.02 27.02
C LEU D 423 -22.53 25.09 27.41
N ILE D 424 -22.04 25.08 28.65
CA ILE D 424 -20.98 26.02 29.01
C ILE D 424 -19.61 25.49 28.63
N PHE D 425 -19.46 24.16 28.45
CA PHE D 425 -18.25 23.64 27.85
C PHE D 425 -18.18 23.97 26.36
N ASN D 426 -19.31 23.82 25.67
CA ASN D 426 -19.36 23.99 24.22
C ASN D 426 -19.19 25.44 23.81
N ILE D 427 -19.34 26.39 24.73
CA ILE D 427 -19.03 27.78 24.46
C ILE D 427 -17.55 28.07 24.71
N PHE D 428 -16.99 27.55 25.79
CA PHE D 428 -15.57 27.75 26.10
C PHE D 428 -14.66 27.02 25.12
N TYR D 429 -15.15 25.97 24.48
CA TYR D 429 -14.34 25.21 23.53
C TYR D 429 -14.13 25.99 22.23
N TRP D 430 -15.22 26.43 21.61
CA TRP D 430 -15.11 27.03 20.28
C TRP D 430 -14.58 28.47 20.31
N ILE D 431 -14.71 29.17 21.43
CA ILE D 431 -14.12 30.50 21.53
C ILE D 431 -12.61 30.40 21.65
N THR D 432 -12.13 29.33 22.28
CA THR D 432 -10.69 29.10 22.43
C THR D 432 -10.03 28.86 21.08
N TYR D 433 -10.70 28.10 20.21
CA TYR D 433 -10.11 27.74 18.92
C TYR D 433 -10.51 28.73 17.83
N LYS D 434 -11.33 29.72 18.17
CA LYS D 434 -11.53 30.85 17.28
C LYS D 434 -10.49 31.93 17.56
N ILE D 435 -10.07 32.08 18.81
CA ILE D 435 -8.99 33.01 19.14
C ILE D 435 -7.66 32.49 18.62
N ILE D 436 -7.33 31.24 18.94
CA ILE D 436 -6.07 30.65 18.51
C ILE D 436 -6.12 30.35 17.01
N PRO E 31 17.39 -1.10 -56.52
CA PRO E 31 17.51 0.23 -55.93
C PRO E 31 18.06 0.19 -54.51
N MET E 32 17.85 1.24 -53.76
CA MET E 32 18.34 1.26 -52.40
C MET E 32 17.34 0.61 -51.46
N PRO E 33 17.81 -0.01 -50.39
CA PRO E 33 16.91 -0.38 -49.30
C PRO E 33 16.46 0.87 -48.56
N PRO E 34 15.32 0.81 -47.85
CA PRO E 34 14.77 2.06 -47.28
C PRO E 34 15.60 2.64 -46.15
N SER E 35 16.16 1.79 -45.29
CA SER E 35 16.93 2.30 -44.16
C SER E 35 18.25 2.92 -44.61
N GLU E 36 18.79 2.48 -45.74
CA GLU E 36 19.97 3.14 -46.29
C GLU E 36 19.58 4.42 -47.04
N PHE E 37 18.44 4.40 -47.73
CA PHE E 37 17.94 5.60 -48.39
C PHE E 37 17.53 6.67 -47.41
N LEU E 38 16.99 6.28 -46.27
CA LEU E 38 16.50 7.27 -45.32
C LEU E 38 17.63 7.84 -44.48
N ASP E 39 18.81 7.22 -44.48
CA ASP E 39 19.97 7.82 -43.83
C ASP E 39 20.51 8.99 -44.64
N LYS E 40 20.57 8.85 -45.97
CA LYS E 40 21.05 9.98 -46.78
C LYS E 40 19.99 11.04 -46.97
N LEU E 41 18.73 10.76 -46.65
CA LEU E 41 17.72 11.81 -46.64
C LEU E 41 17.87 12.72 -45.42
N MET E 42 18.47 12.22 -44.35
CA MET E 42 18.57 12.96 -43.10
C MET E 42 20.00 13.25 -42.67
N GLY E 43 20.85 12.24 -42.61
CA GLY E 43 22.12 12.38 -41.91
C GLY E 43 23.24 13.12 -42.61
N LYS E 44 23.51 14.34 -42.15
CA LYS E 44 24.75 15.11 -42.31
C LYS E 44 25.09 15.54 -43.73
N VAL E 45 24.31 15.16 -44.74
CA VAL E 45 24.71 15.45 -46.11
C VAL E 45 23.57 16.19 -46.80
N SER E 46 22.35 16.02 -46.31
CA SER E 46 21.20 16.69 -46.89
C SER E 46 20.84 17.98 -46.16
N GLY E 47 21.62 18.37 -45.15
CA GLY E 47 21.32 19.57 -44.42
C GLY E 47 20.16 19.46 -43.45
N TYR E 48 19.67 18.25 -43.21
CA TYR E 48 18.57 18.07 -42.28
C TYR E 48 19.10 18.13 -40.87
N ASP E 49 18.61 19.08 -40.09
CA ASP E 49 18.98 19.21 -38.68
C ASP E 49 17.75 18.88 -37.85
N ALA E 50 17.88 17.90 -36.96
CA ALA E 50 16.74 17.42 -36.18
C ALA E 50 16.33 18.36 -35.06
N ARG E 51 17.02 19.47 -34.88
CA ARG E 51 16.74 20.41 -33.81
C ARG E 51 15.92 21.60 -34.29
N ILE E 52 15.54 21.61 -35.56
CA ILE E 52 14.88 22.75 -36.21
C ILE E 52 13.55 22.27 -36.77
N ARG E 53 12.47 22.98 -36.45
CA ARG E 53 11.14 22.57 -36.84
C ARG E 53 10.94 22.73 -38.35
N PRO E 54 9.97 22.03 -38.94
CA PRO E 54 9.64 22.26 -40.34
C PRO E 54 9.06 23.64 -40.56
N ASN E 55 9.20 24.12 -41.80
CA ASN E 55 8.73 25.44 -42.24
C ASN E 55 9.30 26.54 -41.35
N PHE E 56 10.61 26.52 -41.20
CA PHE E 56 11.24 27.41 -40.24
C PHE E 56 11.27 28.85 -40.78
N LYS E 57 11.05 29.81 -39.88
CA LYS E 57 10.79 31.21 -40.20
C LYS E 57 9.64 31.35 -41.18
N GLY E 58 8.55 30.65 -40.89
CA GLY E 58 7.37 30.71 -41.72
C GLY E 58 6.12 30.47 -40.92
N PRO E 59 5.15 29.78 -41.51
CA PRO E 59 3.93 29.45 -40.78
C PRO E 59 4.20 28.40 -39.72
N PRO E 60 3.38 28.32 -38.68
CA PRO E 60 3.58 27.31 -37.65
C PRO E 60 3.25 25.91 -38.15
N VAL E 61 3.84 24.92 -37.47
CA VAL E 61 3.61 23.52 -37.79
C VAL E 61 2.25 23.10 -37.24
N ASN E 62 1.41 22.54 -38.09
CA ASN E 62 0.06 22.14 -37.69
C ASN E 62 0.07 20.64 -37.41
N VAL E 63 0.34 20.29 -36.17
CA VAL E 63 0.32 18.90 -35.72
C VAL E 63 -1.12 18.53 -35.39
N THR E 64 -1.61 17.46 -35.99
CA THR E 64 -2.95 16.96 -35.71
C THR E 64 -2.87 15.64 -34.94
N CYS E 65 -3.76 15.48 -33.98
CA CYS E 65 -3.66 14.42 -32.98
C CYS E 65 -4.96 13.65 -32.86
N ASN E 66 -4.84 12.36 -32.56
CA ASN E 66 -5.95 11.56 -32.09
C ASN E 66 -5.42 10.44 -31.19
N ILE E 67 -6.25 10.00 -30.25
CA ILE E 67 -5.84 9.00 -29.28
C ILE E 67 -6.74 7.78 -29.41
N PHE E 68 -6.21 6.64 -28.96
CA PHE E 68 -6.92 5.37 -28.95
C PHE E 68 -6.79 4.79 -27.56
N ILE E 69 -7.88 4.75 -26.81
CA ILE E 69 -7.84 4.33 -25.42
C ILE E 69 -7.90 2.81 -25.36
N ASN E 70 -6.76 2.17 -25.06
CA ASN E 70 -6.75 0.73 -24.85
C ASN E 70 -7.41 0.37 -23.53
N SER E 71 -6.84 0.83 -22.42
CA SER E 71 -7.33 0.55 -21.10
C SER E 71 -7.73 1.85 -20.42
N PHE E 72 -8.62 1.74 -19.44
CA PHE E 72 -9.14 2.90 -18.75
C PHE E 72 -9.54 2.42 -17.36
N GLY E 73 -9.42 3.29 -16.39
CA GLY E 73 -9.99 2.93 -15.11
C GLY E 73 -8.98 3.03 -14.01
N SER E 74 -9.24 2.25 -12.96
CA SER E 74 -8.69 2.45 -11.61
C SER E 74 -8.86 3.90 -11.18
N ILE E 75 -10.10 4.37 -11.30
CA ILE E 75 -10.44 5.76 -11.00
C ILE E 75 -10.53 5.92 -9.49
N ALA E 76 -9.42 6.30 -8.87
CA ALA E 76 -9.40 6.50 -7.44
C ALA E 76 -10.03 7.85 -7.09
N GLU E 77 -10.48 7.96 -5.85
CA GLU E 77 -11.09 9.18 -5.35
C GLU E 77 -10.38 9.74 -4.13
N THR E 78 -9.61 8.91 -3.42
CA THR E 78 -8.74 9.42 -2.38
C THR E 78 -7.65 10.30 -2.98
N THR E 79 -7.10 9.88 -4.13
CA THR E 79 -6.08 10.64 -4.82
C THR E 79 -6.67 11.55 -5.90
N MET E 80 -7.92 11.28 -6.30
CA MET E 80 -8.62 11.95 -7.40
C MET E 80 -7.81 11.89 -8.69
N ASP E 81 -7.53 10.66 -9.13
CA ASP E 81 -6.79 10.43 -10.36
C ASP E 81 -7.33 9.18 -11.04
N TYR E 82 -6.95 9.01 -12.29
CA TYR E 82 -7.38 7.84 -13.06
C TYR E 82 -6.28 7.47 -14.03
N ARG E 83 -6.17 6.18 -14.32
CA ARG E 83 -5.12 5.64 -15.17
C ARG E 83 -5.70 5.34 -16.54
N VAL E 84 -4.96 5.72 -17.59
CA VAL E 84 -5.40 5.49 -18.96
C VAL E 84 -4.19 4.94 -19.73
N ASN E 85 -4.47 4.23 -20.81
CA ASN E 85 -3.44 3.57 -21.61
C ASN E 85 -3.75 3.85 -23.07
N ILE E 86 -3.06 4.82 -23.66
CA ILE E 86 -3.46 5.37 -24.95
C ILE E 86 -2.43 5.05 -26.02
N PHE E 87 -2.89 5.08 -27.27
CA PHE E 87 -2.05 5.16 -28.46
C PHE E 87 -2.11 6.60 -28.95
N LEU E 88 -1.05 7.35 -28.75
CA LEU E 88 -1.02 8.76 -29.13
C LEU E 88 -0.47 8.89 -30.54
N ARG E 89 -1.33 9.22 -31.50
CA ARG E 89 -0.93 9.38 -32.89
C ARG E 89 -0.77 10.85 -33.19
N GLN E 90 0.32 11.24 -33.82
CA GLN E 90 0.60 12.62 -34.16
C GLN E 90 0.97 12.70 -35.62
N GLN E 91 0.31 13.58 -36.36
CA GLN E 91 0.58 13.73 -37.79
C GLN E 91 0.96 15.17 -38.07
N TRP E 92 2.06 15.37 -38.78
CA TRP E 92 2.45 16.70 -39.20
C TRP E 92 3.08 16.59 -40.58
N ASN E 93 3.52 17.72 -41.11
CA ASN E 93 4.11 17.79 -42.43
C ASN E 93 5.54 18.29 -42.30
N ASP E 94 6.46 17.67 -43.02
CA ASP E 94 7.88 18.01 -42.96
C ASP E 94 8.41 18.01 -44.39
N PRO E 95 8.60 19.19 -44.99
CA PRO E 95 8.99 19.24 -46.41
C PRO E 95 10.40 18.76 -46.69
N ARG E 96 11.26 18.69 -45.68
CA ARG E 96 12.61 18.19 -45.87
C ARG E 96 12.65 16.68 -46.01
N LEU E 97 11.58 15.98 -45.62
CA LEU E 97 11.49 14.54 -45.73
C LEU E 97 10.70 14.09 -46.95
N ALA E 98 10.46 15.00 -47.89
CA ALA E 98 9.60 14.71 -49.03
C ALA E 98 10.45 14.18 -50.17
N TYR E 99 10.65 12.86 -50.18
CA TYR E 99 11.34 12.23 -51.29
C TYR E 99 10.41 12.17 -52.50
N SER E 100 11.01 11.98 -53.68
CA SER E 100 10.23 11.95 -54.90
C SER E 100 10.59 10.77 -55.79
N GLU E 101 11.82 10.29 -55.70
CA GLU E 101 12.32 9.31 -56.66
C GLU E 101 12.25 7.88 -56.15
N TYR E 102 12.07 7.66 -54.87
CA TYR E 102 11.97 6.31 -54.35
C TYR E 102 10.58 5.75 -54.70
N PRO E 103 10.49 4.49 -55.12
CA PRO E 103 9.22 4.02 -55.71
C PRO E 103 8.09 3.77 -54.72
N ASP E 104 8.37 3.64 -53.42
CA ASP E 104 7.32 3.30 -52.48
C ASP E 104 6.48 4.52 -52.11
N ASP E 105 5.47 4.30 -51.27
CA ASP E 105 4.60 5.35 -50.79
C ASP E 105 4.78 5.67 -49.31
N SER E 106 5.38 4.78 -48.53
CA SER E 106 5.55 5.01 -47.10
C SER E 106 6.80 4.29 -46.63
N LEU E 107 7.77 5.05 -46.15
CA LEU E 107 8.98 4.49 -45.55
C LEU E 107 8.79 4.43 -44.04
N ASP E 108 8.91 3.24 -43.47
CA ASP E 108 8.89 3.13 -42.03
C ASP E 108 10.25 3.53 -41.46
N LEU E 109 10.32 3.58 -40.13
CA LEU E 109 11.56 3.92 -39.44
C LEU E 109 11.46 3.28 -38.07
N ASP E 110 12.34 2.34 -37.77
CA ASP E 110 12.30 1.70 -36.47
C ASP E 110 12.83 2.66 -35.41
N PRO E 111 12.39 2.51 -34.15
CA PRO E 111 12.74 3.50 -33.12
C PRO E 111 14.19 3.53 -32.68
N SER E 112 15.10 2.77 -33.30
CA SER E 112 16.51 2.97 -33.00
C SER E 112 17.02 4.26 -33.61
N MET E 113 16.51 4.65 -34.77
CA MET E 113 16.90 5.87 -35.45
C MET E 113 15.84 6.97 -35.32
N LEU E 114 15.08 6.97 -34.24
CA LEU E 114 13.98 7.91 -34.09
C LEU E 114 14.42 9.24 -33.49
N ASP E 115 15.65 9.34 -33.00
CA ASP E 115 16.21 10.59 -32.54
C ASP E 115 16.77 11.43 -33.68
N SER E 116 16.53 11.06 -34.92
CA SER E 116 17.10 11.73 -36.07
C SER E 116 16.10 12.57 -36.84
N ILE E 117 14.82 12.57 -36.46
CA ILE E 117 13.84 13.45 -37.06
C ILE E 117 13.45 14.50 -36.02
N TRP E 118 12.68 15.49 -36.47
CA TRP E 118 12.04 16.41 -35.55
C TRP E 118 10.76 15.80 -35.03
N LYS E 119 10.55 15.89 -33.71
CA LYS E 119 9.29 15.44 -33.13
C LYS E 119 8.72 16.57 -32.27
N PRO E 120 7.40 16.72 -32.25
CA PRO E 120 6.80 17.77 -31.42
C PRO E 120 6.94 17.44 -29.95
N ASP E 121 7.19 18.47 -29.15
CA ASP E 121 7.40 18.29 -27.71
C ASP E 121 6.09 18.34 -26.95
N LEU E 122 5.22 17.39 -27.26
CA LEU E 122 3.94 17.30 -26.59
C LEU E 122 4.13 16.78 -25.18
N PHE E 123 3.29 17.27 -24.26
CA PHE E 123 3.24 16.73 -22.92
C PHE E 123 1.83 16.90 -22.42
N PHE E 124 1.49 16.17 -21.38
CA PHE E 124 0.15 16.22 -20.80
C PHE E 124 0.21 17.15 -19.59
N ALA E 125 -0.71 18.12 -19.53
CA ALA E 125 -0.59 19.14 -18.51
C ALA E 125 -1.01 18.65 -17.13
N ASN E 126 -1.54 17.45 -17.01
CA ASN E 126 -1.86 16.79 -15.76
C ASN E 126 -1.34 15.36 -15.75
N GLU E 127 -0.03 15.22 -16.03
CA GLU E 127 0.60 13.90 -16.11
C GLU E 127 0.52 13.15 -14.79
N LYS E 128 1.03 13.74 -13.71
CA LYS E 128 1.16 13.12 -12.38
C LYS E 128 1.90 11.77 -12.48
N GLY E 129 2.95 11.74 -13.27
CA GLY E 129 3.67 10.50 -13.51
C GLY E 129 3.15 9.74 -14.72
N ALA E 130 4.04 9.45 -15.66
CA ALA E 130 3.68 8.71 -16.86
C ALA E 130 4.93 8.04 -17.42
N ASN E 131 4.73 6.95 -18.15
CA ASN E 131 5.86 6.20 -18.67
C ASN E 131 5.53 5.64 -20.04
N PHE E 132 6.58 5.29 -20.77
CA PHE E 132 6.45 4.60 -22.03
C PHE E 132 6.33 3.09 -21.78
N HIS E 133 6.21 2.34 -22.87
CA HIS E 133 6.23 0.88 -22.82
C HIS E 133 7.33 0.41 -23.75
N GLU E 134 8.28 -0.36 -23.20
CA GLU E 134 9.51 -0.73 -23.90
C GLU E 134 9.78 -2.21 -23.77
N VAL E 135 8.75 -3.04 -23.96
CA VAL E 135 8.89 -4.49 -23.82
C VAL E 135 8.98 -5.10 -25.21
N THR E 136 10.13 -5.75 -25.46
CA THR E 136 10.62 -6.48 -26.63
C THR E 136 11.03 -5.53 -27.76
N THR E 137 10.62 -4.26 -27.67
CA THR E 137 10.92 -3.18 -28.61
C THR E 137 10.31 -1.93 -27.98
N ASP E 138 10.92 -0.76 -28.17
CA ASP E 138 10.24 0.51 -27.90
C ASP E 138 8.94 0.56 -28.69
N ASN E 139 7.82 0.62 -27.98
CA ASN E 139 6.51 0.61 -28.64
C ASN E 139 6.27 1.98 -29.26
N LYS E 140 6.90 2.21 -30.40
CA LYS E 140 6.88 3.46 -31.13
C LYS E 140 6.80 3.16 -32.61
N LEU E 141 6.06 3.99 -33.34
CA LEU E 141 5.81 3.79 -34.75
C LEU E 141 6.14 5.07 -35.51
N LEU E 142 6.73 4.92 -36.70
CA LEU E 142 7.00 6.08 -37.54
C LEU E 142 6.90 5.67 -38.99
N ARG E 143 6.18 6.46 -39.80
CA ARG E 143 6.16 6.23 -41.24
C ARG E 143 6.06 7.57 -41.94
N ILE E 144 6.74 7.68 -43.08
CA ILE E 144 6.91 8.93 -43.80
C ILE E 144 6.37 8.74 -45.21
N SER E 145 5.37 9.54 -45.58
CA SER E 145 4.78 9.44 -46.90
C SER E 145 5.65 10.16 -47.93
N LYS E 146 5.19 10.20 -49.18
CA LYS E 146 5.98 10.80 -50.24
C LYS E 146 5.98 12.33 -50.15
N ASN E 147 4.83 12.94 -49.85
CA ASN E 147 4.80 14.38 -49.74
C ASN E 147 5.36 14.90 -48.43
N GLY E 148 5.69 14.02 -47.49
CA GLY E 148 6.30 14.41 -46.24
C GLY E 148 5.44 14.24 -45.02
N ASN E 149 4.24 13.67 -45.16
CA ASN E 149 3.37 13.46 -44.02
C ASN E 149 3.97 12.40 -43.10
N VAL E 150 4.14 12.74 -41.83
CA VAL E 150 4.82 11.90 -40.86
C VAL E 150 3.80 11.44 -39.83
N LEU E 151 3.55 10.14 -39.77
CA LEU E 151 2.74 9.54 -38.73
C LEU E 151 3.64 9.06 -37.61
N TYR E 152 3.26 9.32 -36.37
CA TYR E 152 4.08 8.99 -35.22
C TYR E 152 3.17 8.54 -34.09
N SER E 153 3.13 7.23 -33.86
CA SER E 153 2.22 6.64 -32.89
C SER E 153 3.05 6.01 -31.78
N ILE E 154 2.79 6.42 -30.54
CA ILE E 154 3.48 5.87 -29.39
C ILE E 154 2.45 5.39 -28.38
N ARG E 155 2.89 4.46 -27.52
CA ARG E 155 2.05 3.91 -26.48
C ARG E 155 2.49 4.47 -25.14
N ILE E 156 1.55 5.11 -24.43
CA ILE E 156 1.82 5.81 -23.18
C ILE E 156 0.87 5.26 -22.13
N THR E 157 1.34 5.15 -20.89
CA THR E 157 0.49 4.95 -19.73
C THR E 157 0.51 6.21 -18.87
N LEU E 158 -0.66 6.80 -18.64
CA LEU E 158 -0.81 8.05 -17.93
C LEU E 158 -1.54 7.81 -16.62
N VAL E 159 -1.24 8.63 -15.60
CA VAL E 159 -2.09 8.63 -14.41
C VAL E 159 -2.62 10.05 -14.26
N LEU E 160 -3.71 10.35 -14.95
CA LEU E 160 -4.14 11.73 -15.14
C LEU E 160 -4.91 12.23 -13.92
N ALA E 161 -4.92 13.54 -13.74
CA ALA E 161 -5.58 14.16 -12.61
C ALA E 161 -6.89 14.79 -13.05
N CYS E 162 -7.95 14.53 -12.29
CA CYS E 162 -9.22 15.19 -12.53
C CYS E 162 -9.86 15.51 -11.18
N PRO E 163 -10.30 16.76 -10.97
CA PRO E 163 -10.95 17.11 -9.70
C PRO E 163 -12.35 16.53 -9.64
N MET E 164 -12.59 15.65 -8.66
CA MET E 164 -13.88 15.02 -8.49
C MET E 164 -14.84 16.00 -7.85
N ASP E 165 -16.07 16.07 -8.37
CA ASP E 165 -17.13 16.89 -7.80
C ASP E 165 -18.18 15.95 -7.23
N LEU E 166 -18.23 15.85 -5.90
CA LEU E 166 -19.01 14.85 -5.21
C LEU E 166 -20.19 15.47 -4.43
N LYS E 167 -20.88 16.44 -5.03
CA LYS E 167 -22.02 17.05 -4.35
C LYS E 167 -23.19 16.09 -4.24
N ASN E 168 -23.39 15.27 -5.27
CA ASN E 168 -24.43 14.25 -5.29
C ASN E 168 -23.77 12.90 -5.59
N PHE E 169 -23.28 12.24 -4.53
CA PHE E 169 -22.18 11.28 -4.72
C PHE E 169 -22.55 9.99 -5.44
N PRO E 170 -23.61 9.24 -5.10
CA PRO E 170 -23.87 8.03 -5.88
C PRO E 170 -24.54 8.28 -7.21
N MET E 171 -24.94 9.52 -7.51
CA MET E 171 -25.65 9.83 -8.74
C MET E 171 -24.93 10.89 -9.57
N ASP E 172 -23.63 11.04 -9.41
CA ASP E 172 -22.92 12.10 -10.11
C ASP E 172 -22.43 11.66 -11.48
N VAL E 173 -22.15 12.65 -12.32
CA VAL E 173 -21.58 12.44 -13.63
C VAL E 173 -20.25 13.17 -13.64
N GLN E 174 -19.16 12.42 -13.48
CA GLN E 174 -17.83 13.02 -13.46
C GLN E 174 -17.42 13.43 -14.86
N THR E 175 -16.61 14.48 -14.94
CA THR E 175 -16.03 14.94 -16.20
C THR E 175 -14.52 15.00 -15.97
N CYS E 176 -13.83 13.95 -16.37
CA CYS E 176 -12.38 13.88 -16.25
C CYS E 176 -11.75 14.12 -17.62
N ILE E 177 -10.81 15.05 -17.67
CA ILE E 177 -10.28 15.57 -18.91
C ILE E 177 -8.84 15.10 -19.09
N MET E 178 -8.30 15.35 -20.28
CA MET E 178 -6.88 15.19 -20.54
C MET E 178 -6.47 16.21 -21.59
N GLN E 179 -5.39 16.93 -21.33
CA GLN E 179 -5.02 18.05 -22.16
C GLN E 179 -3.57 17.95 -22.61
N LEU E 180 -3.35 18.24 -23.89
CA LEU E 180 -2.11 17.97 -24.61
C LEU E 180 -1.48 19.29 -25.01
N GLU E 181 -0.47 19.73 -24.29
CA GLU E 181 0.15 21.01 -24.56
C GLU E 181 1.49 20.84 -25.25
N SER E 182 2.02 21.95 -25.74
CA SER E 182 3.42 22.05 -26.12
C SER E 182 4.21 22.66 -24.97
N PHE E 183 5.47 22.27 -24.87
CA PHE E 183 6.28 22.75 -23.77
C PHE E 183 7.31 23.79 -24.19
N GLY E 184 7.83 23.71 -25.40
CA GLY E 184 8.89 24.62 -25.78
C GLY E 184 8.53 25.60 -26.87
N TYR E 185 7.61 25.22 -27.75
CA TYR E 185 7.22 26.04 -28.89
C TYR E 185 5.95 26.79 -28.57
N THR E 186 5.90 28.06 -28.95
CA THR E 186 4.75 28.90 -28.66
C THR E 186 3.68 28.71 -29.73
N MET E 187 2.64 29.56 -29.70
CA MET E 187 1.54 29.42 -30.65
C MET E 187 1.95 29.79 -32.06
N ASN E 188 2.89 30.70 -32.22
CA ASN E 188 3.34 31.06 -33.56
C ASN E 188 4.38 30.10 -34.13
N ASP E 189 4.61 28.95 -33.50
CA ASP E 189 5.51 27.93 -34.02
C ASP E 189 4.90 26.54 -34.11
N LEU E 190 3.86 26.24 -33.36
CA LEU E 190 3.35 24.87 -33.28
C LEU E 190 1.92 24.92 -32.77
N ILE E 191 0.97 24.41 -33.56
CA ILE E 191 -0.44 24.42 -33.21
C ILE E 191 -0.95 22.99 -33.19
N PHE E 192 -1.57 22.59 -32.10
CA PHE E 192 -2.21 21.28 -31.99
C PHE E 192 -3.67 21.35 -32.41
N GLU E 193 -4.13 20.32 -33.09
CA GLU E 193 -5.51 20.19 -33.54
C GLU E 193 -5.97 18.77 -33.33
N TRP E 194 -7.27 18.60 -33.13
CA TRP E 194 -7.88 17.28 -33.21
C TRP E 194 -8.31 17.05 -34.65
N ASP E 195 -8.04 15.86 -35.18
CA ASP E 195 -8.48 15.59 -36.53
C ASP E 195 -9.98 15.34 -36.57
N GLU E 196 -10.59 15.62 -37.72
CA GLU E 196 -12.04 15.57 -37.84
C GLU E 196 -12.56 14.15 -38.01
N LYS E 197 -11.70 13.18 -38.26
CA LYS E 197 -12.12 11.80 -38.51
C LYS E 197 -12.01 10.94 -37.24
N GLY E 198 -12.83 11.29 -36.25
CA GLY E 198 -12.85 10.50 -35.03
C GLY E 198 -11.64 10.70 -34.15
N ALA E 199 -11.56 11.86 -33.49
CA ALA E 199 -10.36 12.23 -32.76
C ALA E 199 -10.13 11.46 -31.48
N VAL E 200 -11.13 10.74 -30.96
CA VAL E 200 -10.92 9.86 -29.81
C VAL E 200 -11.60 8.54 -30.13
N GLN E 201 -10.83 7.49 -30.33
CA GLN E 201 -11.39 6.16 -30.44
C GLN E 201 -11.23 5.43 -29.11
N VAL E 202 -12.19 4.57 -28.81
CA VAL E 202 -12.19 3.75 -27.61
C VAL E 202 -12.17 2.30 -28.08
N ALA E 203 -11.52 1.43 -27.31
CA ALA E 203 -11.41 0.02 -27.66
C ALA E 203 -12.79 -0.65 -27.68
N ASP E 204 -12.81 -1.86 -28.24
CA ASP E 204 -14.07 -2.52 -28.58
C ASP E 204 -14.84 -2.94 -27.32
N GLY E 205 -14.19 -3.69 -26.45
CA GLY E 205 -14.88 -4.18 -25.27
C GLY E 205 -14.42 -3.52 -23.99
N LEU E 206 -14.23 -2.21 -24.02
CA LEU E 206 -13.73 -1.49 -22.86
C LEU E 206 -14.87 -1.25 -21.89
N THR E 207 -14.86 -1.98 -20.77
CA THR E 207 -15.84 -1.82 -19.72
C THR E 207 -15.15 -1.39 -18.44
N LEU E 208 -15.80 -0.50 -17.72
CA LEU E 208 -15.34 -0.06 -16.42
C LEU E 208 -16.14 -0.75 -15.32
N PRO E 209 -15.52 -1.06 -14.18
CA PRO E 209 -16.28 -1.75 -13.13
C PRO E 209 -17.29 -0.86 -12.43
N GLN E 210 -17.01 0.43 -12.29
CA GLN E 210 -17.86 1.33 -11.53
C GLN E 210 -18.57 2.36 -12.37
N PHE E 211 -18.02 2.72 -13.52
CA PHE E 211 -18.50 3.82 -14.33
C PHE E 211 -18.93 3.28 -15.69
N ILE E 212 -19.52 4.16 -16.50
CA ILE E 212 -19.70 3.91 -17.92
C ILE E 212 -19.22 5.13 -18.69
N LEU E 213 -18.52 4.89 -19.80
CA LEU E 213 -17.96 5.96 -20.60
C LEU E 213 -18.98 6.36 -21.66
N LYS E 214 -19.46 7.59 -21.59
CA LYS E 214 -20.48 8.04 -22.53
C LYS E 214 -19.86 8.29 -23.90
N GLU E 215 -20.69 8.15 -24.93
CA GLU E 215 -20.17 8.17 -26.30
C GLU E 215 -19.85 9.58 -26.77
N GLU E 216 -20.50 10.59 -26.21
CA GLU E 216 -20.25 11.96 -26.61
C GLU E 216 -19.06 12.51 -25.83
N LYS E 217 -18.00 12.85 -26.55
CA LYS E 217 -16.76 13.35 -25.93
C LYS E 217 -16.49 14.74 -26.48
N ASP E 218 -16.47 15.73 -25.58
CA ASP E 218 -16.26 17.10 -25.98
C ASP E 218 -14.80 17.33 -26.36
N LEU E 219 -14.59 18.12 -27.41
CA LEU E 219 -13.26 18.41 -27.92
C LEU E 219 -13.12 19.92 -28.02
N ARG E 220 -12.35 20.51 -27.13
CA ARG E 220 -12.28 21.96 -27.09
C ARG E 220 -10.85 22.41 -26.81
N TYR E 221 -10.64 23.72 -26.87
CA TYR E 221 -9.32 24.31 -26.72
C TYR E 221 -9.10 24.81 -25.30
N CYS E 222 -7.84 24.81 -24.89
CA CYS E 222 -7.44 25.15 -23.53
C CYS E 222 -6.17 25.99 -23.52
N THR E 223 -6.05 26.92 -24.48
CA THR E 223 -4.80 27.63 -24.77
C THR E 223 -4.28 28.42 -23.58
N LYS E 224 -3.08 28.07 -23.14
CA LYS E 224 -2.51 28.57 -21.91
C LYS E 224 -1.72 29.84 -22.16
N HIS E 225 -1.76 30.76 -21.19
CA HIS E 225 -1.00 31.99 -21.23
C HIS E 225 -0.11 32.04 -20.01
N TYR E 226 1.19 31.94 -20.23
CA TYR E 226 2.17 32.13 -19.17
C TYR E 226 2.93 33.42 -19.41
N ASN E 227 3.83 33.75 -18.49
CA ASN E 227 4.74 34.86 -18.72
C ASN E 227 5.87 34.52 -19.68
N THR E 228 6.04 33.24 -20.01
CA THR E 228 6.98 32.87 -21.06
C THR E 228 6.39 33.14 -22.43
N GLY E 229 5.12 32.79 -22.62
CA GLY E 229 4.45 33.04 -23.88
C GLY E 229 3.08 32.42 -23.83
N LYS E 230 2.45 32.25 -24.99
CA LYS E 230 1.19 31.54 -25.08
C LYS E 230 1.43 30.23 -25.80
N PHE E 231 0.95 29.13 -25.21
CA PHE E 231 1.27 27.79 -25.67
C PHE E 231 0.00 27.09 -26.10
N THR E 232 0.12 26.25 -27.12
CA THR E 232 -1.05 25.56 -27.63
C THR E 232 -1.49 24.46 -26.68
N CYS E 233 -2.78 24.13 -26.76
CA CYS E 233 -3.39 23.16 -25.88
C CYS E 233 -4.70 22.70 -26.50
N ILE E 234 -4.93 21.40 -26.51
CA ILE E 234 -6.21 20.81 -26.91
C ILE E 234 -6.58 19.82 -25.83
N GLU E 235 -7.88 19.60 -25.65
CA GLU E 235 -8.29 18.67 -24.61
C GLU E 235 -9.57 17.95 -24.98
N ALA E 236 -9.72 16.76 -24.41
CA ALA E 236 -10.88 15.91 -24.59
C ALA E 236 -11.53 15.66 -23.24
N ARG E 237 -12.81 15.94 -23.14
CA ARG E 237 -13.57 15.62 -21.95
C ARG E 237 -14.11 14.20 -22.04
N PHE E 238 -14.13 13.51 -20.91
CA PHE E 238 -14.74 12.19 -20.81
C PHE E 238 -15.80 12.22 -19.73
N HIS E 239 -17.05 11.94 -20.11
CA HIS E 239 -18.15 11.96 -19.16
C HIS E 239 -18.35 10.57 -18.59
N LEU E 240 -18.10 10.41 -17.30
CA LEU E 240 -18.10 9.12 -16.62
C LEU E 240 -19.30 9.07 -15.68
N GLU E 241 -20.36 8.39 -16.12
CA GLU E 241 -21.55 8.22 -15.30
C GLU E 241 -21.42 6.98 -14.45
N ARG E 242 -21.79 7.08 -13.18
CA ARG E 242 -21.60 5.95 -12.29
C ARG E 242 -22.61 4.84 -12.54
N GLN E 243 -22.32 3.69 -11.95
CA GLN E 243 -23.25 2.58 -11.83
C GLN E 243 -23.83 2.64 -10.42
N MET E 244 -25.09 3.02 -10.31
CA MET E 244 -25.73 3.20 -9.01
C MET E 244 -26.06 1.87 -8.35
N GLY E 245 -26.04 0.78 -9.11
CA GLY E 245 -26.49 -0.52 -8.62
C GLY E 245 -25.67 -1.11 -7.51
N TYR E 246 -24.43 -0.65 -7.33
CA TYR E 246 -23.65 -1.10 -6.18
C TYR E 246 -24.12 -0.45 -4.89
N TYR E 247 -24.27 0.87 -4.90
CA TYR E 247 -24.65 1.58 -3.68
C TYR E 247 -26.09 1.31 -3.30
N LEU E 248 -26.92 0.89 -4.24
CA LEU E 248 -28.29 0.46 -3.98
C LEU E 248 -28.37 -0.93 -3.39
N ILE E 249 -27.23 -1.59 -3.15
CA ILE E 249 -27.19 -2.87 -2.47
C ILE E 249 -26.51 -2.77 -1.11
N GLN E 250 -25.42 -2.01 -0.99
CA GLN E 250 -24.73 -1.90 0.29
C GLN E 250 -25.10 -0.66 1.08
N MET E 251 -25.33 0.48 0.43
CA MET E 251 -25.54 1.70 1.20
C MET E 251 -27.00 1.95 1.53
N TYR E 252 -27.92 1.71 0.60
CA TYR E 252 -29.30 2.14 0.77
C TYR E 252 -30.20 1.08 1.42
N ILE E 253 -30.12 -0.17 1.00
CA ILE E 253 -30.98 -1.23 1.53
C ILE E 253 -30.63 -1.59 2.98
N PRO E 254 -29.36 -1.77 3.39
CA PRO E 254 -29.10 -1.92 4.84
C PRO E 254 -29.30 -0.66 5.65
N SER E 255 -29.50 0.50 5.03
CA SER E 255 -30.00 1.66 5.74
C SER E 255 -31.51 1.77 5.66
N LEU E 256 -32.16 0.93 4.85
CA LEU E 256 -33.60 0.87 4.78
C LEU E 256 -34.18 -0.14 5.77
N LEU E 257 -33.51 -1.27 5.96
CA LEU E 257 -34.01 -2.30 6.87
C LEU E 257 -33.81 -1.95 8.34
N ILE E 258 -32.79 -1.16 8.66
CA ILE E 258 -32.61 -0.68 10.04
C ILE E 258 -33.75 0.26 10.43
N VAL E 259 -34.25 1.03 9.48
CA VAL E 259 -35.41 1.90 9.75
C VAL E 259 -36.66 1.05 9.93
N ILE E 260 -36.80 -0.04 9.16
CA ILE E 260 -37.90 -0.96 9.38
C ILE E 260 -37.72 -1.71 10.70
N LEU E 261 -36.46 -2.01 11.06
CA LEU E 261 -36.18 -2.68 12.33
C LEU E 261 -36.49 -1.79 13.52
N SER E 262 -36.33 -0.48 13.37
CA SER E 262 -36.73 0.44 14.41
C SER E 262 -38.24 0.59 14.51
N TRP E 263 -38.99 0.17 13.49
CA TRP E 263 -40.44 0.20 13.53
C TRP E 263 -41.02 -1.05 14.17
N VAL E 264 -40.18 -2.03 14.51
CA VAL E 264 -40.64 -3.21 15.23
C VAL E 264 -40.95 -2.84 16.67
N SER E 265 -40.28 -1.83 17.22
CA SER E 265 -40.44 -1.43 18.60
C SER E 265 -41.81 -0.83 18.92
N PHE E 266 -42.62 -0.53 17.91
CA PHE E 266 -43.95 0.03 18.17
C PHE E 266 -44.97 -1.04 18.52
N TRP E 267 -44.62 -2.31 18.29
CA TRP E 267 -45.54 -3.42 18.50
C TRP E 267 -45.21 -4.24 19.74
N ILE E 268 -43.96 -4.22 20.20
CA ILE E 268 -43.51 -5.09 21.27
C ILE E 268 -44.02 -4.57 22.61
N ASN E 269 -44.95 -5.31 23.22
CA ASN E 269 -45.51 -5.15 24.57
C ASN E 269 -46.36 -3.90 24.77
N MET E 270 -46.42 -3.01 23.78
CA MET E 270 -47.48 -2.03 23.48
C MET E 270 -47.71 -0.95 24.54
N ASP E 271 -47.08 -1.04 25.70
CA ASP E 271 -47.08 0.10 26.62
C ASP E 271 -45.70 0.37 27.20
N ALA E 272 -44.98 -0.68 27.56
CA ALA E 272 -43.76 -0.57 28.35
C ALA E 272 -43.06 -1.92 28.39
N ALA E 273 -41.74 -1.89 28.22
CA ALA E 273 -40.90 -3.07 28.27
C ALA E 273 -39.47 -2.64 28.49
N PRO E 274 -38.61 -3.53 29.01
CA PRO E 274 -37.17 -3.32 28.91
C PRO E 274 -36.55 -3.78 27.60
N ALA E 275 -37.37 -4.14 26.61
CA ALA E 275 -36.90 -4.59 25.31
C ALA E 275 -37.10 -3.58 24.20
N ARG E 276 -38.05 -2.65 24.33
CA ARG E 276 -38.17 -1.58 23.35
C ARG E 276 -37.00 -0.63 23.42
N VAL E 277 -36.40 -0.46 24.61
CA VAL E 277 -35.20 0.35 24.72
C VAL E 277 -34.03 -0.35 24.05
N GLY E 278 -33.93 -1.67 24.22
CA GLY E 278 -32.87 -2.42 23.58
C GLY E 278 -32.97 -2.45 22.06
N LEU E 279 -34.17 -2.29 21.52
CA LEU E 279 -34.33 -2.09 20.09
C LEU E 279 -34.21 -0.63 19.70
N GLY E 280 -34.31 0.27 20.66
CA GLY E 280 -34.08 1.67 20.40
C GLY E 280 -32.62 2.06 20.50
N ILE E 281 -31.87 1.40 21.38
CA ILE E 281 -30.44 1.68 21.49
C ILE E 281 -29.71 1.12 20.29
N THR E 282 -29.97 -0.14 19.96
CA THR E 282 -29.08 -0.92 19.11
C THR E 282 -29.20 -0.53 17.64
N THR E 283 -30.39 -0.10 17.21
CA THR E 283 -30.58 0.36 15.85
C THR E 283 -30.14 1.81 15.65
N VAL E 284 -29.52 2.43 16.65
CA VAL E 284 -28.86 3.72 16.49
C VAL E 284 -27.36 3.45 16.37
N LEU E 285 -26.92 2.37 17.02
CA LEU E 285 -25.50 1.99 17.02
C LEU E 285 -25.04 1.62 15.61
N THR E 286 -25.67 0.60 15.04
CA THR E 286 -25.34 0.15 13.69
C THR E 286 -25.88 1.08 12.63
N MET E 287 -26.67 2.09 13.00
CA MET E 287 -26.94 3.18 12.07
C MET E 287 -25.79 4.18 12.08
N THR E 288 -25.19 4.40 13.25
CA THR E 288 -24.04 5.31 13.35
C THR E 288 -22.78 4.66 12.81
N THR E 289 -22.59 3.36 13.08
CA THR E 289 -21.42 2.63 12.58
C THR E 289 -21.46 2.53 11.05
N GLN E 290 -22.65 2.33 10.49
CA GLN E 290 -22.78 2.32 9.04
C GLN E 290 -22.65 3.72 8.45
N SER E 291 -22.97 4.76 9.24
CA SER E 291 -22.78 6.13 8.78
C SER E 291 -21.31 6.47 8.64
N SER E 292 -20.48 6.03 9.58
CA SER E 292 -19.04 6.17 9.42
C SER E 292 -18.50 5.16 8.42
N GLY E 293 -19.15 4.01 8.28
CA GLY E 293 -18.75 3.03 7.29
C GLY E 293 -19.18 3.33 5.88
N SER E 294 -20.05 4.31 5.69
CA SER E 294 -20.44 4.72 4.35
C SER E 294 -19.39 5.59 3.67
N ARG E 295 -18.44 6.11 4.43
CA ARG E 295 -17.41 7.00 3.89
C ARG E 295 -16.04 6.49 4.27
N ALA E 296 -15.81 5.19 4.06
CA ALA E 296 -14.55 4.58 4.48
C ALA E 296 -13.42 4.90 3.53
N SER E 297 -13.71 4.97 2.22
CA SER E 297 -12.67 5.21 1.24
C SER E 297 -13.02 6.39 0.35
N LEU E 298 -13.39 7.51 0.96
CA LEU E 298 -13.76 8.71 0.23
C LEU E 298 -12.84 9.86 0.64
N PRO E 299 -12.67 10.87 -0.23
CA PRO E 299 -11.91 12.05 0.19
C PRO E 299 -12.67 12.84 1.23
N LYS E 300 -11.91 13.57 2.06
CA LYS E 300 -12.48 14.29 3.19
C LYS E 300 -12.96 15.66 2.73
N VAL E 301 -14.06 15.63 1.98
CA VAL E 301 -14.59 16.86 1.41
C VAL E 301 -15.35 17.65 2.48
N SER E 302 -15.40 18.96 2.30
CA SER E 302 -16.03 19.82 3.29
C SER E 302 -17.55 19.79 3.18
N TYR E 303 -18.07 19.80 1.96
CA TYR E 303 -19.50 19.93 1.72
C TYR E 303 -20.22 18.60 2.02
N VAL E 304 -21.53 18.69 2.13
CA VAL E 304 -22.38 17.54 2.41
C VAL E 304 -22.83 16.94 1.09
N LYS E 305 -22.83 15.63 1.02
CA LYS E 305 -23.09 14.91 -0.23
C LYS E 305 -24.40 14.15 -0.14
N ALA E 306 -24.72 13.43 -1.22
CA ALA E 306 -26.03 12.78 -1.33
C ALA E 306 -26.18 11.61 -0.38
N ILE E 307 -25.11 10.85 -0.15
CA ILE E 307 -25.21 9.73 0.78
C ILE E 307 -25.17 10.20 2.22
N ASP E 308 -24.81 11.46 2.48
CA ASP E 308 -24.84 11.98 3.83
C ASP E 308 -26.24 12.44 4.24
N ILE E 309 -27.07 12.87 3.29
CA ILE E 309 -28.42 13.30 3.67
C ILE E 309 -29.37 12.12 3.55
N TRP E 310 -28.84 10.93 3.29
CA TRP E 310 -29.58 9.70 3.50
C TRP E 310 -29.23 9.05 4.82
N MET E 311 -27.95 9.03 5.18
CA MET E 311 -27.52 8.40 6.41
C MET E 311 -27.72 9.28 7.64
N ALA E 312 -28.18 10.51 7.46
CA ALA E 312 -28.51 11.38 8.58
C ALA E 312 -30.00 11.60 8.74
N VAL E 313 -30.79 11.38 7.69
CA VAL E 313 -32.24 11.39 7.85
C VAL E 313 -32.75 10.04 8.30
N CYS E 314 -32.20 8.95 7.76
CA CYS E 314 -32.51 7.63 8.31
C CYS E 314 -31.85 7.39 9.66
N LEU E 315 -30.88 8.21 10.06
CA LEU E 315 -30.47 8.24 11.45
C LEU E 315 -31.52 8.93 12.31
N LEU E 316 -32.25 9.88 11.74
CA LEU E 316 -33.26 10.60 12.51
C LEU E 316 -34.51 9.75 12.72
N PHE E 317 -34.86 8.89 11.77
CA PHE E 317 -36.01 8.01 11.95
C PHE E 317 -35.73 6.84 12.89
N VAL E 318 -34.46 6.52 13.14
CA VAL E 318 -34.15 5.47 14.12
C VAL E 318 -33.80 6.05 15.48
N PHE E 319 -33.51 7.35 15.55
CA PHE E 319 -33.32 8.04 16.82
C PHE E 319 -34.62 8.58 17.38
N SER E 320 -35.60 8.88 16.52
CA SER E 320 -36.90 9.31 16.99
C SER E 320 -37.74 8.16 17.49
N ALA E 321 -37.40 6.91 17.15
CA ALA E 321 -38.15 5.77 17.65
C ALA E 321 -37.85 5.51 19.13
N LEU E 322 -36.58 5.61 19.53
CA LEU E 322 -36.26 5.54 20.94
C LEU E 322 -36.70 6.79 21.68
N LEU E 323 -36.70 7.94 21.00
CA LEU E 323 -37.24 9.16 21.59
C LEU E 323 -38.76 9.10 21.70
N GLU E 324 -39.42 8.27 20.89
CA GLU E 324 -40.86 8.08 21.02
C GLU E 324 -41.22 7.25 22.23
N TYR E 325 -40.42 6.23 22.57
CA TYR E 325 -40.68 5.43 23.77
C TYR E 325 -40.45 6.25 25.03
N ALA E 326 -39.47 7.17 25.02
CA ALA E 326 -39.26 8.07 26.14
C ALA E 326 -40.43 9.01 26.34
N ALA E 327 -41.20 9.28 25.29
CA ALA E 327 -42.48 9.97 25.46
C ALA E 327 -43.55 9.04 26.01
N VAL E 328 -43.47 7.74 25.71
CA VAL E 328 -44.49 6.82 26.20
C VAL E 328 -44.26 6.48 27.66
N ASN E 329 -43.04 6.07 28.01
CA ASN E 329 -42.72 5.62 29.36
C ASN E 329 -42.65 6.77 30.36
N PHE E 330 -42.71 8.01 29.90
CA PHE E 330 -42.88 9.16 30.79
C PHE E 330 -44.33 9.57 30.95
N ILE E 331 -45.16 9.38 29.93
CA ILE E 331 -46.58 9.69 30.06
C ILE E 331 -47.31 8.55 30.76
N ALA E 332 -47.05 7.31 30.38
CA ALA E 332 -47.76 6.17 30.97
C ALA E 332 -47.32 5.85 32.38
N ARG E 333 -46.22 6.42 32.87
CA ARG E 333 -45.78 6.25 34.25
C ARG E 333 -46.21 7.42 35.12
N GLN E 334 -47.42 7.92 34.89
CA GLN E 334 -47.99 8.97 35.71
C GLN E 334 -49.26 8.47 36.39
N HIS E 335 -49.40 8.77 37.68
CA HIS E 335 -50.56 8.37 38.46
C HIS E 335 -50.75 9.30 39.64
N VAL E 396 -57.02 9.80 40.58
CA VAL E 396 -58.08 9.09 41.27
C VAL E 396 -58.61 7.96 40.38
N GLU E 397 -59.91 7.70 40.47
CA GLU E 397 -60.52 6.66 39.65
C GLU E 397 -60.63 7.12 38.19
N GLU E 398 -60.81 8.41 37.96
CA GLU E 398 -60.92 8.92 36.60
C GLU E 398 -59.56 9.05 35.93
N MET E 399 -58.52 9.38 36.69
CA MET E 399 -57.19 9.63 36.13
C MET E 399 -56.43 8.35 35.78
N ARG E 400 -57.03 7.17 35.91
CA ARG E 400 -56.35 5.94 35.53
C ARG E 400 -56.28 5.78 34.02
N LYS E 401 -57.43 5.74 33.36
CA LYS E 401 -57.49 5.47 31.94
C LYS E 401 -57.22 6.68 31.07
N LEU E 402 -57.13 7.88 31.65
CA LEU E 402 -56.89 9.08 30.86
C LEU E 402 -55.46 9.17 30.35
N PHE E 403 -54.52 8.45 30.98
CA PHE E 403 -53.16 8.40 30.49
C PHE E 403 -52.90 7.20 29.60
N ILE E 404 -53.62 6.11 29.80
CA ILE E 404 -53.58 5.00 28.85
C ILE E 404 -54.25 5.41 27.55
N SER E 405 -55.26 6.27 27.60
CA SER E 405 -55.81 6.88 26.40
C SER E 405 -54.85 7.85 25.75
N ARG E 406 -53.85 8.34 26.49
CA ARG E 406 -52.75 9.09 25.91
C ARG E 406 -51.51 8.23 25.67
N ALA E 407 -51.55 6.95 26.04
CA ALA E 407 -50.46 6.02 25.75
C ALA E 407 -50.85 4.96 24.73
N LYS E 408 -52.01 5.09 24.11
CA LYS E 408 -52.36 4.30 22.94
C LYS E 408 -52.56 5.16 21.70
N ARG E 409 -53.05 6.39 21.85
CA ARG E 409 -53.09 7.33 20.73
C ARG E 409 -51.68 7.68 20.27
N ILE E 410 -50.71 7.67 21.19
CA ILE E 410 -49.31 7.89 20.84
C ILE E 410 -48.69 6.67 20.19
N ASP E 411 -49.39 5.53 20.19
CA ASP E 411 -48.87 4.32 19.55
C ASP E 411 -49.69 3.87 18.36
N THR E 412 -50.82 4.51 18.07
CA THR E 412 -51.55 4.24 16.84
C THR E 412 -51.43 5.37 15.84
N VAL E 413 -50.83 6.48 16.23
CA VAL E 413 -50.49 7.55 15.30
C VAL E 413 -49.01 7.50 14.92
N SER E 414 -48.12 7.30 15.90
CA SER E 414 -46.69 7.19 15.63
C SER E 414 -46.32 5.87 14.97
N ARG E 415 -47.26 4.94 14.83
CA ARG E 415 -47.05 3.72 14.07
C ARG E 415 -47.46 3.86 12.61
N VAL E 416 -48.31 4.84 12.29
CA VAL E 416 -48.72 5.08 10.91
C VAL E 416 -48.10 6.37 10.35
N ALA E 417 -47.84 7.39 11.17
CA ALA E 417 -47.26 8.62 10.65
C ALA E 417 -45.79 8.45 10.26
N PHE E 418 -45.06 7.55 10.91
CA PHE E 418 -43.69 7.31 10.50
C PHE E 418 -43.56 6.62 9.13
N PRO E 419 -44.45 5.70 8.72
CA PRO E 419 -44.48 5.36 7.29
C PRO E 419 -45.17 6.37 6.39
N LEU E 420 -45.50 7.57 6.90
CA LEU E 420 -45.93 8.63 6.00
C LEU E 420 -44.85 9.68 5.83
N VAL E 421 -44.12 10.00 6.91
CA VAL E 421 -43.04 10.97 6.81
C VAL E 421 -41.84 10.36 6.10
N PHE E 422 -41.57 9.07 6.35
CA PHE E 422 -40.45 8.43 5.65
C PHE E 422 -40.77 8.17 4.20
N LEU E 423 -42.02 7.95 3.85
CA LEU E 423 -42.38 7.75 2.46
C LEU E 423 -42.49 9.06 1.69
N ILE E 424 -42.73 10.18 2.37
CA ILE E 424 -42.73 11.45 1.67
C ILE E 424 -41.31 12.04 1.59
N PHE E 425 -40.39 11.59 2.46
CA PHE E 425 -38.99 11.93 2.28
C PHE E 425 -38.40 11.14 1.12
N ASN E 426 -38.73 9.86 1.03
CA ASN E 426 -38.16 8.98 0.02
C ASN E 426 -38.63 9.32 -1.38
N ILE E 427 -39.73 10.04 -1.53
CA ILE E 427 -40.15 10.55 -2.83
C ILE E 427 -39.44 11.86 -3.17
N PHE E 428 -39.31 12.76 -2.19
CA PHE E 428 -38.63 14.03 -2.43
C PHE E 428 -37.13 13.86 -2.64
N TYR E 429 -36.56 12.78 -2.12
CA TYR E 429 -35.12 12.54 -2.27
C TYR E 429 -34.77 12.14 -3.70
N TRP E 430 -35.39 11.07 -4.21
CA TRP E 430 -35.00 10.53 -5.50
C TRP E 430 -35.46 11.37 -6.67
N ILE E 431 -36.47 12.21 -6.50
CA ILE E 431 -36.87 13.11 -7.58
C ILE E 431 -35.86 14.23 -7.72
N THR E 432 -35.27 14.67 -6.59
CA THR E 432 -34.27 15.73 -6.61
C THR E 432 -33.01 15.30 -7.36
N TYR E 433 -32.58 14.05 -7.16
CA TYR E 433 -31.34 13.58 -7.77
C TYR E 433 -31.60 12.94 -9.12
N LYS E 434 -32.87 12.82 -9.52
CA LYS E 434 -33.17 12.47 -10.90
C LYS E 434 -33.22 13.72 -11.78
N ILE E 435 -33.67 14.84 -11.23
CA ILE E 435 -33.65 16.10 -11.95
C ILE E 435 -32.22 16.61 -12.12
N ILE E 436 -31.46 16.63 -11.04
CA ILE E 436 -30.07 17.08 -11.09
C ILE E 436 -29.20 16.04 -11.79
C1 NAG F . 4.49 -17.24 -44.49
C2 NAG F . 5.18 -17.62 -45.79
C3 NAG F . 4.27 -17.30 -46.98
C4 NAG F . 2.89 -17.91 -46.81
C5 NAG F . 2.30 -17.55 -45.43
C6 NAG F . 1.02 -18.26 -45.12
C7 NAG F . 7.62 -17.49 -45.60
C8 NAG F . 8.83 -16.65 -45.81
N2 NAG F . 6.45 -16.94 -45.93
O3 NAG F . 4.87 -17.80 -48.17
O4 NAG F . 2.03 -17.39 -47.82
O5 NAG F . 3.23 -17.91 -44.40
O6 NAG F . 1.19 -19.67 -45.15
O7 NAG F . 7.69 -18.64 -45.15
C1 NAG F . 1.64 -18.41 -48.77
C2 NAG F . 0.42 -17.89 -49.53
C3 NAG F . -0.02 -18.91 -50.59
C4 NAG F . 1.15 -19.29 -51.49
C5 NAG F . 2.35 -19.73 -50.66
C6 NAG F . 3.59 -19.99 -51.48
C7 NAG F . -0.94 -16.36 -48.18
C8 NAG F . -2.11 -16.23 -47.25
N2 NAG F . -0.67 -17.59 -48.63
O3 NAG F . -1.08 -18.35 -51.35
O4 NAG F . 0.77 -20.37 -52.34
O5 NAG F . 2.69 -18.72 -49.70
O6 NAG F . 4.40 -18.83 -51.57
O7 NAG F . -0.27 -15.39 -48.52
C1 BMA F . 0.58 -19.92 -53.71
C2 BMA F . 1.16 -21.01 -54.65
C3 BMA F . 0.14 -21.43 -55.74
C4 BMA F . -0.77 -20.28 -56.31
C5 BMA F . -1.04 -19.16 -55.28
C6 BMA F . -2.45 -18.64 -55.33
O2 BMA F . 1.50 -22.17 -53.93
O3 BMA F . -0.67 -22.53 -55.30
O4 BMA F . -0.19 -19.74 -57.48
O5 BMA F . -0.79 -19.68 -53.97
O6 BMA F . -2.54 -17.48 -54.50
C1 NAG G . 34.28 -29.91 -14.94
C2 NAG G . 35.60 -30.34 -15.57
C3 NAG G . 35.40 -31.61 -16.38
C4 NAG G . 34.71 -32.70 -15.57
C5 NAG G . 33.44 -32.16 -14.92
C6 NAG G . 32.80 -33.12 -13.95
C7 NAG G . 37.12 -28.46 -15.94
C8 NAG G . 37.59 -27.43 -16.92
N2 NAG G . 36.18 -29.29 -16.38
O3 NAG G . 36.67 -32.07 -16.84
O4 NAG G . 34.35 -33.78 -16.43
O5 NAG G . 33.74 -30.97 -14.17
O6 NAG G . 33.68 -33.43 -12.88
O7 NAG G . 37.57 -28.52 -14.80
C1 NAG G . 35.13 -34.96 -16.16
C2 NAG G . 34.40 -36.15 -16.79
C3 NAG G . 35.20 -37.44 -16.57
C4 NAG G . 36.64 -37.28 -17.04
C5 NAG G . 37.27 -36.04 -16.42
C6 NAG G . 38.65 -35.74 -16.96
C7 NAG G . 31.98 -35.83 -16.89
C8 NAG G . 30.66 -36.04 -16.20
N2 NAG G . 33.06 -36.28 -16.25
O3 NAG G . 34.55 -38.50 -17.25
O4 NAG G . 37.40 -38.42 -16.68
O5 NAG G . 36.47 -34.88 -16.69
O6 NAG G . 38.59 -34.90 -18.10
O7 NAG G . 32.05 -35.26 -17.98
C1 BMA G . 37.70 -39.25 -17.83
C2 BMA G . 39.17 -39.74 -17.70
C3 BMA G . 39.28 -41.28 -17.88
C4 BMA G . 38.30 -41.92 -18.94
C5 BMA G . 36.98 -41.14 -19.09
C6 BMA G . 35.78 -42.04 -19.25
O2 BMA G . 39.69 -39.43 -16.43
O3 BMA G . 39.15 -41.96 -16.62
O4 BMA G . 38.96 -42.01 -20.20
O5 BMA G . 36.79 -40.33 -17.92
O6 BMA G . 34.66 -41.24 -19.58
C1 NAG H . 46.99 5.50 7.58
C2 NAG H . 48.44 5.90 7.28
C3 NAG H . 49.39 4.83 7.80
C4 NAG H . 49.13 4.51 9.27
C5 NAG H . 47.64 4.22 9.50
C6 NAG H . 47.28 4.07 10.96
C7 NAG H . 48.58 7.30 5.27
C8 NAG H . 48.79 7.32 3.79
N2 NAG H . 48.63 6.09 5.85
O3 NAG H . 50.73 5.28 7.63
O4 NAG H . 49.89 3.36 9.63
O5 NAG H . 46.84 5.29 8.98
O6 NAG H . 47.59 5.25 11.68
O7 NAG H . 48.36 8.32 5.91
C1 NAG H . 50.93 3.69 10.57
C2 NAG H . 51.41 2.38 11.20
C3 NAG H . 52.54 2.66 12.18
C4 NAG H . 53.66 3.45 11.51
C5 NAG H . 53.10 4.71 10.86
C6 NAG H . 54.13 5.47 10.06
C7 NAG H . 49.62 0.70 11.29
C8 NAG H . 48.53 0.10 12.11
N2 NAG H . 50.31 1.69 11.86
O3 NAG H . 53.04 1.41 12.67
O4 NAG H . 54.63 3.83 12.49
O5 NAG H . 52.05 4.36 9.95
O6 NAG H . 54.20 5.01 8.73
O7 NAG H . 49.87 0.30 10.15
C1 BMA H . 55.85 3.07 12.34
C2 BMA H . 57.05 4.02 12.57
C3 BMA H . 58.05 3.45 13.62
C4 BMA H . 58.26 1.89 13.57
C5 BMA H . 57.00 1.13 13.08
C6 BMA H . 56.75 -0.15 13.86
O2 BMA H . 56.62 5.26 13.07
O3 BMA H . 57.71 3.86 14.94
O4 BMA H . 59.36 1.58 12.73
O5 BMA H . 55.86 1.98 13.24
O6 BMA H . 55.69 -0.86 13.24
C1 NAG I . 24.93 40.11 -8.06
C2 NAG I . 25.87 41.07 -8.79
C3 NAG I . 26.84 41.71 -7.80
C4 NAG I . 26.11 42.33 -6.62
C5 NAG I . 25.14 41.32 -6.00
C6 NAG I . 24.26 41.92 -4.93
C7 NAG I . 26.20 40.37 -11.12
C8 NAG I . 27.07 39.61 -12.07
N2 NAG I . 26.59 40.39 -9.85
O3 NAG I . 27.60 42.71 -8.49
O4 NAG I . 27.08 42.70 -5.63
O5 NAG I . 24.26 40.80 -7.02
O6 NAG I . 23.56 43.05 -5.42
O7 NAG I . 25.17 40.93 -11.49
C1 NAG I . 27.17 44.13 -5.49
C2 NAG I . 27.92 44.41 -4.19
C3 NAG I . 28.07 45.92 -3.99
C4 NAG I . 28.70 46.58 -5.21
C5 NAG I . 27.94 46.18 -6.47
C6 NAG I . 28.59 46.67 -7.74
C7 NAG I . 27.60 42.63 -2.54
C8 NAG I . 26.80 42.15 -1.36
N2 NAG I . 27.25 43.81 -3.05
O3 NAG I . 28.87 46.15 -2.83
O4 NAG I . 28.66 47.99 -5.07
O5 NAG I . 27.84 44.75 -6.58
O6 NAG I . 29.62 45.78 -8.17
O7 NAG I . 28.52 41.95 -3.01
C1 BMA I . 29.98 48.53 -4.80
C2 BMA I . 30.15 49.83 -5.65
C3 BMA I . 30.60 51.03 -4.78
C4 BMA I . 31.61 50.69 -3.62
C5 BMA I . 31.45 49.25 -3.09
C6 BMA I . 31.61 49.16 -1.58
O2 BMA I . 28.92 50.20 -6.25
O3 BMA I . 29.48 51.75 -4.27
O4 BMA I . 32.94 50.89 -4.07
O5 BMA I . 30.14 48.79 -3.43
O6 BMA I . 31.56 47.79 -1.20
C1 NAG J . -1.27 25.98 -40.19
C2 NAG J . -0.84 26.46 -41.57
C3 NAG J . -0.97 27.98 -41.66
C4 NAG J . -2.37 28.44 -41.25
C5 NAG J . -2.75 27.83 -39.89
C6 NAG J . -4.19 28.10 -39.50
C7 NAG J . 0.84 24.99 -42.61
C8 NAG J . 2.30 24.73 -42.80
N2 NAG J . 0.53 26.07 -41.86
O3 NAG J . -0.70 28.39 -43.00
O4 NAG J . -2.39 29.86 -41.16
O5 NAG J . -2.60 26.40 -39.92
O6 NAG J . -5.09 27.63 -40.50
O7 NAG J . -0.03 24.26 -43.08
C1 NAG J . -3.20 30.46 -42.18
C2 NAG J . -3.53 31.88 -41.72
C3 NAG J . -4.38 32.60 -42.77
C4 NAG J . -3.70 32.53 -44.14
C5 NAG J . -3.35 31.09 -44.50
C6 NAG J . -2.56 30.97 -45.78
C7 NAG J . -3.59 32.08 -39.28
C8 NAG J . -4.45 32.04 -38.05
N2 NAG J . -4.22 31.87 -40.44
O3 NAG J . -4.58 33.94 -42.37
O4 NAG J . -4.58 33.06 -45.14
O5 NAG J . -2.56 30.51 -43.46
O6 NAG J . -1.16 31.00 -45.52
O7 NAG J . -2.38 32.31 -39.22
C1 BMA J . -4.13 34.35 -45.61
C2 BMA J . -4.31 34.39 -47.15
C3 BMA J . -5.13 35.64 -47.60
C4 BMA J . -4.83 36.96 -46.81
C5 BMA J . -4.42 36.70 -45.35
C6 BMA J . -4.99 37.71 -44.37
O2 BMA J . -5.03 33.26 -47.60
O3 BMA J . -6.53 35.37 -47.64
O4 BMA J . -3.85 37.72 -47.48
O5 BMA J . -4.85 35.39 -44.97
O6 BMA J . -4.35 37.54 -43.12
N ABU K . 16.54 -21.76 -18.35
CD ABU K . 15.80 -21.07 -19.39
CB ABU K . 16.65 -21.04 -20.65
CG ABU K . 16.00 -20.14 -21.69
C ABU K . 14.75 -20.82 -22.25
O ABU K . 13.62 -20.36 -21.98
OXT ABU K . 14.87 -21.84 -22.96
N ABU L . -1.09 -2.31 -32.83
CD ABU L . -0.86 -0.89 -32.65
CB ABU L . -0.16 -0.33 -33.88
CG ABU L . 0.30 1.10 -33.62
C ABU L . -0.87 2.05 -33.79
O ABU L . -1.40 2.56 -32.78
OXT ABU L . -1.32 2.32 -34.93
N ABU M . 32.18 -6.51 2.54
CD ABU M . 31.77 -7.39 1.47
CB ABU M . 32.97 -7.71 0.60
CG ABU M . 32.53 -8.48 -0.64
C ABU M . 32.45 -9.97 -0.31
O ABU M . 31.34 -10.50 -0.08
OXT ABU M . 33.50 -10.65 -0.27
N ABU N . 24.17 22.39 0.76
CD ABU N . 24.90 21.14 0.85
CB ABU N . 26.34 21.38 0.42
CG ABU N . 27.07 20.05 0.31
C ABU N . 27.63 19.66 1.67
O ABU N . 27.04 18.80 2.36
OXT ABU N . 28.69 20.19 2.09
N ABU O . 3.55 24.97 -21.10
CD ABU O . 4.67 25.23 -20.21
CB ABU O . 5.75 25.98 -20.96
CG ABU O . 7.04 26.02 -20.14
C ABU O . 6.98 27.18 -19.15
O ABU O . 6.62 26.96 -17.97
OXT ABU O . 7.29 28.33 -19.51
#